data_9LDK
#
_entry.id   9LDK
#
_cell.length_a   1.00
_cell.length_b   1.00
_cell.length_c   1.00
_cell.angle_alpha   90.00
_cell.angle_beta   90.00
_cell.angle_gamma   90.00
#
_symmetry.space_group_name_H-M   'P 1'
#
_entity_poly.entity_id   1
_entity_poly.type   'polypeptide(L)'
_entity_poly.pdbx_seq_one_letter_code
;MAVTNVAELNALVERVKKAQREYASFTQEQVDKIFRAAALAAADARIPLAKMAVAESGMGIVEDKVIKNHFASEYIYNAY
KDEKTCGVLSEDDTFGTITIAEPIGIICGIVPTTNPTSTAIFKSLISLKTRNAIIFSPHPRAKDATNKAADIVLQAAIAA
GAPKDLIGWIDQPSVELSNALMHHPDINLILATGGPGMVKAAYSSGKPAIGVGAGNTPVVIDETADIKRAVASVLMSKTF
DNGVICASEQSVVVVDSVYDAVRERFATHGGYLLQGKELKAVQDVILKNGALNAAIVGQPAYKIAELAGFSVPENTKILI
GEVTVVDESEPFAHEKLSPTLAMYRAKDFEDAVEKAEKLVAMGGIGHTSCLYTDQDNQPARVSYFGQKMKTARILINTPA
SQGGIGDLYNFKLAPSLTLGCGSWGGNSISENVGPKHLINKKTVAKRAENMLWHKLPKSIYFRRGSLPIALDEVITDGHK
RALIVTDRFLFNNGYADQITSVLKAAGVETEVFFEVEADPTLSIVRKGAELANSFKPDVIIALGGGSPMDAAKIMWVMYE
HPETHFEELALRFMDIRKRIYKFPKMGVKAKMIAVTTTSGTGSEVTPFAVVTDDATGQKYPLADYALTPDMAIVDANLVM
DMPKSLCAFGGLDAVTHAMEAYVSVLASEFSDGQALQALKLLKEYLPASYHEGSKNPVARERVHSAATIAGIAFANAFLG
VCHSMAHKLGSQFHIPHGLANALLICNVIRYNANDNPTKQTAFSQYDRPQARRRYAEIADHLGLSAPGDRTAAKIEKLLA
WLETLKAELGIPKSIREAGVQEADFLANVDKLSEDAFDDQCTGANPRYPLISELKQILLDTYYGRDYVEGETAAKKEAAP
AKAEKKAKKSA
;
_entity_poly.pdbx_strand_id   A,B,C,F
#
# COMPACT_ATOMS: atom_id res chain seq x y z
N MET A 1 21.44 -24.58 -37.17
CA MET A 1 22.77 -25.02 -37.59
C MET A 1 23.78 -24.83 -36.47
N ALA A 2 24.80 -25.69 -36.44
CA ALA A 2 25.83 -25.65 -35.43
C ALA A 2 26.81 -24.53 -35.73
N VAL A 3 27.43 -23.98 -34.67
CA VAL A 3 28.41 -22.92 -34.78
C VAL A 3 29.76 -23.46 -34.33
N THR A 4 30.78 -23.29 -35.16
CA THR A 4 32.11 -23.80 -34.89
C THR A 4 33.05 -22.73 -34.36
N ASN A 5 33.15 -21.59 -35.05
CA ASN A 5 34.07 -20.54 -34.64
C ASN A 5 33.38 -19.17 -34.65
N VAL A 6 34.18 -18.11 -34.47
CA VAL A 6 33.63 -16.77 -34.36
C VAL A 6 32.93 -16.34 -35.66
N ALA A 7 33.33 -16.93 -36.79
CA ALA A 7 32.76 -16.54 -38.08
C ALA A 7 31.26 -16.77 -38.12
N GLU A 8 30.78 -17.87 -37.52
CA GLU A 8 29.35 -18.13 -37.46
C GLU A 8 28.68 -17.55 -36.22
N LEU A 9 29.44 -17.25 -35.17
CA LEU A 9 28.86 -16.50 -34.06
C LEU A 9 28.49 -15.09 -34.47
N ASN A 10 29.34 -14.46 -35.28
CA ASN A 10 29.08 -13.13 -35.83
C ASN A 10 27.96 -13.10 -36.85
N ALA A 11 27.28 -14.23 -37.06
CA ALA A 11 26.02 -14.29 -37.79
C ALA A 11 24.88 -14.82 -36.95
N LEU A 12 25.17 -15.68 -35.97
CA LEU A 12 24.15 -16.12 -35.02
C LEU A 12 23.63 -14.95 -34.20
N VAL A 13 24.52 -14.05 -33.77
CA VAL A 13 24.08 -12.96 -32.92
C VAL A 13 23.17 -11.98 -33.66
N GLU A 14 23.30 -11.86 -34.98
CA GLU A 14 22.40 -10.97 -35.72
C GLU A 14 20.97 -11.50 -35.75
N ARG A 15 20.80 -12.81 -35.84
CA ARG A 15 19.46 -13.38 -35.79
C ARG A 15 18.79 -13.09 -34.46
N VAL A 16 19.54 -13.23 -33.37
CA VAL A 16 18.99 -12.93 -32.05
C VAL A 16 18.69 -11.45 -31.91
N LYS A 17 19.55 -10.59 -32.47
CA LYS A 17 19.27 -9.16 -32.50
C LYS A 17 17.95 -8.87 -33.21
N LYS A 18 17.76 -9.46 -34.40
CA LYS A 18 16.55 -9.18 -35.16
C LYS A 18 15.31 -9.72 -34.45
N ALA A 19 15.42 -10.89 -33.82
CA ALA A 19 14.29 -11.41 -33.05
C ALA A 19 13.99 -10.54 -31.84
N GLN A 20 15.01 -10.04 -31.15
CA GLN A 20 14.79 -9.18 -29.99
C GLN A 20 14.13 -7.87 -30.40
N ARG A 21 14.56 -7.30 -31.53
CA ARG A 21 13.97 -6.05 -32.00
C ARG A 21 12.48 -6.19 -32.24
N GLU A 22 12.05 -7.31 -32.83
CA GLU A 22 10.63 -7.53 -33.08
C GLU A 22 9.90 -7.91 -31.81
N TYR A 23 10.56 -8.64 -30.90
CA TYR A 23 9.91 -9.10 -29.68
C TYR A 23 9.68 -7.97 -28.67
N ALA A 24 10.45 -6.88 -28.78
CA ALA A 24 10.31 -5.77 -27.85
C ALA A 24 8.98 -5.03 -27.98
N SER A 25 8.26 -5.23 -29.08
CA SER A 25 6.99 -4.56 -29.30
C SER A 25 5.81 -5.31 -28.69
N PHE A 26 6.02 -6.51 -28.17
CA PHE A 26 4.94 -7.28 -27.58
C PHE A 26 4.44 -6.61 -26.31
N THR A 27 3.16 -6.78 -26.03
CA THR A 27 2.52 -6.18 -24.87
C THR A 27 2.40 -7.20 -23.74
N GLN A 28 1.89 -6.74 -22.60
CA GLN A 28 1.79 -7.60 -21.43
C GLN A 28 0.84 -8.77 -21.63
N GLU A 29 -0.12 -8.63 -22.55
CA GLU A 29 -1.16 -9.64 -22.71
C GLU A 29 -0.58 -10.97 -23.17
N GLN A 30 0.20 -10.97 -24.25
CA GLN A 30 0.76 -12.20 -24.79
C GLN A 30 2.19 -12.45 -24.32
N VAL A 31 2.75 -11.57 -23.50
CA VAL A 31 4.01 -11.88 -22.83
C VAL A 31 3.80 -12.86 -21.68
N ASP A 32 2.70 -12.74 -20.94
CA ASP A 32 2.39 -13.69 -19.88
C ASP A 32 1.99 -15.04 -20.44
N LYS A 33 1.36 -15.06 -21.62
CA LYS A 33 1.02 -16.33 -22.26
C LYS A 33 2.28 -17.12 -22.61
N ILE A 34 3.29 -16.43 -23.15
CA ILE A 34 4.57 -17.08 -23.42
C ILE A 34 5.23 -17.51 -22.11
N PHE A 35 5.08 -16.70 -21.07
CA PHE A 35 5.60 -17.06 -19.76
C PHE A 35 4.97 -18.34 -19.23
N ARG A 36 3.66 -18.50 -19.44
CA ARG A 36 2.97 -19.71 -18.97
C ARG A 36 3.50 -20.95 -19.66
N ALA A 37 3.54 -20.95 -21.00
CA ALA A 37 3.95 -22.12 -21.75
C ALA A 37 5.41 -22.49 -21.51
N ALA A 38 6.28 -21.51 -21.27
CA ALA A 38 7.68 -21.81 -20.98
C ALA A 38 7.88 -22.44 -19.62
N ALA A 39 7.13 -21.98 -18.60
CA ALA A 39 7.26 -22.54 -17.26
C ALA A 39 6.75 -23.99 -17.21
N LEU A 40 5.68 -24.29 -17.93
CA LEU A 40 5.14 -25.65 -17.92
C LEU A 40 6.14 -26.64 -18.50
N ALA A 41 6.70 -26.33 -19.68
CA ALA A 41 7.64 -27.25 -20.31
C ALA A 41 8.91 -27.43 -19.48
N ALA A 42 9.30 -26.42 -18.69
CA ALA A 42 10.44 -26.59 -17.80
C ALA A 42 10.12 -27.56 -16.66
N ALA A 43 8.92 -27.46 -16.09
CA ALA A 43 8.54 -28.36 -15.02
C ALA A 43 8.22 -29.75 -15.54
N ASP A 44 7.52 -29.85 -16.67
CA ASP A 44 7.14 -31.13 -17.22
C ASP A 44 8.33 -31.90 -17.81
N ALA A 45 9.48 -31.25 -17.95
CA ALA A 45 10.65 -31.92 -18.51
C ALA A 45 11.77 -31.98 -17.50
N ARG A 46 11.44 -32.28 -16.24
CA ARG A 46 12.49 -32.23 -15.18
C ARG A 46 13.24 -33.56 -15.10
N ILE A 47 12.54 -34.69 -15.07
CA ILE A 47 13.20 -36.01 -14.89
C ILE A 47 14.06 -36.35 -16.11
N PRO A 48 13.53 -36.40 -17.36
CA PRO A 48 14.35 -36.81 -18.50
C PRO A 48 15.65 -36.04 -18.55
N LEU A 49 15.56 -34.72 -18.41
CA LEU A 49 16.77 -33.87 -18.52
C LEU A 49 17.78 -34.17 -17.41
N ALA A 50 17.30 -34.50 -16.21
CA ALA A 50 18.19 -34.75 -15.08
C ALA A 50 18.92 -36.07 -15.24
N LYS A 51 18.29 -37.05 -15.87
CA LYS A 51 18.97 -38.31 -16.15
C LYS A 51 20.15 -38.11 -17.10
N MET A 52 19.96 -37.28 -18.13
CA MET A 52 21.02 -37.02 -19.10
C MET A 52 21.89 -35.84 -18.72
N ALA A 53 21.65 -35.22 -17.57
CA ALA A 53 22.54 -34.19 -17.05
C ALA A 53 23.68 -34.77 -16.23
N VAL A 54 23.67 -36.08 -15.97
CA VAL A 54 24.75 -36.73 -15.24
C VAL A 54 25.45 -37.81 -16.05
N ALA A 55 24.88 -38.20 -17.20
CA ALA A 55 25.51 -39.24 -18.01
C ALA A 55 26.88 -38.79 -18.52
N GLU A 56 26.97 -37.55 -19.00
CA GLU A 56 28.22 -37.01 -19.51
C GLU A 56 28.95 -36.13 -18.50
N SER A 57 28.22 -35.50 -17.57
CA SER A 57 28.88 -34.72 -16.54
C SER A 57 29.70 -35.60 -15.62
N GLY A 58 29.15 -36.76 -15.23
CA GLY A 58 29.85 -37.67 -14.35
C GLY A 58 29.87 -37.29 -12.90
N MET A 59 29.17 -36.24 -12.51
CA MET A 59 29.16 -35.75 -11.14
C MET A 59 27.72 -35.50 -10.69
N GLY A 60 27.49 -35.65 -9.39
CA GLY A 60 26.16 -35.52 -8.83
C GLY A 60 25.34 -36.78 -9.07
N ILE A 61 24.13 -36.76 -8.52
CA ILE A 61 23.19 -37.86 -8.70
C ILE A 61 21.85 -37.34 -9.20
N VAL A 62 21.12 -38.21 -9.89
CA VAL A 62 19.88 -37.81 -10.54
C VAL A 62 18.78 -37.47 -9.55
N GLU A 63 18.79 -38.10 -8.37
CA GLU A 63 17.67 -37.98 -7.45
C GLU A 63 17.46 -36.54 -6.98
N ASP A 64 18.54 -35.86 -6.62
CA ASP A 64 18.43 -34.52 -6.06
C ASP A 64 18.26 -33.44 -7.12
N LYS A 65 18.69 -33.69 -8.35
CA LYS A 65 18.50 -32.74 -9.43
C LYS A 65 17.05 -32.63 -9.88
N VAL A 66 16.23 -33.64 -9.60
CA VAL A 66 14.81 -33.57 -9.95
C VAL A 66 14.12 -32.48 -9.14
N ILE A 67 14.34 -32.47 -7.82
CA ILE A 67 13.74 -31.43 -6.98
C ILE A 67 14.34 -30.07 -7.31
N LYS A 68 15.65 -30.01 -7.55
CA LYS A 68 16.29 -28.74 -7.85
C LYS A 68 15.75 -28.14 -9.15
N ASN A 69 15.60 -28.96 -10.19
CA ASN A 69 15.00 -28.48 -11.44
C ASN A 69 13.54 -28.10 -11.23
N HIS A 70 12.80 -28.92 -10.47
CA HIS A 70 11.38 -28.67 -10.27
C HIS A 70 11.14 -27.43 -9.43
N PHE A 71 11.92 -27.24 -8.36
CA PHE A 71 11.74 -26.09 -7.51
C PHE A 71 12.07 -24.79 -8.23
N ALA A 72 13.13 -24.78 -9.02
CA ALA A 72 13.54 -23.59 -9.75
C ALA A 72 12.61 -23.24 -10.89
N SER A 73 11.98 -24.23 -11.52
CA SER A 73 11.07 -23.99 -12.63
C SER A 73 9.72 -23.44 -12.20
N GLU A 74 9.27 -23.76 -10.97
CA GLU A 74 7.99 -23.30 -10.49
C GLU A 74 8.08 -22.09 -9.58
N TYR A 75 9.24 -21.84 -8.96
CA TYR A 75 9.38 -20.65 -8.13
C TYR A 75 9.35 -19.37 -8.97
N ILE A 76 9.88 -19.44 -10.20
CA ILE A 76 9.87 -18.25 -11.05
C ILE A 76 8.43 -17.90 -11.45
N TYR A 77 7.66 -18.88 -11.90
CA TYR A 77 6.22 -18.69 -12.06
C TYR A 77 5.50 -18.89 -10.73
N ASN A 78 5.97 -18.20 -9.70
CA ASN A 78 5.31 -18.22 -8.40
C ASN A 78 5.29 -16.87 -7.71
N ALA A 79 6.23 -15.97 -8.03
CA ALA A 79 6.24 -14.61 -7.52
C ALA A 79 6.36 -13.55 -8.59
N TYR A 80 6.89 -13.89 -9.77
CA TYR A 80 6.98 -12.97 -10.90
C TYR A 80 5.87 -13.23 -11.91
N LYS A 81 4.81 -13.93 -11.48
CA LYS A 81 3.73 -14.31 -12.38
C LYS A 81 3.02 -13.09 -12.95
N ASP A 82 2.61 -12.16 -12.09
CA ASP A 82 1.81 -11.00 -12.49
C ASP A 82 2.43 -9.75 -11.88
N GLU A 83 3.39 -9.16 -12.58
CA GLU A 83 3.90 -7.83 -12.24
C GLU A 83 4.18 -7.10 -13.55
N LYS A 84 3.81 -5.82 -13.59
CA LYS A 84 3.91 -5.06 -14.82
C LYS A 84 5.37 -4.83 -15.21
N THR A 85 5.83 -5.55 -16.23
CA THR A 85 7.16 -5.36 -16.79
C THR A 85 7.11 -4.89 -18.24
N CYS A 86 5.92 -4.57 -18.75
CA CYS A 86 5.77 -4.11 -20.12
C CYS A 86 4.76 -2.97 -20.16
N GLY A 87 4.94 -2.09 -21.12
CA GLY A 87 4.00 -0.98 -21.28
C GLY A 87 4.06 -0.03 -20.09
N VAL A 88 2.90 0.51 -19.74
CA VAL A 88 2.80 1.50 -18.66
C VAL A 88 2.87 0.77 -17.32
N LEU A 89 3.72 1.26 -16.43
CA LEU A 89 3.88 0.69 -15.09
C LEU A 89 3.01 1.39 -14.07
N SER A 90 3.08 2.73 -14.02
CA SER A 90 2.31 3.52 -13.07
C SER A 90 1.87 4.81 -13.73
N GLU A 91 1.15 5.64 -12.96
CA GLU A 91 0.60 6.89 -13.47
C GLU A 91 0.49 7.83 -12.29
N ASP A 92 1.16 8.97 -12.38
CA ASP A 92 1.06 10.03 -11.38
C ASP A 92 0.41 11.24 -12.04
N ASP A 93 -0.66 11.73 -11.44
CA ASP A 93 -1.40 12.84 -12.03
C ASP A 93 -0.55 14.11 -12.07
N THR A 94 0.17 14.40 -10.98
CA THR A 94 0.99 15.60 -10.81
C THR A 94 0.35 16.85 -11.41
N GLY A 96 0.30 14.69 -15.32
CA GLY A 96 0.56 13.60 -16.25
C GLY A 96 1.99 13.10 -16.20
N THR A 97 2.21 12.04 -15.42
CA THR A 97 3.52 11.42 -15.28
C THR A 97 3.37 9.93 -15.57
N ILE A 98 3.94 9.47 -16.67
CA ILE A 98 3.86 8.08 -17.09
C ILE A 98 5.21 7.44 -16.89
N THR A 99 5.22 6.18 -16.45
CA THR A 99 6.46 5.50 -16.09
C THR A 99 6.63 4.20 -16.88
N ILE A 100 6.51 4.27 -18.21
CA ILE A 100 6.73 3.10 -19.03
C ILE A 100 8.14 2.53 -18.83
N ALA A 101 8.29 1.26 -19.14
CA ALA A 101 9.56 0.55 -18.98
C ALA A 101 9.95 -0.12 -20.28
N GLU A 102 11.26 -0.29 -20.46
CA GLU A 102 11.81 -0.87 -21.68
C GLU A 102 12.85 -1.92 -21.30
N PRO A 103 13.06 -2.92 -22.16
CA PRO A 103 14.05 -3.96 -21.87
C PRO A 103 15.47 -3.46 -22.13
N ILE A 104 16.43 -4.36 -21.96
CA ILE A 104 17.83 -4.01 -22.12
C ILE A 104 18.36 -4.50 -23.47
N GLY A 105 18.16 -5.77 -23.76
CA GLY A 105 18.57 -6.31 -25.04
C GLY A 105 19.20 -7.69 -24.87
N ILE A 106 20.10 -8.03 -25.80
CA ILE A 106 20.77 -9.32 -25.77
C ILE A 106 21.55 -9.47 -24.47
N ILE A 107 21.46 -10.65 -23.86
CA ILE A 107 22.06 -10.91 -22.57
C ILE A 107 23.00 -12.10 -22.69
N CYS A 108 24.20 -11.95 -22.16
CA CYS A 108 25.12 -13.08 -22.08
C CYS A 108 24.89 -13.86 -20.79
N GLY A 109 25.21 -15.14 -20.84
CA GLY A 109 25.03 -15.99 -19.68
C GLY A 109 25.95 -17.19 -19.66
N ILE A 110 26.62 -17.41 -18.54
CA ILE A 110 27.56 -18.52 -18.39
C ILE A 110 26.94 -19.52 -17.42
N VAL A 111 26.80 -20.76 -17.89
CA VAL A 111 26.22 -21.84 -17.11
C VAL A 111 27.34 -22.77 -16.67
N PRO A 112 27.54 -22.97 -15.37
CA PRO A 112 28.64 -23.82 -14.91
C PRO A 112 28.30 -25.30 -15.02
N THR A 113 29.33 -26.13 -14.93
CA THR A 113 29.13 -27.56 -14.90
C THR A 113 28.43 -28.04 -13.63
N THR A 114 28.39 -27.20 -12.59
CA THR A 114 27.75 -27.60 -11.35
C THR A 114 26.24 -27.76 -11.53
N ASN A 115 25.59 -26.76 -12.11
CA ASN A 115 24.14 -26.79 -12.35
C ASN A 115 23.89 -26.46 -13.82
N PRO A 116 24.17 -27.41 -14.72
CA PRO A 116 24.04 -27.11 -16.15
C PRO A 116 22.63 -26.79 -16.60
N THR A 117 21.62 -27.19 -15.83
CA THR A 117 20.24 -27.02 -16.25
C THR A 117 19.35 -26.28 -15.25
N SER A 118 19.66 -26.34 -13.95
CA SER A 118 18.83 -25.64 -12.98
C SER A 118 18.88 -24.13 -13.20
N THR A 119 20.07 -23.59 -13.44
CA THR A 119 20.22 -22.16 -13.69
C THR A 119 20.04 -21.80 -15.16
N ALA A 120 20.09 -22.77 -16.07
CA ALA A 120 19.83 -22.49 -17.47
C ALA A 120 18.37 -22.16 -17.72
N ILE A 121 17.45 -22.84 -17.04
CA ILE A 121 16.04 -22.57 -17.22
C ILE A 121 15.58 -21.38 -16.38
N PHE A 122 16.29 -21.05 -15.29
CA PHE A 122 15.94 -19.87 -14.52
C PHE A 122 16.24 -18.60 -15.30
N LYS A 123 17.44 -18.51 -15.88
CA LYS A 123 17.77 -17.33 -16.67
C LYS A 123 16.87 -17.21 -17.89
N SER A 124 16.63 -18.32 -18.58
CA SER A 124 15.79 -18.31 -19.78
C SER A 124 14.37 -17.89 -19.48
N LEU A 125 13.90 -18.02 -18.24
CA LEU A 125 12.50 -17.80 -17.91
C LEU A 125 12.23 -16.38 -17.44
N ILE A 126 13.25 -15.61 -17.06
CA ILE A 126 13.05 -14.21 -16.69
C ILE A 126 13.33 -13.26 -17.84
N SER A 127 14.11 -13.67 -18.84
CA SER A 127 14.37 -12.79 -19.98
C SER A 127 13.13 -12.62 -20.83
N LEU A 128 12.48 -13.72 -21.20
CA LEU A 128 11.27 -13.61 -22.01
C LEU A 128 10.11 -12.98 -21.24
N LYS A 129 10.22 -12.88 -19.92
CA LYS A 129 9.27 -12.10 -19.13
C LYS A 129 9.50 -10.60 -19.27
N THR A 130 10.76 -10.18 -19.43
CA THR A 130 11.12 -8.78 -19.56
C THR A 130 11.44 -8.37 -20.99
N ARG A 131 11.17 -9.24 -21.97
CA ARG A 131 11.31 -8.96 -23.39
C ARG A 131 12.77 -8.71 -23.78
N ASN A 132 13.62 -9.65 -23.40
CA ASN A 132 15.00 -9.65 -23.87
C ASN A 132 15.44 -11.09 -24.14
N ALA A 133 16.59 -11.24 -24.78
CA ALA A 133 17.08 -12.53 -25.24
C ALA A 133 18.41 -12.86 -24.60
N ILE A 134 18.75 -14.15 -24.60
CA ILE A 134 19.97 -14.64 -23.97
C ILE A 134 20.74 -15.51 -24.96
N ILE A 135 22.06 -15.53 -24.81
CA ILE A 135 22.93 -16.50 -25.46
C ILE A 135 23.68 -17.24 -24.36
N PHE A 136 23.64 -18.57 -24.39
CA PHE A 136 24.25 -19.38 -23.35
C PHE A 136 25.57 -19.96 -23.83
N SER A 137 26.54 -20.01 -22.91
CA SER A 137 27.87 -20.55 -23.19
C SER A 137 28.23 -21.54 -22.10
N PRO A 138 27.76 -22.77 -22.20
CA PRO A 138 28.01 -23.76 -21.14
C PRO A 138 29.43 -24.29 -21.19
N HIS A 139 29.78 -25.02 -20.12
CA HIS A 139 31.05 -25.72 -20.05
C HIS A 139 31.08 -26.85 -21.07
N PRO A 140 32.25 -27.16 -21.63
CA PRO A 140 32.34 -28.30 -22.55
C PRO A 140 31.98 -29.63 -21.91
N ARG A 141 32.10 -29.74 -20.59
CA ARG A 141 31.72 -30.99 -19.92
C ARG A 141 30.21 -31.19 -19.89
N ALA A 142 29.44 -30.11 -19.73
CA ALA A 142 27.99 -30.18 -19.60
C ALA A 142 27.30 -29.31 -20.64
N LYS A 143 27.85 -29.26 -21.85
CA LYS A 143 27.27 -28.43 -22.90
C LYS A 143 25.94 -28.98 -23.39
N ASP A 144 25.86 -30.29 -23.64
CA ASP A 144 24.66 -30.88 -24.21
C ASP A 144 23.46 -30.82 -23.29
N ALA A 145 23.66 -30.79 -21.97
CA ALA A 145 22.55 -30.70 -21.04
C ALA A 145 21.95 -29.29 -21.00
N THR A 146 22.80 -28.26 -21.01
CA THR A 146 22.31 -26.89 -21.00
C THR A 146 21.59 -26.55 -22.31
N ASN A 147 22.14 -26.99 -23.44
CA ASN A 147 21.53 -26.69 -24.73
C ASN A 147 20.14 -27.30 -24.85
N LYS A 148 19.98 -28.54 -24.38
CA LYS A 148 18.66 -29.17 -24.40
C LYS A 148 17.67 -28.41 -23.52
N ALA A 149 18.12 -27.99 -22.34
CA ALA A 149 17.24 -27.24 -21.44
C ALA A 149 16.81 -25.92 -22.07
N ALA A 150 17.73 -25.21 -22.71
CA ALA A 150 17.38 -23.98 -23.39
C ALA A 150 16.45 -24.23 -24.58
N ASP A 151 16.70 -25.29 -25.35
CA ASP A 151 15.88 -25.58 -26.51
C ASP A 151 14.47 -25.97 -26.12
N ILE A 152 14.29 -26.65 -24.99
CA ILE A 152 12.95 -27.01 -24.55
C ILE A 152 12.12 -25.75 -24.30
N VAL A 153 12.71 -24.79 -23.57
CA VAL A 153 12.01 -23.53 -23.30
C VAL A 153 11.77 -22.76 -24.59
N LEU A 154 12.75 -22.79 -25.51
CA LEU A 154 12.58 -22.13 -26.80
C LEU A 154 11.36 -22.68 -27.53
N GLN A 155 11.36 -23.99 -27.79
CA GLN A 155 10.25 -24.61 -28.51
C GLN A 155 8.92 -24.44 -27.80
N ALA A 156 8.93 -24.41 -26.45
CA ALA A 156 7.71 -24.09 -25.73
C ALA A 156 7.24 -22.67 -26.03
N ALA A 157 8.16 -21.72 -26.08
CA ALA A 157 7.81 -20.34 -26.39
C ALA A 157 7.51 -20.13 -27.86
N ILE A 158 8.08 -20.94 -28.76
CA ILE A 158 7.82 -20.78 -30.19
C ILE A 158 6.34 -20.97 -30.48
N ALA A 159 5.75 -22.03 -29.93
CA ALA A 159 4.31 -22.25 -30.11
C ALA A 159 3.51 -21.50 -29.05
N ALA A 160 3.84 -20.23 -28.87
CA ALA A 160 3.07 -19.34 -28.03
C ALA A 160 3.03 -17.91 -28.56
N GLY A 161 3.63 -17.63 -29.72
CA GLY A 161 3.69 -16.30 -30.26
C GLY A 161 5.05 -15.64 -30.25
N ALA A 162 6.12 -16.38 -29.94
CA ALA A 162 7.44 -15.77 -29.88
C ALA A 162 8.16 -15.91 -31.21
N PRO A 163 9.09 -15.01 -31.52
CA PRO A 163 9.86 -15.12 -32.76
C PRO A 163 10.77 -16.32 -32.75
N LYS A 164 11.25 -16.67 -33.95
CA LYS A 164 11.93 -17.95 -34.15
C LYS A 164 13.23 -18.03 -33.36
N ASP A 165 14.20 -17.18 -33.69
CA ASP A 165 15.56 -17.29 -33.15
C ASP A 165 15.70 -16.34 -31.97
N LEU A 166 15.10 -16.71 -30.83
CA LEU A 166 15.11 -15.86 -29.65
C LEU A 166 16.14 -16.28 -28.60
N ILE A 167 16.59 -17.53 -28.62
CA ILE A 167 17.59 -18.02 -27.68
C ILE A 167 18.65 -18.79 -28.45
N GLY A 168 19.92 -18.56 -28.11
CA GLY A 168 21.01 -19.19 -28.82
C GLY A 168 22.00 -19.81 -27.86
N TRP A 169 22.89 -20.61 -28.44
CA TRP A 169 23.93 -21.30 -27.67
C TRP A 169 25.04 -21.72 -28.63
N ILE A 170 26.21 -22.01 -28.06
CA ILE A 170 27.34 -22.46 -28.87
C ILE A 170 27.57 -23.96 -28.64
N ASP A 171 27.94 -24.65 -29.71
CA ASP A 171 28.37 -26.04 -29.65
C ASP A 171 29.89 -26.08 -29.66
N GLN A 172 30.44 -27.18 -29.12
CA GLN A 172 31.88 -27.39 -28.89
C GLN A 172 32.60 -26.08 -28.57
N PRO A 173 32.22 -25.42 -27.48
CA PRO A 173 32.74 -24.08 -27.19
C PRO A 173 34.21 -24.15 -26.77
N SER A 174 34.82 -22.97 -26.70
CA SER A 174 36.22 -22.84 -26.35
C SER A 174 36.43 -21.52 -25.63
N VAL A 175 37.59 -21.39 -24.97
CA VAL A 175 37.89 -20.18 -24.23
C VAL A 175 37.99 -18.98 -25.17
N GLU A 176 38.60 -19.17 -26.34
CA GLU A 176 38.74 -18.05 -27.27
C GLU A 176 37.41 -17.67 -27.88
N LEU A 177 36.52 -18.64 -28.07
CA LEU A 177 35.20 -18.32 -28.63
C LEU A 177 34.35 -17.55 -27.63
N SER A 178 34.39 -17.96 -26.36
CA SER A 178 33.59 -17.26 -25.34
C SER A 178 34.10 -15.84 -25.12
N ASN A 179 35.40 -15.61 -25.29
CA ASN A 179 35.93 -14.25 -25.15
C ASN A 179 35.34 -13.32 -26.19
N ALA A 180 35.23 -13.80 -27.44
CA ALA A 180 34.63 -12.99 -28.49
C ALA A 180 33.17 -12.68 -28.24
N LEU A 181 32.46 -13.53 -27.49
CA LEU A 181 31.08 -13.28 -27.13
C LEU A 181 30.93 -12.17 -26.10
N MET A 182 31.87 -12.06 -25.17
CA MET A 182 31.83 -11.02 -24.15
C MET A 182 32.23 -9.65 -24.68
N HIS A 183 33.17 -9.60 -25.62
CA HIS A 183 33.62 -8.34 -26.21
C HIS A 183 32.74 -7.89 -27.37
N HIS A 184 31.73 -8.66 -27.74
CA HIS A 184 30.84 -8.26 -28.81
C HIS A 184 30.12 -6.97 -28.43
N PRO A 185 30.09 -5.97 -29.30
CA PRO A 185 29.44 -4.69 -28.96
C PRO A 185 27.92 -4.71 -29.02
N ASP A 186 27.32 -5.87 -29.22
CA ASP A 186 25.86 -5.99 -29.31
C ASP A 186 25.25 -6.65 -28.08
N ILE A 187 26.06 -7.01 -27.09
CA ILE A 187 25.59 -7.61 -25.85
C ILE A 187 25.86 -6.63 -24.72
N ASN A 188 24.83 -6.34 -23.94
CA ASN A 188 24.91 -5.32 -22.90
C ASN A 188 24.52 -5.83 -21.52
N LEU A 189 24.67 -7.12 -21.26
CA LEU A 189 24.50 -7.69 -19.92
C LEU A 189 25.16 -9.05 -19.87
N ILE A 190 25.77 -9.36 -18.73
CA ILE A 190 26.39 -10.67 -18.51
C ILE A 190 25.92 -11.21 -17.17
N LEU A 191 25.38 -12.42 -17.17
CA LEU A 191 24.99 -13.13 -15.96
C LEU A 191 25.99 -14.25 -15.75
N ALA A 192 26.95 -14.04 -14.87
CA ALA A 192 28.02 -15.00 -14.64
C ALA A 192 27.75 -15.80 -13.37
N THR A 193 27.95 -17.11 -13.44
CA THR A 193 27.77 -18.01 -12.32
C THR A 193 28.95 -18.98 -12.27
N GLY A 194 29.19 -19.52 -11.09
CA GLY A 194 30.26 -20.47 -10.86
C GLY A 194 31.31 -19.96 -9.90
N GLY A 195 32.42 -20.68 -9.85
CA GLY A 195 33.52 -20.32 -8.99
C GLY A 195 34.30 -19.15 -9.54
N PRO A 196 35.17 -18.59 -8.69
CA PRO A 196 36.01 -17.45 -9.08
C PRO A 196 37.04 -17.79 -10.16
N GLY A 197 36.58 -18.42 -11.24
CA GLY A 197 37.45 -18.74 -12.35
C GLY A 197 37.22 -17.85 -13.56
N MET A 198 35.96 -17.59 -13.87
CA MET A 198 35.59 -16.73 -14.98
C MET A 198 34.78 -15.51 -14.57
N VAL A 199 34.19 -15.50 -13.39
CA VAL A 199 33.46 -14.32 -12.94
C VAL A 199 34.39 -13.15 -12.74
N LYS A 200 35.66 -13.41 -12.40
CA LYS A 200 36.64 -12.34 -12.30
C LYS A 200 36.85 -11.67 -13.65
N ALA A 201 36.95 -12.46 -14.72
CA ALA A 201 37.05 -11.91 -16.07
C ALA A 201 35.77 -11.24 -16.52
N ALA A 202 34.62 -11.68 -16.01
CA ALA A 202 33.35 -11.04 -16.36
C ALA A 202 33.31 -9.60 -15.87
N TYR A 203 33.77 -9.35 -14.65
CA TYR A 203 33.79 -7.99 -14.13
C TYR A 203 34.75 -7.11 -14.93
N SER A 204 35.93 -7.64 -15.27
CA SER A 204 36.91 -6.89 -16.05
C SER A 204 36.65 -7.11 -17.54
N SER A 205 35.51 -6.59 -17.99
CA SER A 205 35.13 -6.71 -19.38
C SER A 205 34.58 -5.43 -19.98
N GLY A 206 34.48 -4.35 -19.21
CA GLY A 206 33.98 -3.10 -19.74
C GLY A 206 32.50 -3.09 -20.05
N LYS A 207 31.73 -4.00 -19.46
CA LYS A 207 30.30 -4.09 -19.69
C LYS A 207 29.60 -4.32 -18.36
N PRO A 208 28.34 -3.90 -18.25
CA PRO A 208 27.58 -4.18 -17.01
C PRO A 208 27.38 -5.68 -16.84
N ALA A 209 27.67 -6.16 -15.65
CA ALA A 209 27.59 -7.58 -15.37
C ALA A 209 27.31 -7.81 -13.89
N ILE A 210 26.54 -8.85 -13.60
CA ILE A 210 26.26 -9.28 -12.24
C ILE A 210 26.62 -10.75 -12.12
N GLY A 211 27.10 -11.13 -10.94
CA GLY A 211 27.56 -12.49 -10.73
C GLY A 211 26.88 -13.20 -9.59
N VAL A 212 26.30 -14.36 -9.87
CA VAL A 212 25.68 -15.19 -8.84
C VAL A 212 26.80 -16.07 -8.29
N GLY A 213 27.56 -15.52 -7.34
CA GLY A 213 28.68 -16.22 -6.76
C GLY A 213 28.28 -17.05 -5.55
N ALA A 214 29.30 -17.65 -4.93
CA ALA A 214 29.11 -18.48 -3.75
C ALA A 214 30.29 -18.28 -2.83
N GLY A 215 30.04 -17.78 -1.63
CA GLY A 215 31.05 -17.63 -0.60
C GLY A 215 30.99 -18.81 0.35
N ASN A 216 32.12 -19.13 0.98
CA ASN A 216 32.14 -20.23 1.93
C ASN A 216 31.33 -19.85 3.18
N THR A 217 30.15 -20.43 3.31
CA THR A 217 29.23 -20.07 4.37
C THR A 217 29.57 -20.85 5.64
N PRO A 218 29.87 -20.17 6.74
CA PRO A 218 30.14 -20.86 8.00
C PRO A 218 28.89 -21.08 8.83
N VAL A 219 28.91 -22.16 9.60
CA VAL A 219 27.85 -22.50 10.54
C VAL A 219 28.44 -22.50 11.94
N VAL A 220 27.80 -21.76 12.84
CA VAL A 220 28.29 -21.60 14.22
C VAL A 220 27.38 -22.40 15.14
N ILE A 221 27.96 -23.35 15.87
CA ILE A 221 27.25 -24.14 16.86
C ILE A 221 27.92 -23.90 18.20
N ASP A 222 27.15 -23.43 19.17
CA ASP A 222 27.67 -23.16 20.50
C ASP A 222 27.23 -24.27 21.46
N GLU A 223 27.52 -24.08 22.74
CA GLU A 223 27.25 -25.12 23.73
C GLU A 223 25.75 -25.22 24.05
N THR A 224 25.00 -24.13 23.88
CA THR A 224 23.59 -24.13 24.24
C THR A 224 22.70 -24.69 23.15
N ALA A 225 23.23 -24.97 21.97
CA ALA A 225 22.43 -25.47 20.87
C ALA A 225 22.16 -26.96 21.04
N ASP A 226 21.14 -27.43 20.31
CA ASP A 226 20.86 -28.86 20.28
C ASP A 226 22.01 -29.58 19.58
N ILE A 227 22.52 -30.63 20.22
CA ILE A 227 23.69 -31.34 19.75
C ILE A 227 23.31 -32.56 18.93
N LYS A 228 22.15 -33.17 19.21
CA LYS A 228 21.68 -34.31 18.44
C LYS A 228 20.86 -33.91 17.23
N ARG A 229 20.55 -32.62 17.07
CA ARG A 229 19.79 -32.12 15.95
C ARG A 229 20.61 -31.33 14.95
N ALA A 230 21.52 -30.49 15.43
CA ALA A 230 22.41 -29.73 14.55
C ALA A 230 23.39 -30.62 13.81
N VAL A 231 23.76 -31.78 14.38
CA VAL A 231 24.62 -32.72 13.69
C VAL A 231 23.97 -33.22 12.40
N ALA A 232 22.67 -33.42 12.39
CA ALA A 232 21.97 -34.01 11.26
C ALA A 232 21.46 -33.00 10.25
N SER A 233 21.06 -31.80 10.68
CA SER A 233 20.62 -30.79 9.73
C SER A 233 21.76 -30.39 8.80
N VAL A 234 22.95 -30.20 9.35
CA VAL A 234 24.12 -29.91 8.52
C VAL A 234 24.50 -31.13 7.71
N LEU A 235 24.37 -32.33 8.29
CA LEU A 235 24.78 -33.54 7.60
C LEU A 235 23.97 -33.78 6.33
N MET A 236 22.65 -33.58 6.39
CA MET A 236 21.81 -33.80 5.22
C MET A 236 21.89 -32.67 4.21
N SER A 237 22.19 -31.44 4.66
CA SER A 237 22.31 -30.32 3.75
C SER A 237 23.61 -30.33 2.97
N LYS A 238 24.62 -31.06 3.43
CA LYS A 238 25.88 -31.18 2.70
C LYS A 238 25.92 -32.36 1.75
N THR A 239 25.13 -33.40 2.01
CA THR A 239 25.04 -34.53 1.10
C THR A 239 24.03 -34.29 -0.02
N PHE A 240 23.34 -33.16 -0.02
CA PHE A 240 22.39 -32.82 -1.06
C PHE A 240 23.12 -32.62 -2.37
N ASP A 241 22.93 -33.54 -3.32
CA ASP A 241 23.58 -33.49 -4.63
C ASP A 241 25.09 -33.42 -4.49
N ASN A 242 25.63 -34.21 -3.55
CA ASN A 242 27.08 -34.27 -3.29
C ASN A 242 27.66 -32.90 -2.96
N GLY A 243 26.86 -32.05 -2.32
CA GLY A 243 27.34 -30.75 -1.89
C GLY A 243 27.79 -29.83 -3.00
N VAL A 244 27.16 -29.91 -4.17
CA VAL A 244 27.45 -29.00 -5.26
C VAL A 244 26.50 -27.81 -5.30
N ILE A 245 25.37 -27.88 -4.58
CA ILE A 245 24.44 -26.76 -4.55
C ILE A 245 25.16 -25.53 -4.02
N CYS A 246 25.06 -24.43 -4.75
CA CYS A 246 25.83 -23.24 -4.41
C CYS A 246 25.39 -22.68 -3.06
N ALA A 247 26.32 -21.97 -2.41
CA ALA A 247 26.07 -21.37 -1.09
C ALA A 247 25.67 -22.43 -0.07
N SER A 248 26.30 -23.60 -0.16
CA SER A 248 26.09 -24.67 0.82
C SER A 248 27.08 -24.50 1.96
N GLU A 249 27.06 -25.41 2.93
CA GLU A 249 27.98 -25.36 4.04
C GLU A 249 29.40 -25.62 3.55
N GLN A 250 30.37 -24.90 4.13
CA GLN A 250 31.77 -25.12 3.82
C GLN A 250 32.66 -25.23 5.04
N SER A 251 32.19 -24.83 6.22
CA SER A 251 32.99 -24.89 7.43
C SER A 251 32.07 -24.76 8.63
N VAL A 252 32.38 -25.50 9.69
CA VAL A 252 31.64 -25.47 10.94
C VAL A 252 32.56 -24.98 12.04
N VAL A 253 32.04 -24.13 12.92
CA VAL A 253 32.79 -23.56 14.03
C VAL A 253 32.05 -23.91 15.32
N VAL A 254 32.73 -24.63 16.21
CA VAL A 254 32.12 -25.10 17.45
C VAL A 254 33.01 -24.68 18.62
N VAL A 255 32.37 -24.38 19.75
CA VAL A 255 33.11 -23.97 20.93
C VAL A 255 33.84 -25.16 21.53
N ASP A 256 34.79 -24.86 22.43
CA ASP A 256 35.56 -25.90 23.09
C ASP A 256 34.71 -26.78 24.00
N SER A 257 33.57 -26.27 24.48
CA SER A 257 32.75 -27.03 25.40
C SER A 257 32.19 -28.29 24.73
N VAL A 258 31.75 -28.17 23.47
CA VAL A 258 31.09 -29.27 22.78
C VAL A 258 31.90 -29.79 21.60
N TYR A 259 33.20 -29.52 21.55
CA TYR A 259 34.03 -30.01 20.44
C TYR A 259 34.05 -31.53 20.37
N ASP A 260 34.51 -32.18 21.44
CA ASP A 260 34.56 -33.64 21.44
C ASP A 260 33.16 -34.25 21.44
N ALA A 261 32.15 -33.48 21.86
CA ALA A 261 30.78 -33.97 21.80
C ALA A 261 30.28 -34.11 20.37
N VAL A 262 30.94 -33.46 19.41
CA VAL A 262 30.60 -33.58 18.00
C VAL A 262 31.50 -34.57 17.28
N ARG A 263 32.76 -34.67 17.70
CA ARG A 263 33.77 -35.45 17.00
C ARG A 263 33.40 -36.92 16.90
N GLU A 264 32.92 -37.53 17.99
CA GLU A 264 32.52 -38.93 17.93
C GLU A 264 31.16 -39.09 17.25
N ARG A 265 30.29 -38.09 17.39
CA ARG A 265 28.97 -38.16 16.77
C ARG A 265 29.08 -38.19 15.26
N PHE A 266 29.95 -37.34 14.70
CA PHE A 266 30.12 -37.29 13.25
C PHE A 266 30.62 -38.62 12.70
N ALA A 267 31.64 -39.19 13.34
CA ALA A 267 32.12 -40.50 12.93
C ALA A 267 31.08 -41.59 13.16
N THR A 268 30.19 -41.41 14.13
CA THR A 268 29.14 -42.39 14.37
C THR A 268 28.11 -42.39 13.26
N HIS A 269 27.63 -41.20 12.86
CA HIS A 269 26.50 -41.15 11.93
C HIS A 269 26.93 -41.29 10.48
N GLY A 270 27.70 -40.33 9.97
CA GLY A 270 28.05 -40.38 8.56
C GLY A 270 29.44 -39.86 8.20
N GLY A 271 30.19 -39.40 9.19
CA GLY A 271 31.48 -38.81 8.92
C GLY A 271 32.63 -39.78 9.14
N TYR A 272 33.80 -39.39 8.62
CA TYR A 272 35.03 -40.13 8.85
C TYR A 272 36.15 -39.11 9.04
N LEU A 273 36.58 -38.93 10.28
CA LEU A 273 37.63 -37.97 10.56
C LEU A 273 38.99 -38.54 10.18
N LEU A 274 39.96 -37.65 10.01
CA LEU A 274 41.30 -38.04 9.57
C LEU A 274 42.29 -37.00 10.06
N GLN A 275 43.43 -37.46 10.56
CA GLN A 275 44.43 -36.57 11.14
C GLN A 275 45.86 -36.91 10.74
N GLY A 276 46.11 -38.07 10.16
CA GLY A 276 47.45 -38.47 9.79
C GLY A 276 47.98 -37.72 8.59
N LYS A 277 48.97 -38.33 7.94
CA LYS A 277 49.53 -37.75 6.72
C LYS A 277 48.50 -37.67 5.61
N GLU A 278 47.42 -38.47 5.69
CA GLU A 278 46.36 -38.41 4.72
C GLU A 278 45.62 -37.08 4.74
N LEU A 279 45.67 -36.35 5.86
CA LEU A 279 45.13 -34.99 5.90
C LEU A 279 45.86 -34.09 4.92
N LYS A 280 47.19 -34.22 4.88
CA LYS A 280 47.96 -33.51 3.85
C LYS A 280 47.57 -33.97 2.46
N ALA A 281 47.37 -35.28 2.29
CA ALA A 281 46.95 -35.82 1.00
C ALA A 281 45.62 -35.24 0.56
N VAL A 282 44.67 -35.14 1.50
CA VAL A 282 43.36 -34.58 1.18
C VAL A 282 43.50 -33.10 0.81
N GLN A 283 44.38 -32.38 1.50
CA GLN A 283 44.64 -31.00 1.13
C GLN A 283 45.24 -30.91 -0.26
N ASP A 284 46.15 -31.83 -0.59
CA ASP A 284 46.77 -31.83 -1.91
C ASP A 284 45.89 -32.44 -2.99
N VAL A 285 44.87 -33.22 -2.62
CA VAL A 285 44.07 -33.90 -3.63
C VAL A 285 43.04 -32.97 -4.25
N ILE A 286 42.84 -31.79 -3.67
CA ILE A 286 41.88 -30.81 -4.19
C ILE A 286 42.58 -29.63 -4.84
N LEU A 287 43.92 -29.64 -4.88
CA LEU A 287 44.73 -28.66 -5.59
C LEU A 287 45.59 -29.38 -6.62
N LYS A 288 45.18 -29.27 -7.90
CA LYS A 288 46.06 -29.76 -8.96
C LYS A 288 47.14 -28.74 -9.29
N ASN A 289 46.78 -27.46 -9.35
CA ASN A 289 47.75 -26.36 -9.42
C ASN A 289 47.04 -25.07 -9.01
N GLY A 290 47.52 -24.46 -7.93
CA GLY A 290 47.13 -23.11 -7.57
C GLY A 290 45.67 -22.90 -7.21
N ALA A 291 44.81 -23.88 -7.49
CA ALA A 291 43.37 -23.71 -7.30
C ALA A 291 42.70 -25.07 -7.22
N LEU A 292 41.37 -25.04 -7.21
CA LEU A 292 40.57 -26.26 -7.09
C LEU A 292 40.61 -27.07 -8.38
N ASN A 293 40.75 -28.38 -8.24
CA ASN A 293 40.74 -29.27 -9.40
C ASN A 293 39.31 -29.63 -9.78
N ALA A 294 39.16 -30.14 -11.00
CA ALA A 294 37.86 -30.53 -11.53
C ALA A 294 37.64 -32.04 -11.51
N ALA A 295 38.47 -32.77 -10.76
CA ALA A 295 38.36 -34.22 -10.71
C ALA A 295 37.67 -34.73 -9.46
N ILE A 296 37.36 -33.86 -8.50
CA ILE A 296 36.72 -34.27 -7.25
C ILE A 296 35.45 -33.47 -6.99
N VAL A 297 35.04 -32.68 -7.98
CA VAL A 297 33.84 -31.86 -7.84
C VAL A 297 32.62 -32.75 -8.06
N GLY A 298 31.77 -32.86 -7.03
CA GLY A 298 30.56 -33.63 -7.12
C GLY A 298 30.72 -35.12 -6.93
N GLN A 299 31.93 -35.60 -6.77
CA GLN A 299 32.14 -37.03 -6.58
C GLN A 299 31.80 -37.44 -5.14
N PRO A 300 31.32 -38.65 -4.94
CA PRO A 300 31.10 -39.14 -3.57
C PRO A 300 32.41 -39.19 -2.80
N ALA A 301 32.27 -39.28 -1.47
CA ALA A 301 33.42 -39.16 -0.59
C ALA A 301 34.41 -40.32 -0.78
N TYR A 302 33.91 -41.54 -0.97
CA TYR A 302 34.78 -42.70 -0.90
C TYR A 302 35.76 -42.76 -2.07
N LYS A 303 35.33 -42.40 -3.28
CA LYS A 303 36.21 -42.54 -4.44
C LYS A 303 37.41 -41.60 -4.35
N ILE A 304 37.18 -40.37 -3.90
CA ILE A 304 38.29 -39.41 -3.80
C ILE A 304 39.33 -39.89 -2.80
N ALA A 305 38.90 -40.68 -1.81
CA ALA A 305 39.86 -41.28 -0.89
C ALA A 305 40.77 -42.28 -1.59
N GLU A 306 40.22 -43.06 -2.52
CA GLU A 306 41.06 -43.97 -3.31
C GLU A 306 42.09 -43.18 -4.11
N LEU A 307 41.67 -42.08 -4.72
CA LEU A 307 42.62 -41.21 -5.41
C LEU A 307 43.58 -40.56 -4.43
N ALA A 308 43.09 -40.21 -3.23
CA ALA A 308 43.99 -39.69 -2.19
C ALA A 308 44.88 -40.78 -1.61
N GLY A 309 44.49 -42.05 -1.75
CA GLY A 309 45.34 -43.14 -1.33
C GLY A 309 44.77 -44.04 -0.26
N PHE A 310 44.11 -43.47 0.74
CA PHE A 310 43.62 -44.27 1.85
C PHE A 310 42.23 -44.83 1.55
N SER A 311 41.99 -46.04 2.04
CA SER A 311 40.71 -46.71 1.82
C SER A 311 39.67 -46.21 2.81
N VAL A 312 38.44 -46.01 2.32
CA VAL A 312 37.33 -45.52 3.13
C VAL A 312 36.10 -46.37 2.82
N PRO A 313 35.32 -46.79 3.81
CA PRO A 313 34.20 -47.69 3.55
C PRO A 313 33.10 -47.03 2.74
N GLU A 314 32.32 -47.88 2.06
CA GLU A 314 31.29 -47.42 1.13
C GLU A 314 30.22 -46.61 1.84
N ASN A 315 29.82 -47.03 3.05
CA ASN A 315 28.67 -46.42 3.72
C ASN A 315 28.96 -44.97 4.12
N THR A 316 30.22 -44.58 4.25
CA THR A 316 30.57 -43.26 4.72
C THR A 316 29.98 -42.18 3.81
N LYS A 317 29.50 -41.09 4.43
CA LYS A 317 28.86 -40.00 3.70
C LYS A 317 29.83 -38.89 3.33
N ILE A 318 30.45 -38.26 4.33
CA ILE A 318 31.38 -37.16 4.10
C ILE A 318 32.62 -37.36 4.95
N LEU A 319 33.71 -36.72 4.52
CA LEU A 319 34.97 -36.74 5.26
C LEU A 319 35.30 -35.32 5.71
N ILE A 320 35.84 -35.20 6.92
CA ILE A 320 36.02 -33.92 7.59
C ILE A 320 37.40 -33.86 8.21
N GLY A 321 38.10 -32.75 7.99
CA GLY A 321 39.42 -32.54 8.57
C GLY A 321 39.37 -31.66 9.82
N GLU A 322 40.47 -31.69 10.56
CA GLU A 322 40.60 -30.93 11.80
C GLU A 322 41.77 -29.97 11.63
N VAL A 323 41.46 -28.73 11.22
CA VAL A 323 42.48 -27.73 10.93
C VAL A 323 42.19 -26.48 11.74
N THR A 324 43.25 -25.95 12.37
CA THR A 324 43.15 -24.74 13.17
C THR A 324 43.54 -23.47 12.43
N VAL A 325 44.60 -23.55 11.61
CA VAL A 325 45.06 -22.37 10.84
C VAL A 325 44.00 -22.00 9.80
N VAL A 326 43.73 -20.71 9.61
CA VAL A 326 42.78 -20.28 8.53
C VAL A 326 43.53 -19.30 7.61
N ASP A 327 44.04 -19.78 6.47
CA ASP A 327 44.75 -18.90 5.51
C ASP A 327 44.64 -19.50 4.11
N GLU A 328 45.51 -19.06 3.20
CA GLU A 328 45.46 -19.57 1.80
C GLU A 328 46.24 -20.88 1.71
N SER A 329 47.40 -20.97 2.38
CA SER A 329 48.21 -22.17 2.22
C SER A 329 47.41 -23.42 2.55
N GLU A 330 46.62 -23.38 3.60
CA GLU A 330 45.73 -24.49 3.89
C GLU A 330 44.51 -24.40 2.99
N PRO A 331 44.24 -25.39 2.15
CA PRO A 331 43.13 -25.29 1.20
C PRO A 331 41.79 -25.74 1.73
N PHE A 332 41.67 -26.01 3.02
CA PHE A 332 40.44 -26.57 3.56
C PHE A 332 39.39 -25.51 3.88
N ALA A 333 39.71 -24.22 3.69
CA ALA A 333 38.77 -23.15 3.91
C ALA A 333 38.10 -22.65 2.65
N HIS A 334 38.69 -22.89 1.48
CA HIS A 334 38.10 -22.45 0.23
C HIS A 334 36.85 -23.28 -0.10
N GLU A 335 36.05 -22.74 -1.01
CA GLU A 335 34.89 -23.49 -1.49
C GLU A 335 35.34 -24.73 -2.23
N LYS A 336 34.73 -25.87 -1.90
CA LYS A 336 35.16 -27.15 -2.44
C LYS A 336 34.13 -27.82 -3.34
N LEU A 337 32.84 -27.52 -3.16
CA LEU A 337 31.79 -28.09 -4.01
C LEU A 337 31.81 -29.61 -3.97
N SER A 338 32.22 -30.17 -2.84
CA SER A 338 32.33 -31.60 -2.65
C SER A 338 31.81 -31.94 -1.26
N PRO A 339 31.37 -33.17 -1.03
CA PRO A 339 30.86 -33.53 0.29
C PRO A 339 31.96 -33.58 1.34
N THR A 340 32.55 -32.42 1.63
CA THR A 340 33.57 -32.27 2.66
C THR A 340 33.21 -31.08 3.54
N LEU A 341 33.65 -31.14 4.79
CA LEU A 341 33.34 -30.08 5.75
C LEU A 341 34.60 -29.76 6.55
N ALA A 342 34.68 -28.51 7.01
CA ALA A 342 35.80 -28.04 7.79
C ALA A 342 35.33 -27.79 9.22
N MET A 343 36.07 -28.32 10.18
CA MET A 343 35.73 -28.23 11.60
C MET A 343 36.76 -27.35 12.30
N TYR A 344 36.29 -26.34 13.01
CA TYR A 344 37.17 -25.33 13.60
C TYR A 344 37.09 -25.36 15.12
N ARG A 345 38.15 -24.85 15.74
CA ARG A 345 38.28 -24.80 17.19
C ARG A 345 37.95 -23.40 17.68
N ALA A 346 37.04 -23.30 18.65
CA ALA A 346 36.67 -22.04 19.27
C ALA A 346 36.76 -22.16 20.78
N LYS A 347 37.48 -21.23 21.41
CA LYS A 347 37.61 -21.26 22.86
C LYS A 347 36.33 -20.80 23.56
N ASP A 348 35.55 -19.96 22.90
CA ASP A 348 34.25 -19.54 23.41
C ASP A 348 33.40 -19.08 22.23
N PHE A 349 32.18 -18.62 22.52
CA PHE A 349 31.29 -18.17 21.46
C PHE A 349 31.80 -16.89 20.81
N GLU A 350 32.43 -16.01 21.58
CA GLU A 350 32.81 -14.71 21.04
C GLU A 350 33.84 -14.85 19.93
N ASP A 351 34.84 -15.71 20.11
CA ASP A 351 35.84 -15.90 19.06
C ASP A 351 35.27 -16.70 17.89
N ALA A 352 34.17 -17.44 18.11
CA ALA A 352 33.56 -18.19 17.03
C ALA A 352 33.05 -17.26 15.93
N VAL A 353 32.42 -16.16 16.32
CA VAL A 353 31.96 -15.18 15.34
C VAL A 353 33.15 -14.52 14.65
N GLU A 354 34.19 -14.21 15.42
CA GLU A 354 35.41 -13.64 14.83
C GLU A 354 36.05 -14.60 13.85
N LYS A 355 36.12 -15.89 14.20
CA LYS A 355 36.66 -16.89 13.30
C LYS A 355 35.78 -17.12 12.08
N ALA A 356 34.52 -16.66 12.12
CA ALA A 356 33.63 -16.75 10.98
C ALA A 356 33.67 -15.52 10.08
N GLU A 357 34.07 -14.36 10.62
CA GLU A 357 34.23 -13.18 9.78
C GLU A 357 35.31 -13.40 8.73
N LYS A 358 36.45 -13.98 9.13
CA LYS A 358 37.51 -14.27 8.20
C LYS A 358 37.09 -15.28 7.13
N LEU A 359 36.20 -16.20 7.49
CA LEU A 359 35.72 -17.18 6.52
C LEU A 359 34.82 -16.54 5.48
N VAL A 360 33.91 -15.66 5.90
CA VAL A 360 33.03 -14.98 4.96
C VAL A 360 33.83 -14.07 4.05
N ALA A 361 34.76 -13.30 4.61
CA ALA A 361 35.58 -12.40 3.80
C ALA A 361 36.43 -13.16 2.79
N MET A 362 36.80 -14.40 3.10
CA MET A 362 37.60 -15.20 2.18
C MET A 362 36.83 -15.58 0.92
N GLY A 363 35.50 -15.68 0.99
CA GLY A 363 34.71 -16.01 -0.18
C GLY A 363 34.47 -14.84 -1.11
N GLY A 364 34.78 -13.63 -0.67
CA GLY A 364 34.61 -12.46 -1.50
C GLY A 364 33.23 -11.85 -1.43
N ILE A 365 32.20 -12.69 -1.55
CA ILE A 365 30.81 -12.23 -1.54
C ILE A 365 30.09 -12.90 -0.38
N GLY A 366 29.42 -12.10 0.44
CA GLY A 366 28.62 -12.64 1.53
C GLY A 366 27.25 -13.07 1.05
N HIS A 367 26.98 -14.38 1.09
CA HIS A 367 25.74 -14.93 0.56
C HIS A 367 24.81 -15.42 1.67
N THR A 368 25.26 -16.37 2.49
CA THR A 368 24.48 -16.87 3.61
C THR A 368 25.42 -17.17 4.76
N SER A 369 24.86 -17.24 5.97
CA SER A 369 25.60 -17.64 7.15
C SER A 369 24.60 -18.12 8.19
N CYS A 370 24.83 -19.32 8.72
CA CYS A 370 23.90 -19.95 9.64
C CYS A 370 24.53 -20.07 11.03
N LEU A 371 23.70 -19.96 12.05
CA LEU A 371 24.10 -20.16 13.43
C LEU A 371 23.11 -21.10 14.08
N TYR A 372 23.60 -22.09 14.81
CA TYR A 372 22.74 -23.02 15.53
C TYR A 372 22.83 -22.71 17.02
N THR A 373 21.70 -22.32 17.59
CA THR A 373 21.65 -21.91 18.99
C THR A 373 20.20 -21.98 19.46
N ASP A 374 20.03 -22.00 20.78
CA ASP A 374 18.70 -22.00 21.36
C ASP A 374 18.09 -20.61 21.24
N GLN A 375 17.00 -20.50 20.48
CA GLN A 375 16.43 -19.21 20.11
C GLN A 375 15.32 -18.75 21.04
N ASP A 376 15.06 -19.48 22.13
CA ASP A 376 13.96 -19.12 23.02
C ASP A 376 14.40 -18.56 24.36
N ASN A 377 15.41 -19.15 25.01
CA ASN A 377 15.94 -18.60 26.25
C ASN A 377 17.24 -17.85 26.10
N GLN A 378 17.77 -17.72 24.88
CA GLN A 378 18.92 -16.86 24.60
C GLN A 378 18.60 -16.03 23.37
N PRO A 379 17.80 -14.96 23.53
CA PRO A 379 17.46 -14.12 22.39
C PRO A 379 18.47 -13.02 22.09
N ALA A 380 19.40 -12.74 23.01
CA ALA A 380 20.40 -11.71 22.75
C ALA A 380 21.48 -12.19 21.79
N ARG A 381 21.84 -13.47 21.86
CA ARG A 381 22.90 -14.01 21.01
C ARG A 381 22.53 -13.96 19.53
N VAL A 382 21.30 -14.31 19.18
CA VAL A 382 20.88 -14.23 17.79
C VAL A 382 20.88 -12.79 17.30
N SER A 383 20.42 -11.86 18.14
CA SER A 383 20.45 -10.46 17.78
C SER A 383 21.88 -9.97 17.59
N TYR A 384 22.80 -10.41 18.46
CA TYR A 384 24.20 -10.04 18.29
C TYR A 384 24.81 -10.68 17.05
N PHE A 385 24.36 -11.88 16.69
CA PHE A 385 24.97 -12.60 15.58
C PHE A 385 24.73 -11.92 14.24
N GLY A 386 23.56 -11.32 14.05
CA GLY A 386 23.22 -10.70 12.80
C GLY A 386 23.87 -9.37 12.50
N GLN A 387 24.31 -8.64 13.52
CA GLN A 387 24.93 -7.32 13.34
C GLN A 387 26.43 -7.40 13.18
N LYS A 388 27.01 -8.60 13.16
CA LYS A 388 28.45 -8.75 13.01
C LYS A 388 28.87 -9.27 11.66
N MET A 389 28.15 -10.24 11.10
CA MET A 389 28.46 -10.74 9.76
C MET A 389 27.93 -9.78 8.69
N LYS A 390 28.36 -10.05 7.45
CA LYS A 390 27.92 -9.29 6.28
C LYS A 390 27.50 -10.33 5.25
N THR A 391 26.27 -10.81 5.34
CA THR A 391 25.71 -11.78 4.40
C THR A 391 24.27 -11.39 4.10
N ALA A 392 23.76 -11.85 2.95
CA ALA A 392 22.42 -11.52 2.53
C ALA A 392 21.34 -12.29 3.30
N ARG A 393 21.67 -13.48 3.81
CA ARG A 393 20.71 -14.32 4.51
C ARG A 393 21.26 -14.69 5.88
N ILE A 394 20.43 -14.56 6.91
CA ILE A 394 20.75 -15.01 8.25
C ILE A 394 19.78 -16.13 8.58
N LEU A 395 20.33 -17.33 8.83
CA LEU A 395 19.53 -18.50 9.17
C LEU A 395 19.96 -19.00 10.54
N ILE A 396 19.00 -19.30 11.40
CA ILE A 396 19.30 -19.94 12.68
C ILE A 396 18.42 -21.19 12.83
N ASN A 397 19.05 -22.29 13.24
CA ASN A 397 18.40 -23.59 13.33
C ASN A 397 17.71 -23.96 12.02
N THR A 398 18.41 -23.71 10.91
CA THR A 398 17.85 -23.92 9.58
C THR A 398 18.96 -24.38 8.65
N PRO A 399 18.74 -25.45 7.88
CA PRO A 399 19.74 -25.87 6.90
C PRO A 399 19.95 -24.81 5.83
N ALA A 400 21.17 -24.78 5.28
CA ALA A 400 21.57 -23.73 4.36
C ALA A 400 20.73 -23.72 3.09
N SER A 401 20.76 -24.79 2.31
CA SER A 401 20.11 -24.78 1.01
C SER A 401 18.62 -25.08 1.13
N GLN A 402 18.27 -26.31 1.49
CA GLN A 402 16.89 -26.75 1.59
C GLN A 402 16.90 -28.20 2.06
N GLY A 403 15.71 -28.73 2.32
CA GLY A 403 15.53 -30.13 2.66
C GLY A 403 15.23 -30.97 1.43
N GLY A 404 14.86 -32.22 1.68
CA GLY A 404 14.54 -33.15 0.62
C GLY A 404 13.12 -33.00 0.10
N LEU A 408 9.14 -31.18 6.27
CA LEU A 408 8.28 -30.02 6.11
C LEU A 408 9.05 -28.73 6.41
N TYR A 409 10.06 -28.46 5.59
CA TYR A 409 10.90 -27.29 5.78
C TYR A 409 10.19 -26.04 5.26
N ASN A 410 10.87 -24.90 5.40
CA ASN A 410 10.31 -23.63 4.94
C ASN A 410 10.21 -23.61 3.42
N PHE A 411 9.05 -23.21 2.90
CA PHE A 411 8.78 -23.25 1.48
C PHE A 411 8.97 -21.90 0.78
N LYS A 412 8.74 -20.79 1.48
CA LYS A 412 8.84 -19.47 0.86
C LYS A 412 10.23 -18.87 1.04
N LEU A 413 11.23 -19.61 0.55
CA LEU A 413 12.60 -19.14 0.51
C LEU A 413 13.10 -19.24 -0.92
N ALA A 414 13.72 -18.16 -1.41
CA ALA A 414 14.27 -18.16 -2.74
C ALA A 414 15.40 -19.19 -2.84
N PRO A 415 15.63 -19.76 -4.02
CA PRO A 415 16.70 -20.76 -4.16
C PRO A 415 18.05 -20.18 -3.80
N SER A 416 19.03 -21.08 -3.65
CA SER A 416 20.38 -20.65 -3.34
C SER A 416 20.94 -19.77 -4.45
N LEU A 417 20.70 -20.14 -5.70
CA LEU A 417 21.00 -19.28 -6.83
C LEU A 417 19.91 -18.21 -6.95
N THR A 418 19.89 -17.48 -8.07
CA THR A 418 19.09 -16.26 -8.21
C THR A 418 19.47 -15.21 -7.16
N LEU A 419 20.72 -15.29 -6.66
CA LEU A 419 21.21 -14.32 -5.69
C LEU A 419 22.59 -13.86 -6.18
N GLY A 420 22.64 -12.67 -6.79
CA GLY A 420 23.85 -12.15 -7.36
C GLY A 420 24.26 -10.82 -6.74
N CYS A 421 25.46 -10.38 -7.14
CA CYS A 421 26.03 -9.13 -6.66
C CYS A 421 26.64 -8.41 -7.85
N GLY A 422 27.32 -7.30 -7.59
CA GLY A 422 27.92 -6.50 -8.65
C GLY A 422 29.37 -6.16 -8.42
N SER A 423 30.02 -6.87 -7.51
CA SER A 423 31.43 -6.63 -7.23
C SER A 423 32.05 -7.91 -6.67
N TRP A 424 33.38 -7.99 -6.76
CA TRP A 424 34.08 -9.17 -6.27
C TRP A 424 34.10 -9.22 -4.75
N GLY A 425 34.70 -8.22 -4.11
CA GLY A 425 34.80 -8.20 -2.67
C GLY A 425 34.55 -6.84 -2.06
N GLY A 426 35.36 -6.47 -1.07
CA GLY A 426 35.20 -5.19 -0.41
C GLY A 426 33.91 -5.06 0.35
N ASN A 427 33.55 -6.09 1.10
CA ASN A 427 32.34 -6.11 1.94
C ASN A 427 31.08 -5.89 1.08
N SER A 428 30.86 -6.83 0.17
CA SER A 428 29.74 -6.79 -0.75
C SER A 428 28.70 -7.81 -0.33
N ILE A 429 27.44 -7.40 -0.34
CA ILE A 429 26.32 -8.25 0.06
C ILE A 429 25.48 -8.56 -1.16
N SER A 430 25.21 -9.85 -1.38
CA SER A 430 24.46 -10.29 -2.54
C SER A 430 22.99 -9.89 -2.42
N GLU A 431 22.29 -9.94 -3.54
CA GLU A 431 20.87 -9.63 -3.59
C GLU A 431 20.20 -10.53 -4.61
N ASN A 432 18.88 -10.66 -4.48
CA ASN A 432 18.12 -11.59 -5.31
C ASN A 432 17.90 -10.98 -6.69
N VAL A 433 18.42 -11.66 -7.72
CA VAL A 433 18.22 -11.21 -9.09
C VAL A 433 16.80 -11.58 -9.54
N GLY A 434 16.13 -10.59 -10.12
CA GLY A 434 14.78 -10.78 -10.60
C GLY A 434 14.46 -9.87 -11.76
N PRO A 435 13.21 -9.87 -12.21
CA PRO A 435 12.81 -9.07 -13.38
C PRO A 435 12.73 -7.57 -13.09
N LYS A 436 13.77 -7.05 -12.42
CA LYS A 436 13.98 -5.61 -12.27
C LYS A 436 15.38 -5.18 -12.64
N HIS A 437 16.37 -6.06 -12.54
CA HIS A 437 17.72 -5.76 -13.00
C HIS A 437 17.83 -5.84 -14.52
N LEU A 438 16.88 -6.51 -15.17
CA LEU A 438 16.88 -6.65 -16.61
C LEU A 438 15.91 -5.69 -17.29
N ILE A 439 15.40 -4.69 -16.57
CA ILE A 439 14.42 -3.77 -17.09
C ILE A 439 14.87 -2.34 -16.78
N ASN A 440 14.58 -1.42 -17.70
CA ASN A 440 14.85 0.00 -17.52
C ASN A 440 13.54 0.76 -17.64
N LYS A 441 13.23 1.58 -16.65
CA LYS A 441 11.99 2.34 -16.62
C LYS A 441 12.26 3.80 -16.95
N LYS A 442 11.50 4.34 -17.90
CA LYS A 442 11.60 5.74 -18.29
C LYS A 442 10.38 6.50 -17.78
N THR A 443 10.57 7.79 -17.56
CA THR A 443 9.53 8.66 -17.04
C THR A 443 9.26 9.78 -18.02
N VAL A 444 7.99 9.96 -18.37
CA VAL A 444 7.58 11.10 -19.18
C VAL A 444 6.88 12.10 -18.27
N ALA A 445 7.09 13.38 -18.55
CA ALA A 445 6.52 14.46 -17.76
C ALA A 445 5.78 15.40 -18.68
N LYS A 446 4.55 15.75 -18.32
CA LYS A 446 3.72 16.62 -19.14
C LYS A 446 3.58 17.99 -18.50
N ARG A 447 3.75 19.02 -19.33
CA ARG A 447 3.62 20.40 -18.87
C ARG A 447 2.16 20.64 -18.52
N ALA A 448 1.85 20.65 -17.23
CA ALA A 448 0.49 20.87 -16.75
C ALA A 448 0.31 22.33 -16.40
N GLU A 449 -0.78 22.93 -16.87
CA GLU A 449 -1.09 24.31 -16.53
C GLU A 449 -1.30 24.44 -15.02
N ASN A 450 -0.79 25.53 -14.46
CA ASN A 450 -0.88 25.74 -13.02
C ASN A 450 -2.20 26.40 -12.66
N MET A 451 -2.68 26.10 -11.46
CA MET A 451 -3.93 26.66 -10.95
C MET A 451 -3.63 27.73 -9.91
N LEU A 452 -4.48 28.74 -9.86
CA LEU A 452 -4.43 29.75 -8.82
C LEU A 452 -5.58 29.52 -7.84
N TRP A 453 -5.72 30.41 -6.87
CA TRP A 453 -6.66 30.23 -5.78
C TRP A 453 -7.04 31.59 -5.23
N HIS A 454 -7.99 31.58 -4.29
CA HIS A 454 -8.40 32.78 -3.56
C HIS A 454 -8.79 32.32 -2.16
N LYS A 455 -7.83 32.37 -1.23
CA LYS A 455 -7.99 31.82 0.09
C LYS A 455 -8.01 32.94 1.13
N LEU A 456 -9.08 32.99 1.91
CA LEU A 456 -9.29 34.04 2.90
C LEU A 456 -9.81 33.45 4.21
N PRO A 457 -9.76 34.20 5.30
CA PRO A 457 -10.44 33.77 6.53
C PRO A 457 -11.94 33.61 6.29
N LYS A 458 -12.55 32.75 7.12
CA LYS A 458 -13.96 32.48 6.98
C LYS A 458 -14.82 33.73 7.15
N SER A 459 -14.49 34.56 8.13
CA SER A 459 -15.28 35.75 8.42
C SER A 459 -14.36 36.95 8.62
N ILE A 460 -14.77 38.09 8.08
CA ILE A 460 -14.10 39.37 8.29
C ILE A 460 -15.16 40.37 8.71
N TYR A 461 -14.93 41.04 9.85
CA TYR A 461 -15.86 42.01 10.39
C TYR A 461 -15.22 43.39 10.42
N PHE A 462 -15.97 44.41 10.04
CA PHE A 462 -15.42 45.76 9.94
C PHE A 462 -16.54 46.77 10.10
N ARG A 463 -16.39 47.66 11.09
CA ARG A 463 -17.10 48.93 11.24
C ARG A 463 -16.60 49.59 12.51
N ARG A 464 -17.05 50.82 12.73
CA ARG A 464 -16.78 51.52 13.97
C ARG A 464 -17.40 50.77 15.14
N GLY A 465 -16.60 50.50 16.17
CA GLY A 465 -17.08 49.78 17.33
C GLY A 465 -17.57 48.38 17.00
N SER A 466 -16.82 47.66 16.16
CA SER A 466 -17.18 46.31 15.75
C SER A 466 -16.51 45.23 16.59
N LEU A 467 -15.71 45.61 17.58
CA LEU A 467 -15.01 44.62 18.39
C LEU A 467 -15.95 43.92 19.37
N PRO A 468 -16.67 44.64 20.25
CA PRO A 468 -17.51 43.93 21.22
C PRO A 468 -18.59 43.07 20.60
N ILE A 469 -19.18 43.52 19.49
CA ILE A 469 -20.24 42.74 18.85
C ILE A 469 -19.67 41.47 18.22
N ALA A 470 -18.53 41.59 17.53
CA ALA A 470 -17.89 40.41 16.97
C ALA A 470 -17.38 39.48 18.07
N LEU A 471 -16.82 40.05 19.14
CA LEU A 471 -16.36 39.24 20.26
C LEU A 471 -17.52 38.58 20.99
N ASP A 472 -18.71 39.17 20.92
CA ASP A 472 -19.88 38.60 21.58
C ASP A 472 -20.20 37.23 20.97
N GLU A 473 -20.14 37.12 19.64
CA GLU A 473 -20.50 35.87 18.98
C GLU A 473 -19.59 34.73 19.42
N VAL A 474 -18.34 35.03 19.78
CA VAL A 474 -17.45 34.00 20.30
C VAL A 474 -17.97 33.45 21.62
N ILE A 475 -18.52 34.33 22.46
CA ILE A 475 -19.07 33.90 23.74
C ILE A 475 -20.25 32.96 23.53
N THR A 476 -21.14 33.29 22.58
CA THR A 476 -22.29 32.44 22.32
C THR A 476 -21.87 31.05 21.88
N ASP A 477 -20.86 30.96 21.03
CA ASP A 477 -20.29 29.67 20.67
C ASP A 477 -19.52 29.13 21.87
N GLY A 478 -19.40 27.81 21.94
CA GLY A 478 -18.71 27.19 23.06
C GLY A 478 -17.23 27.51 23.09
N HIS A 479 -16.82 28.35 24.03
CA HIS A 479 -15.43 28.78 24.14
C HIS A 479 -15.19 29.22 25.57
N LYS A 480 -14.39 28.46 26.30
CA LYS A 480 -14.11 28.72 27.71
C LYS A 480 -12.75 29.34 27.96
N ARG A 481 -11.71 28.89 27.26
CA ARG A 481 -10.35 29.32 27.51
C ARG A 481 -9.82 30.11 26.32
N ALA A 482 -9.27 31.29 26.58
CA ALA A 482 -8.78 32.18 25.54
C ALA A 482 -7.38 32.66 25.88
N LEU A 483 -6.58 32.88 24.84
CA LEU A 483 -5.21 33.37 24.96
C LEU A 483 -5.04 34.63 24.14
N ILE A 484 -4.45 35.65 24.75
CA ILE A 484 -4.28 36.97 24.13
C ILE A 484 -2.79 37.25 24.01
N VAL A 485 -2.34 37.64 22.82
CA VAL A 485 -0.95 37.97 22.55
C VAL A 485 -0.89 39.46 22.20
N THR A 486 0.03 40.18 22.84
CA THR A 486 0.04 41.63 22.72
C THR A 486 1.47 42.16 22.82
N ASP A 487 1.63 43.42 22.40
CA ASP A 487 2.90 44.13 22.50
C ASP A 487 2.95 44.89 23.83
N ARG A 488 3.90 45.82 23.96
CA ARG A 488 4.16 46.52 25.21
C ARG A 488 3.51 47.89 25.32
N PHE A 489 3.64 48.72 24.28
CA PHE A 489 3.23 50.12 24.43
C PHE A 489 1.73 50.25 24.73
N LEU A 490 0.90 49.42 24.10
CA LEU A 490 -0.55 49.59 24.22
C LEU A 490 -1.10 49.10 25.55
N PHE A 491 -0.34 48.33 26.33
CA PHE A 491 -0.85 47.85 27.60
C PHE A 491 -0.91 48.93 28.67
N ASN A 492 0.06 49.86 28.68
CA ASN A 492 0.05 50.95 29.64
C ASN A 492 -1.12 51.89 29.46
N ASN A 493 -1.78 51.86 28.31
CA ASN A 493 -3.00 52.62 28.07
C ASN A 493 -4.19 51.68 27.96
N GLY A 494 -5.36 52.27 27.72
CA GLY A 494 -6.61 51.53 27.79
C GLY A 494 -6.95 50.66 26.60
N TYR A 495 -5.94 50.10 25.93
CA TYR A 495 -6.19 49.22 24.81
C TYR A 495 -6.26 47.75 25.21
N ALA A 496 -6.17 47.45 26.51
CA ALA A 496 -6.23 46.08 27.00
C ALA A 496 -7.52 45.74 27.73
N ASP A 497 -8.14 46.71 28.42
CA ASP A 497 -9.36 46.44 29.17
C ASP A 497 -10.59 46.33 28.28
N GLN A 498 -10.57 46.94 27.09
CA GLN A 498 -11.74 46.92 26.23
C GLN A 498 -12.01 45.56 25.61
N ILE A 499 -11.09 44.62 25.75
CA ILE A 499 -11.29 43.26 25.27
C ILE A 499 -11.41 42.26 26.42
N THR A 500 -10.66 42.50 27.51
CA THR A 500 -10.75 41.60 28.66
C THR A 500 -12.05 41.81 29.43
N SER A 501 -12.46 43.07 29.63
CA SER A 501 -13.64 43.35 30.45
C SER A 501 -14.89 42.74 29.83
N VAL A 502 -15.06 42.86 28.52
CA VAL A 502 -16.20 42.25 27.85
C VAL A 502 -16.15 40.74 27.92
N LEU A 503 -14.97 40.17 28.14
CA LEU A 503 -14.82 38.73 28.29
C LEU A 503 -15.11 38.28 29.72
N LYS A 504 -14.62 39.03 30.71
CA LYS A 504 -14.87 38.64 32.10
C LYS A 504 -16.34 38.71 32.47
N ALA A 505 -17.08 39.67 31.89
CA ALA A 505 -18.50 39.80 32.20
C ALA A 505 -19.26 38.54 31.84
N ALA A 506 -19.00 37.97 30.66
CA ALA A 506 -19.60 36.70 30.31
C ALA A 506 -18.99 35.57 31.13
N GLY A 507 -17.69 35.65 31.40
CA GLY A 507 -17.00 34.67 32.22
C GLY A 507 -16.18 33.68 31.40
N VAL A 508 -14.88 33.96 31.29
CA VAL A 508 -13.95 33.08 30.59
C VAL A 508 -12.57 33.33 31.16
N GLU A 509 -11.72 32.32 31.11
CA GLU A 509 -10.36 32.43 31.65
C GLU A 509 -9.45 33.09 30.61
N THR A 510 -9.02 34.30 30.90
CA THR A 510 -8.11 35.04 30.04
C THR A 510 -6.85 35.38 30.82
N GLU A 511 -5.70 35.32 30.14
CA GLU A 511 -4.42 35.61 30.75
C GLU A 511 -3.68 36.63 29.91
N VAL A 512 -2.78 37.35 30.55
CA VAL A 512 -2.02 38.42 29.91
C VAL A 512 -0.67 37.86 29.47
N PHE A 513 -0.37 38.00 28.19
CA PHE A 513 0.91 37.62 27.59
C PHE A 513 1.59 38.91 27.14
N PHE A 514 2.42 39.48 28.01
CA PHE A 514 3.00 40.80 27.76
C PHE A 514 4.52 40.70 27.74
N GLU A 515 5.06 40.23 26.59
CA GLU A 515 6.51 40.33 26.40
C GLU A 515 6.94 40.53 24.94
N VAL A 516 6.02 40.70 24.00
CA VAL A 516 6.40 40.73 22.58
C VAL A 516 6.84 42.14 22.20
N GLU A 517 8.05 42.26 21.68
CA GLU A 517 8.59 43.54 21.21
C GLU A 517 8.54 43.59 19.68
N ALA A 518 9.21 44.59 19.10
CA ALA A 518 9.06 44.95 17.70
C ALA A 518 9.33 43.78 16.74
N ASP A 519 10.21 42.85 17.09
CA ASP A 519 10.51 41.74 16.21
C ASP A 519 10.61 40.44 17.00
N PRO A 520 9.96 39.37 16.53
CA PRO A 520 10.05 38.10 17.26
C PRO A 520 11.41 37.45 17.08
N THR A 521 11.92 36.89 18.19
CA THR A 521 13.26 36.34 18.21
C THR A 521 13.29 34.85 18.54
N LEU A 522 12.19 34.13 18.32
CA LEU A 522 12.13 32.68 18.45
C LEU A 522 12.33 32.21 19.88
N SER A 523 12.66 33.13 20.79
CA SER A 523 12.78 32.81 22.21
C SER A 523 11.50 33.10 22.98
N ILE A 524 10.79 34.16 22.60
CA ILE A 524 9.52 34.48 23.26
C ILE A 524 8.35 33.72 22.65
N VAL A 525 8.44 33.33 21.38
CA VAL A 525 7.40 32.46 20.82
C VAL A 525 7.45 31.09 21.47
N ARG A 526 8.66 30.62 21.78
CA ARG A 526 8.79 29.37 22.53
C ARG A 526 8.20 29.51 23.92
N LYS A 527 8.43 30.65 24.57
CA LYS A 527 7.83 30.89 25.88
C LYS A 527 6.30 30.92 25.78
N GLY A 528 5.78 31.51 24.72
CA GLY A 528 4.34 31.51 24.51
C GLY A 528 3.78 30.12 24.30
N ALA A 529 4.50 29.29 23.55
CA ALA A 529 4.09 27.90 23.39
C ALA A 529 4.11 27.17 24.72
N GLU A 530 5.13 27.44 25.54
CA GLU A 530 5.19 26.84 26.88
C GLU A 530 4.04 27.29 27.75
N LEU A 531 3.63 28.55 27.63
CA LEU A 531 2.46 29.00 28.36
C LEU A 531 1.17 28.49 27.73
N ALA A 532 1.17 28.26 26.42
CA ALA A 532 -0.03 27.78 25.74
C ALA A 532 -0.41 26.39 26.21
N ASN A 533 0.54 25.44 26.17
CA ASN A 533 0.24 24.09 26.60
C ASN A 533 0.19 23.94 28.11
N SER A 534 0.59 24.97 28.85
CA SER A 534 0.37 25.03 30.30
C SER A 534 -0.99 25.63 30.64
N PHE A 535 -1.76 26.04 29.63
CA PHE A 535 -3.09 26.61 29.84
C PHE A 535 -4.18 25.92 29.03
N LYS A 536 -3.85 25.28 27.91
CA LYS A 536 -4.79 24.59 27.03
C LYS A 536 -5.89 25.53 26.56
N PRO A 537 -5.56 26.60 25.84
CA PRO A 537 -6.62 27.52 25.38
C PRO A 537 -7.42 26.90 24.25
N ASP A 538 -8.66 27.38 24.13
CA ASP A 538 -9.54 26.97 23.04
C ASP A 538 -9.60 27.98 21.91
N VAL A 539 -9.31 29.25 22.18
CA VAL A 539 -9.30 30.29 21.17
C VAL A 539 -8.08 31.16 21.41
N ILE A 540 -7.30 31.41 20.37
CA ILE A 540 -6.14 32.30 20.44
C ILE A 540 -6.54 33.61 19.77
N ILE A 541 -6.40 34.71 20.50
CA ILE A 541 -6.79 36.03 20.01
C ILE A 541 -5.53 36.87 19.90
N ALA A 542 -5.08 37.10 18.68
CA ALA A 542 -3.94 37.98 18.45
C ALA A 542 -4.37 39.44 18.56
N LEU A 543 -3.49 40.26 19.12
CA LEU A 543 -3.76 41.67 19.28
C LEU A 543 -2.52 42.45 18.86
N GLY A 544 -2.74 43.57 18.18
CA GLY A 544 -1.64 44.35 17.66
C GLY A 544 -1.36 44.05 16.21
N GLY A 545 -0.69 44.99 15.55
CA GLY A 545 -0.40 44.86 14.14
C GLY A 545 1.06 44.57 13.84
N GLY A 546 1.31 43.51 13.07
CA GLY A 546 2.66 43.19 12.67
C GLY A 546 3.34 42.13 13.53
N SER A 547 4.19 42.58 14.45
CA SER A 547 4.95 41.65 15.27
C SER A 547 4.09 40.72 16.12
N PRO A 548 3.13 41.20 16.92
CA PRO A 548 2.39 40.28 17.78
C PRO A 548 1.40 39.41 17.04
N MET A 549 1.03 39.78 15.81
CA MET A 549 0.12 38.97 15.01
C MET A 549 0.85 37.92 14.20
N ASP A 550 2.10 38.17 13.83
CA ASP A 550 2.90 37.15 13.15
C ASP A 550 3.32 36.05 14.12
N ALA A 551 3.76 36.43 15.32
CA ALA A 551 4.20 35.46 16.31
C ALA A 551 3.06 34.59 16.81
N ALA A 552 1.83 35.10 16.82
CA ALA A 552 0.70 34.30 17.27
C ALA A 552 0.45 33.10 16.37
N LYS A 553 0.75 33.22 15.07
CA LYS A 553 0.62 32.09 14.17
C LYS A 553 1.62 31.00 14.48
N ILE A 554 2.85 31.35 14.80
CA ILE A 554 3.85 30.35 15.15
C ILE A 554 3.53 29.72 16.50
N MET A 555 3.05 30.51 17.45
CA MET A 555 2.57 29.97 18.72
C MET A 555 1.44 28.97 18.51
N TRP A 556 0.59 29.20 17.50
CA TRP A 556 -0.56 28.34 17.28
C TRP A 556 -0.16 26.97 16.73
N VAL A 557 0.77 26.94 15.76
CA VAL A 557 1.17 25.67 15.18
C VAL A 557 2.00 24.86 16.18
N MET A 558 2.92 25.52 16.88
CA MET A 558 3.74 24.81 17.86
C MET A 558 2.93 24.31 19.05
N TYR A 559 1.83 25.00 19.39
CA TYR A 559 0.93 24.51 20.43
C TYR A 559 0.13 23.31 19.96
N GLU A 560 -0.28 23.28 18.69
CA GLU A 560 -1.07 22.21 18.15
C GLU A 560 -0.23 21.03 17.66
N HIS A 561 1.10 21.17 17.63
CA HIS A 561 2.00 20.10 17.21
C HIS A 561 3.30 20.22 17.98
N PRO A 562 3.27 19.89 19.27
CA PRO A 562 4.49 20.06 20.09
C PRO A 562 5.66 19.21 19.62
N GLU A 563 5.39 18.03 19.05
CA GLU A 563 6.47 17.13 18.67
C GLU A 563 7.22 17.63 17.45
N THR A 564 6.58 18.42 16.59
CA THR A 564 7.22 18.91 15.37
C THR A 564 8.15 20.06 15.71
N HIS A 565 9.42 19.90 15.35
CA HIS A 565 10.41 20.94 15.59
C HIS A 565 10.22 22.09 14.61
N PHE A 566 10.59 23.29 15.06
CA PHE A 566 10.49 24.48 14.22
C PHE A 566 11.38 24.39 12.99
N GLU A 567 12.61 23.88 13.15
CA GLU A 567 13.55 23.79 12.04
C GLU A 567 13.06 22.86 10.94
N GLU A 568 12.10 21.97 11.21
CA GLU A 568 11.50 21.19 10.15
C GLU A 568 10.54 22.02 9.29
N LEU A 569 9.96 23.07 9.87
CA LEU A 569 9.06 23.96 9.15
C LEU A 569 9.79 25.10 8.46
N ALA A 570 11.08 25.28 8.73
CA ALA A 570 11.85 26.37 8.14
C ALA A 570 12.32 26.07 6.73
N LEU A 571 12.12 24.84 6.25
CA LEU A 571 12.55 24.46 4.92
C LEU A 571 11.49 23.74 4.10
N ARG A 572 10.43 23.22 4.70
CA ARG A 572 9.33 22.64 3.94
C ARG A 572 8.36 23.70 3.46
N PHE A 573 8.00 24.64 4.33
CA PHE A 573 7.01 25.66 4.03
C PHE A 573 7.68 27.02 4.16
N MET A 574 8.22 27.52 3.05
CA MET A 574 8.85 28.83 3.02
C MET A 574 8.32 29.73 1.92
N ASP A 575 7.52 29.21 0.98
CA ASP A 575 6.94 30.03 -0.08
C ASP A 575 5.59 29.46 -0.45
N ILE A 576 4.60 30.32 -0.64
CA ILE A 576 3.27 29.87 -1.07
C ILE A 576 3.30 29.92 -2.60
N ARG A 577 3.95 28.92 -3.18
CA ARG A 577 3.81 28.59 -4.60
C ARG A 577 3.75 27.09 -4.87
N LYS A 578 4.26 26.26 -3.96
CA LYS A 578 4.24 24.81 -4.12
C LYS A 578 3.00 24.23 -3.44
N ARG A 579 2.59 23.06 -3.92
CA ARG A 579 1.45 22.37 -3.33
C ARG A 579 1.70 20.88 -3.19
N ILE A 580 2.97 20.47 -3.04
CA ILE A 580 3.31 19.05 -2.97
C ILE A 580 3.46 18.59 -1.52
N TYR A 581 3.89 19.47 -0.62
CA TYR A 581 3.98 19.16 0.80
C TYR A 581 2.81 19.83 1.52
N LYS A 582 2.13 19.05 2.37
CA LYS A 582 0.95 19.56 3.07
C LYS A 582 1.27 19.77 4.54
N PHE A 583 0.71 20.84 5.09
CA PHE A 583 0.83 21.16 6.49
C PHE A 583 0.02 20.16 7.32
N PRO A 584 0.50 19.78 8.50
CA PRO A 584 -0.36 19.04 9.43
C PRO A 584 -1.61 19.85 9.76
N LYS A 585 -2.74 19.16 9.83
CA LYS A 585 -4.02 19.86 9.93
C LYS A 585 -4.08 20.67 11.21
N MET A 586 -4.73 21.84 11.13
CA MET A 586 -4.81 22.78 12.24
C MET A 586 -6.27 23.02 12.58
N GLY A 587 -6.49 23.74 13.67
CA GLY A 587 -7.84 24.01 14.14
C GLY A 587 -8.48 22.89 14.92
N VAL A 588 -7.73 21.84 15.26
CA VAL A 588 -8.31 20.71 15.97
C VAL A 588 -8.69 21.11 17.39
N LYS A 589 -7.78 21.78 18.10
CA LYS A 589 -8.01 22.12 19.49
C LYS A 589 -7.93 23.62 19.76
N ALA A 590 -7.85 24.45 18.73
CA ALA A 590 -7.83 25.90 18.90
C ALA A 590 -8.18 26.56 17.58
N LYS A 591 -8.53 27.84 17.65
CA LYS A 591 -8.72 28.65 16.46
C LYS A 591 -8.22 30.05 16.75
N MET A 592 -7.74 30.72 15.70
CA MET A 592 -7.02 31.98 15.86
C MET A 592 -7.89 33.13 15.40
N ILE A 593 -8.00 34.15 16.25
CA ILE A 593 -8.72 35.38 15.94
C ILE A 593 -7.70 36.51 15.82
N ALA A 594 -7.83 37.33 14.77
CA ALA A 594 -6.88 38.38 14.49
C ALA A 594 -7.54 39.73 14.64
N VAL A 595 -6.93 40.60 15.43
CA VAL A 595 -7.40 41.98 15.61
C VAL A 595 -6.22 42.91 15.33
N THR A 596 -6.50 43.98 14.58
CA THR A 596 -5.47 44.93 14.18
C THR A 596 -5.57 46.19 15.02
N THR A 597 -4.41 46.82 15.26
CA THR A 597 -4.36 48.06 16.01
C THR A 597 -3.67 49.20 15.27
N THR A 598 -3.08 48.94 14.10
CA THR A 598 -2.44 49.97 13.31
C THR A 598 -3.04 49.98 11.91
N SER A 599 -3.24 51.19 11.37
CA SER A 599 -3.83 51.37 10.06
C SER A 599 -2.72 51.30 9.01
N GLY A 600 -2.71 50.22 8.23
CA GLY A 600 -1.76 50.14 7.14
C GLY A 600 -0.92 48.88 7.06
N THR A 601 -1.34 47.80 7.72
CA THR A 601 -0.69 46.51 7.55
C THR A 601 -1.78 45.44 7.57
N GLY A 602 -1.90 44.69 6.48
CA GLY A 602 -2.92 43.66 6.39
C GLY A 602 -2.43 42.30 6.82
N SER A 603 -1.66 42.23 7.90
CA SER A 603 -1.07 40.98 8.35
C SER A 603 -2.07 40.05 9.03
N GLU A 604 -3.30 40.52 9.27
CA GLU A 604 -4.33 39.71 9.90
C GLU A 604 -5.05 38.81 8.91
N VAL A 605 -4.70 38.87 7.64
CA VAL A 605 -5.42 38.17 6.58
C VAL A 605 -4.49 37.31 5.73
N THR A 606 -3.17 37.41 5.92
CA THR A 606 -2.22 36.71 5.07
C THR A 606 -1.59 35.52 5.81
N PRO A 607 -1.21 34.48 5.08
CA PRO A 607 -0.56 33.31 5.71
C PRO A 607 0.96 33.45 5.77
N PHE A 608 1.42 34.53 6.38
CA PHE A 608 2.84 34.85 6.43
C PHE A 608 3.30 34.97 7.87
N ALA A 609 4.52 34.49 8.12
CA ALA A 609 5.12 34.58 9.44
C ALA A 609 6.64 34.56 9.27
N VAL A 610 7.31 35.55 9.85
CA VAL A 610 8.76 35.66 9.79
C VAL A 610 9.31 35.54 11.21
N VAL A 611 10.23 34.60 11.41
CA VAL A 611 10.81 34.33 12.71
C VAL A 611 12.31 34.56 12.64
N THR A 612 12.83 35.37 13.54
CA THR A 612 14.26 35.65 13.63
C THR A 612 14.85 34.77 14.72
N ASP A 613 16.06 34.28 14.49
CA ASP A 613 16.77 33.51 15.51
C ASP A 613 17.77 34.41 16.23
N ASP A 614 17.58 34.54 17.55
CA ASP A 614 18.43 35.43 18.34
C ASP A 614 19.86 34.89 18.46
N ALA A 615 20.09 33.62 18.13
CA ALA A 615 21.44 33.07 18.22
C ALA A 615 22.38 33.74 17.22
N THR A 616 22.02 33.69 15.94
CA THR A 616 22.85 34.27 14.89
C THR A 616 22.24 35.53 14.27
N GLY A 617 20.92 35.57 14.10
CA GLY A 617 20.27 36.72 13.52
C GLY A 617 19.74 36.47 12.13
N GLN A 618 19.40 35.23 11.84
CA GLN A 618 18.89 34.83 10.53
C GLN A 618 17.37 34.69 10.59
N LYS A 619 16.72 35.11 9.51
CA LYS A 619 15.27 35.05 9.40
C LYS A 619 14.84 33.71 8.84
N TYR A 620 13.70 33.20 9.31
CA TYR A 620 13.15 31.93 8.88
C TYR A 620 11.71 32.17 8.46
N PRO A 621 11.49 32.69 7.26
CA PRO A 621 10.12 32.96 6.80
C PRO A 621 9.30 31.67 6.70
N LEU A 622 8.04 31.77 7.09
CA LEU A 622 7.08 30.68 6.98
C LEU A 622 5.88 31.18 6.19
N ALA A 623 5.38 30.36 5.28
CA ALA A 623 4.27 30.77 4.44
C ALA A 623 3.54 29.53 3.94
N ASP A 624 2.31 29.33 4.41
CA ASP A 624 1.43 28.31 3.86
C ASP A 624 0.01 28.66 4.29
N TYR A 625 -0.95 28.30 3.44
CA TYR A 625 -2.34 28.69 3.65
C TYR A 625 -3.02 27.83 4.71
N ALA A 626 -2.38 27.72 5.87
CA ALA A 626 -2.97 27.09 7.03
C ALA A 626 -2.80 27.91 8.29
N LEU A 627 -1.95 28.94 8.28
CA LEU A 627 -1.79 29.86 9.38
C LEU A 627 -2.73 31.05 9.28
N THR A 628 -3.58 31.10 8.27
CA THR A 628 -4.54 32.19 8.13
C THR A 628 -5.54 32.13 9.28
N PRO A 629 -5.84 33.26 9.93
CA PRO A 629 -6.81 33.23 11.02
C PRO A 629 -8.19 32.82 10.53
N ASP A 630 -8.96 32.23 11.43
CA ASP A 630 -10.33 31.86 11.15
C ASP A 630 -11.30 33.03 11.23
N MET A 631 -10.83 34.18 11.72
CA MET A 631 -11.66 35.36 11.85
C MET A 631 -10.76 36.57 11.99
N ALA A 632 -11.17 37.68 11.37
CA ALA A 632 -10.44 38.92 11.43
C ALA A 632 -11.38 40.05 11.82
N ILE A 633 -11.01 40.80 12.85
CA ILE A 633 -11.79 41.94 13.31
C ILE A 633 -11.09 43.20 12.81
N VAL A 634 -11.82 44.02 12.06
CA VAL A 634 -11.29 45.30 11.61
C VAL A 634 -12.08 46.41 12.30
N ASP A 635 -11.61 46.83 13.47
CA ASP A 635 -12.29 47.85 14.26
C ASP A 635 -11.45 49.11 14.27
N ALA A 636 -12.01 50.20 13.77
CA ALA A 636 -11.30 51.47 13.71
C ALA A 636 -11.64 52.40 14.87
N ASN A 637 -12.58 52.01 15.72
CA ASN A 637 -12.88 52.83 16.90
C ASN A 637 -11.72 52.86 17.87
N LEU A 638 -10.78 51.93 17.75
CA LEU A 638 -9.61 51.89 18.62
C LEU A 638 -8.44 52.71 18.08
N VAL A 639 -8.57 53.33 16.91
CA VAL A 639 -7.55 54.29 16.47
C VAL A 639 -8.17 55.64 16.16
N MET A 640 -8.34 56.46 17.19
CA MET A 640 -8.65 57.88 17.06
C MET A 640 -7.48 58.73 17.56
N ASP A 641 -6.60 58.13 18.36
CA ASP A 641 -5.45 58.83 18.92
C ASP A 641 -4.12 58.29 18.44
N MET A 642 -4.09 57.44 17.42
CA MET A 642 -2.85 56.92 16.85
C MET A 642 -1.99 58.09 16.39
N PRO A 643 -0.68 58.08 16.70
CA PRO A 643 0.17 59.22 16.33
C PRO A 643 0.14 59.52 14.84
N LYS A 644 0.05 60.81 14.49
CA LYS A 644 -0.07 61.19 13.09
C LYS A 644 1.17 60.79 12.29
N SER A 645 2.31 60.68 12.96
CA SER A 645 3.52 60.20 12.31
C SER A 645 3.37 58.74 11.90
N LEU A 646 2.70 57.95 12.74
CA LEU A 646 2.50 56.53 12.48
C LEU A 646 1.28 56.26 11.60
N CYS A 647 0.24 57.10 11.67
CA CYS A 647 -0.94 56.88 10.82
C CYS A 647 -0.57 56.93 9.35
N ALA A 648 0.30 57.86 8.96
CA ALA A 648 0.84 57.91 7.62
C ALA A 648 1.92 56.87 7.38
N PHE A 649 2.51 56.34 8.45
CA PHE A 649 3.62 55.39 8.29
C PHE A 649 3.12 54.08 7.70
N GLY A 650 2.06 53.51 8.26
CA GLY A 650 1.47 52.30 7.73
C GLY A 650 0.60 52.56 6.53
N GLY A 651 0.01 53.76 6.46
CA GLY A 651 -0.81 54.09 5.31
C GLY A 651 -0.05 54.03 4.01
N LEU A 652 1.21 54.47 4.02
CA LEU A 652 2.05 54.33 2.84
C LEU A 652 2.49 52.89 2.62
N ASP A 653 2.54 52.08 3.69
CA ASP A 653 2.85 50.67 3.52
C ASP A 653 1.78 49.96 2.73
N ALA A 654 0.50 50.27 2.99
CA ALA A 654 -0.59 49.66 2.24
C ALA A 654 -0.58 50.08 0.78
N VAL A 655 -0.11 51.29 0.50
CA VAL A 655 -0.01 51.74 -0.89
C VAL A 655 0.93 50.84 -1.67
N THR A 656 2.10 50.56 -1.13
CA THR A 656 3.01 49.62 -1.76
C THR A 656 2.54 48.18 -1.64
N HIS A 657 1.78 47.86 -0.59
CA HIS A 657 1.23 46.51 -0.47
C HIS A 657 0.28 46.19 -1.60
N ALA A 658 -0.57 47.14 -1.99
CA ALA A 658 -1.56 46.93 -3.04
C ALA A 658 -1.03 47.23 -4.43
N MET A 659 -0.21 48.27 -4.58
CA MET A 659 0.37 48.59 -5.88
C MET A 659 1.31 47.50 -6.38
N GLU A 660 1.96 46.77 -5.47
CA GLU A 660 2.89 45.71 -5.85
C GLU A 660 2.20 44.39 -6.17
N ALA A 661 1.04 44.12 -5.57
CA ALA A 661 0.30 42.90 -5.89
C ALA A 661 -0.39 42.98 -7.23
N TYR A 662 -0.75 44.18 -7.69
CA TYR A 662 -1.42 44.32 -8.99
C TYR A 662 -0.50 43.95 -10.14
N VAL A 663 0.76 44.36 -10.11
CA VAL A 663 1.72 44.06 -11.17
C VAL A 663 2.49 42.79 -10.90
N SER A 664 2.12 42.03 -9.88
CA SER A 664 2.80 40.79 -9.55
C SER A 664 2.57 39.75 -10.64
N VAL A 665 3.48 38.78 -10.71
CA VAL A 665 3.34 37.68 -11.66
C VAL A 665 2.13 36.81 -11.34
N LEU A 666 1.84 36.59 -10.06
CA LEU A 666 0.75 35.74 -9.63
C LEU A 666 -0.59 36.48 -9.59
N ALA A 667 -0.63 37.72 -10.05
CA ALA A 667 -1.87 38.49 -10.04
C ALA A 667 -2.92 37.81 -10.90
N SER A 668 -4.13 37.70 -10.36
CA SER A 668 -5.25 37.07 -11.04
C SER A 668 -6.42 38.05 -11.12
N GLU A 669 -7.48 37.63 -11.82
CA GLU A 669 -8.67 38.46 -11.92
C GLU A 669 -9.40 38.59 -10.59
N PHE A 670 -9.23 37.64 -9.68
CA PHE A 670 -9.90 37.71 -8.38
C PHE A 670 -9.29 38.81 -7.51
N SER A 671 -7.97 38.96 -7.55
CA SER A 671 -7.26 39.88 -6.66
C SER A 671 -6.90 41.19 -7.34
N ASP A 672 -7.46 41.46 -8.51
CA ASP A 672 -7.20 42.72 -9.21
C ASP A 672 -8.17 43.82 -8.81
N GLY A 673 -9.45 43.51 -8.65
CA GLY A 673 -10.40 44.53 -8.24
C GLY A 673 -10.13 45.05 -6.84
N GLN A 674 -9.84 44.14 -5.91
CA GLN A 674 -9.57 44.56 -4.54
C GLN A 674 -8.24 45.31 -4.44
N ALA A 675 -7.24 44.91 -5.24
CA ALA A 675 -5.99 45.65 -5.27
C ALA A 675 -6.18 47.06 -5.81
N LEU A 676 -7.02 47.24 -6.83
CA LEU A 676 -7.27 48.56 -7.38
C LEU A 676 -8.15 49.43 -6.50
N GLN A 677 -9.09 48.81 -5.76
CA GLN A 677 -9.94 49.59 -4.89
C GLN A 677 -9.15 50.23 -3.75
N ALA A 678 -8.11 49.56 -3.28
CA ALA A 678 -7.30 50.11 -2.20
C ALA A 678 -6.63 51.42 -2.63
N LEU A 679 -6.06 51.44 -3.84
CA LEU A 679 -5.43 52.66 -4.32
C LEU A 679 -6.45 53.76 -4.58
N LYS A 680 -7.67 53.38 -4.97
CA LYS A 680 -8.66 54.37 -5.38
C LYS A 680 -9.05 55.28 -4.22
N LEU A 681 -9.33 54.70 -3.05
CA LEU A 681 -9.82 55.51 -1.94
C LEU A 681 -8.70 56.16 -1.15
N LEU A 682 -7.44 55.81 -1.43
CA LEU A 682 -6.34 56.32 -0.63
C LEU A 682 -5.83 57.69 -1.11
N LYS A 683 -6.45 58.27 -2.13
CA LYS A 683 -6.02 59.59 -2.58
C LYS A 683 -7.02 60.70 -2.28
N GLU A 684 -8.22 60.38 -1.82
CA GLU A 684 -9.19 61.41 -1.45
C GLU A 684 -9.03 61.84 0.01
N TYR A 685 -9.04 60.89 0.94
CA TYR A 685 -9.08 61.28 2.34
C TYR A 685 -7.99 60.59 3.18
N LEU A 686 -7.06 59.85 2.57
CA LEU A 686 -5.92 59.38 3.35
C LEU A 686 -5.05 60.53 3.82
N PRO A 687 -4.69 61.53 2.99
CA PRO A 687 -4.05 62.74 3.54
C PRO A 687 -4.94 63.45 4.55
N ALA A 688 -6.25 63.42 4.37
CA ALA A 688 -7.16 64.01 5.33
C ALA A 688 -7.07 63.29 6.68
N SER A 689 -6.91 61.97 6.65
CA SER A 689 -6.72 61.21 7.87
C SER A 689 -5.44 61.63 8.59
N TYR A 690 -4.38 61.88 7.82
CA TYR A 690 -3.11 62.32 8.41
C TYR A 690 -3.21 63.73 8.96
N HIS A 691 -3.82 64.65 8.22
CA HIS A 691 -3.88 66.04 8.65
C HIS A 691 -4.87 66.27 9.78
N GLU A 692 -6.01 65.58 9.77
CA GLU A 692 -7.07 65.86 10.74
C GLU A 692 -6.95 64.84 11.87
N GLY A 693 -7.01 63.54 11.56
CA GLY A 693 -6.93 62.54 12.60
C GLY A 693 -8.18 62.48 13.43
N SER A 694 -8.41 63.48 14.27
CA SER A 694 -9.62 63.57 15.08
C SER A 694 -10.56 64.69 14.66
N LYS A 695 -10.06 65.70 13.95
CA LYS A 695 -10.91 66.78 13.46
C LYS A 695 -11.99 66.28 12.51
N ASN A 696 -11.67 65.30 11.67
CA ASN A 696 -12.67 64.51 10.96
C ASN A 696 -12.43 63.03 11.26
N PRO A 697 -13.46 62.32 11.69
CA PRO A 697 -13.32 60.89 11.96
C PRO A 697 -13.49 60.02 10.74
N VAL A 698 -14.39 60.43 9.83
CA VAL A 698 -14.89 59.55 8.79
C VAL A 698 -13.77 59.02 7.90
N ALA A 699 -12.72 59.81 7.69
CA ALA A 699 -11.62 59.35 6.86
C ALA A 699 -10.85 58.21 7.50
N ARG A 700 -10.79 58.19 8.83
CA ARG A 700 -9.86 57.29 9.52
C ARG A 700 -10.32 55.84 9.44
N GLU A 701 -11.63 55.58 9.59
CA GLU A 701 -12.08 54.20 9.45
C GLU A 701 -12.09 53.77 7.99
N ARG A 702 -12.34 54.72 7.08
CA ARG A 702 -12.30 54.39 5.66
C ARG A 702 -10.91 53.97 5.24
N VAL A 703 -9.88 54.66 5.73
CA VAL A 703 -8.51 54.27 5.43
C VAL A 703 -8.17 52.96 6.13
N HIS A 704 -8.62 52.80 7.38
CA HIS A 704 -8.30 51.59 8.14
C HIS A 704 -8.86 50.35 7.47
N SER A 705 -10.07 50.42 6.94
CA SER A 705 -10.66 49.29 6.23
C SER A 705 -9.93 48.96 4.93
N ALA A 706 -9.11 49.88 4.43
CA ALA A 706 -8.35 49.64 3.20
C ALA A 706 -7.08 48.83 3.42
N ALA A 707 -6.49 48.90 4.62
CA ALA A 707 -5.29 48.12 4.90
C ALA A 707 -5.58 46.64 4.73
N THR A 708 -6.73 46.18 5.20
CA THR A 708 -7.15 44.81 4.94
C THR A 708 -7.42 44.59 3.45
N ILE A 709 -8.03 45.58 2.80
CA ILE A 709 -8.31 45.46 1.37
C ILE A 709 -7.02 45.35 0.58
N ALA A 710 -6.00 46.12 0.96
CA ALA A 710 -4.68 45.92 0.37
C ALA A 710 -4.13 44.54 0.72
N GLY A 711 -4.33 44.10 1.97
CA GLY A 711 -3.81 42.82 2.40
C GLY A 711 -4.60 41.64 1.88
N ILE A 712 -5.90 41.83 1.61
CA ILE A 712 -6.72 40.72 1.13
C ILE A 712 -6.30 40.33 -0.28
N ALA A 713 -5.58 41.20 -0.99
CA ALA A 713 -5.13 40.93 -2.35
C ALA A 713 -3.73 40.33 -2.38
N PHE A 714 -2.78 40.89 -1.63
CA PHE A 714 -1.43 40.36 -1.66
C PHE A 714 -1.28 39.06 -0.87
N ALA A 715 -2.28 38.69 -0.06
CA ALA A 715 -2.28 37.37 0.53
C ALA A 715 -2.45 36.28 -0.51
N ASN A 716 -2.95 36.61 -1.69
CA ASN A 716 -3.11 35.66 -2.80
C ASN A 716 -2.06 35.85 -3.88
N ALA A 717 -1.54 37.06 -4.04
CA ALA A 717 -0.46 37.35 -4.98
C ALA A 717 0.70 37.97 -4.22
N PHE A 718 1.82 37.26 -4.17
CA PHE A 718 2.95 37.67 -3.36
C PHE A 718 3.49 39.01 -3.85
N LEU A 719 4.03 39.80 -2.91
CA LEU A 719 4.63 41.07 -3.25
C LEU A 719 5.90 40.86 -4.08
N GLY A 720 6.40 41.95 -4.64
CA GLY A 720 7.54 41.93 -5.52
C GLY A 720 8.84 42.23 -4.80
N VAL A 721 9.78 42.83 -5.53
CA VAL A 721 11.11 43.07 -4.96
C VAL A 721 11.12 44.26 -4.01
N CYS A 722 10.19 45.21 -4.17
CA CYS A 722 10.20 46.39 -3.31
C CYS A 722 10.04 46.02 -1.84
N HIS A 723 9.27 44.98 -1.55
CA HIS A 723 9.05 44.54 -0.19
C HIS A 723 10.15 43.60 0.30
N SER A 724 11.28 43.55 -0.39
CA SER A 724 12.43 42.78 0.02
C SER A 724 13.56 43.66 0.54
N MET A 725 13.96 44.67 -0.23
CA MET A 725 14.86 45.68 0.31
C MET A 725 14.21 46.46 1.44
N ALA A 726 12.87 46.52 1.47
CA ALA A 726 12.19 47.08 2.63
C ALA A 726 12.42 46.22 3.87
N HIS A 727 12.33 44.89 3.72
CA HIS A 727 12.61 44.00 4.83
C HIS A 727 14.05 44.12 5.30
N LYS A 728 14.98 44.20 4.34
CA LYS A 728 16.40 44.26 4.68
C LYS A 728 16.78 45.59 5.32
N LEU A 729 16.26 46.70 4.79
CA LEU A 729 16.57 48.01 5.36
C LEU A 729 16.05 48.14 6.79
N GLY A 730 14.85 47.63 7.04
CA GLY A 730 14.24 47.77 8.34
C GLY A 730 14.78 46.86 9.41
N SER A 731 15.70 45.96 9.08
CA SER A 731 16.28 45.04 10.04
C SER A 731 17.79 45.23 10.21
N GLN A 732 18.37 46.21 9.52
CA GLN A 732 19.81 46.43 9.62
C GLN A 732 20.10 47.83 10.15
N PHE A 733 19.35 48.82 9.67
CA PHE A 733 19.46 50.19 10.16
C PHE A 733 18.41 50.54 11.19
N HIS A 734 17.60 49.55 11.61
CA HIS A 734 16.61 49.72 12.67
C HIS A 734 15.54 50.74 12.30
N ILE A 735 15.44 51.09 11.02
CA ILE A 735 14.36 51.96 10.56
C ILE A 735 13.08 51.12 10.56
N PRO A 736 11.91 51.73 10.79
CA PRO A 736 10.69 50.94 10.89
C PRO A 736 10.05 50.65 9.55
N HIS A 737 9.45 49.46 9.46
CA HIS A 737 8.82 49.03 8.22
C HIS A 737 7.65 49.95 7.87
N GLY A 738 7.55 50.30 6.59
CA GLY A 738 6.62 51.31 6.15
C GLY A 738 7.37 52.52 5.65
N LEU A 739 8.42 52.90 6.38
CA LEU A 739 9.34 53.91 5.87
C LEU A 739 10.19 53.35 4.74
N ALA A 740 10.66 52.11 4.88
CA ALA A 740 11.66 51.57 3.96
C ALA A 740 11.11 51.51 2.53
N ASN A 741 9.88 51.03 2.37
CA ASN A 741 9.29 50.96 1.05
C ASN A 741 8.61 52.26 0.64
N ALA A 742 8.61 53.27 1.50
CA ALA A 742 8.01 54.55 1.17
C ALA A 742 8.89 55.41 0.26
N LEU A 743 10.21 55.34 0.41
CA LEU A 743 11.09 56.22 -0.34
C LEU A 743 11.83 55.52 -1.47
N LEU A 744 11.68 54.20 -1.61
CA LEU A 744 12.22 53.49 -2.75
C LEU A 744 11.13 52.98 -3.69
N ILE A 745 9.86 53.13 -3.35
CA ILE A 745 8.79 52.85 -4.29
C ILE A 745 8.85 53.82 -5.47
N CYS A 746 9.25 55.06 -5.21
CA CYS A 746 9.39 56.04 -6.28
C CYS A 746 10.65 55.82 -7.12
N ASN A 747 11.40 54.76 -6.86
CA ASN A 747 12.60 54.47 -7.62
C ASN A 747 12.55 53.06 -8.20
N VAL A 748 11.78 52.18 -7.56
CA VAL A 748 11.65 50.82 -8.07
C VAL A 748 10.62 50.74 -9.19
N ILE A 749 9.74 51.73 -9.33
CA ILE A 749 8.80 51.74 -10.43
C ILE A 749 9.52 52.00 -11.75
N ARG A 750 10.47 52.94 -11.74
CA ARG A 750 11.22 53.25 -12.95
C ARG A 750 12.02 52.06 -13.43
N TYR A 751 12.45 51.18 -12.51
CA TYR A 751 13.17 49.96 -12.83
C TYR A 751 12.24 48.80 -13.19
N ASN A 752 10.99 49.09 -13.52
CA ASN A 752 10.05 48.06 -13.97
C ASN A 752 9.38 48.42 -15.28
N ALA A 753 9.77 49.51 -15.93
CA ALA A 753 9.19 49.93 -17.21
C ALA A 753 10.34 50.41 -18.09
N ASN A 754 10.91 49.49 -18.86
CA ASN A 754 12.01 49.78 -19.77
C ASN A 754 12.25 48.56 -20.66
N ASP A 755 13.28 48.64 -21.51
CA ASP A 755 13.65 47.49 -22.33
C ASP A 755 14.13 46.34 -21.46
N ASN A 756 14.99 46.65 -20.47
CA ASN A 756 15.53 45.65 -19.56
C ASN A 756 16.22 44.50 -20.30
N THR A 758 17.88 41.90 -19.36
CA THR A 758 17.85 40.70 -18.53
C THR A 758 16.48 40.54 -17.87
N LYS A 759 15.65 39.67 -18.45
CA LYS A 759 14.32 39.43 -17.93
C LYS A 759 14.07 37.93 -17.89
N GLN A 760 13.32 37.49 -16.87
CA GLN A 760 12.94 36.09 -16.79
C GLN A 760 11.98 35.76 -17.94
N THR A 761 12.17 34.60 -18.55
CA THR A 761 11.49 34.26 -19.79
C THR A 761 10.56 33.06 -19.57
N ALA A 762 9.60 32.93 -20.49
CA ALA A 762 8.49 31.99 -20.51
C ALA A 762 7.40 32.40 -19.51
N PHE A 763 7.64 33.39 -18.66
CA PHE A 763 6.61 33.99 -17.83
C PHE A 763 6.86 35.49 -17.77
N SER A 764 5.78 36.26 -17.60
CA SER A 764 5.80 37.71 -17.54
C SER A 764 6.30 38.35 -18.84
N GLN A 765 6.50 37.56 -19.88
CA GLN A 765 6.91 38.07 -21.19
C GLN A 765 5.87 37.80 -22.26
N TYR A 766 5.26 36.62 -22.27
CA TYR A 766 4.20 36.31 -23.22
C TYR A 766 2.94 35.81 -22.52
N ASP A 767 3.07 35.08 -21.41
CA ASP A 767 1.90 34.64 -20.66
C ASP A 767 1.19 35.83 -20.01
N ARG A 768 1.96 36.70 -19.35
CA ARG A 768 1.47 37.96 -18.82
C ARG A 768 1.81 39.10 -19.77
N PRO A 769 0.92 40.10 -19.91
CA PRO A 769 1.12 41.09 -20.98
C PRO A 769 2.39 41.92 -20.81
N GLN A 770 2.51 42.61 -19.69
CA GLN A 770 3.65 43.48 -19.40
C GLN A 770 3.44 44.06 -18.01
N ALA A 771 4.44 44.80 -17.54
CA ALA A 771 4.34 45.55 -16.30
C ALA A 771 4.29 47.05 -16.51
N ARG A 772 4.80 47.55 -17.64
CA ARG A 772 4.80 49.00 -17.87
C ARG A 772 3.39 49.53 -18.11
N ARG A 773 2.57 48.76 -18.81
CA ARG A 773 1.21 49.22 -19.09
C ARG A 773 0.25 48.93 -17.94
N ARG A 774 0.60 48.02 -17.04
CA ARG A 774 -0.22 47.82 -15.85
C ARG A 774 -0.16 49.02 -14.93
N TYR A 775 1.01 49.64 -14.81
CA TYR A 775 1.10 50.91 -14.09
C TYR A 775 0.32 52.01 -14.81
N ALA A 776 0.20 51.92 -16.14
CA ALA A 776 -0.56 52.91 -16.87
C ALA A 776 -2.04 52.87 -16.51
N GLU A 777 -2.56 51.68 -16.16
CA GLU A 777 -3.95 51.59 -15.74
C GLU A 777 -4.20 52.35 -14.44
N ILE A 778 -3.22 52.39 -13.55
CA ILE A 778 -3.39 53.11 -12.29
C ILE A 778 -3.63 54.59 -12.55
N ALA A 779 -2.86 55.18 -13.46
CA ALA A 779 -2.98 56.62 -13.71
C ALA A 779 -4.35 56.99 -14.24
N ASP A 780 -5.01 56.09 -14.96
CA ASP A 780 -6.35 56.36 -15.45
C ASP A 780 -7.44 55.84 -14.53
N HIS A 781 -7.20 54.72 -13.84
CA HIS A 781 -8.16 54.25 -12.83
C HIS A 781 -8.28 55.24 -11.70
N LEU A 782 -7.16 55.82 -11.26
CA LEU A 782 -7.19 56.82 -10.20
C LEU A 782 -7.55 58.21 -10.72
N GLY A 783 -7.61 58.39 -12.04
CA GLY A 783 -8.08 59.63 -12.63
C GLY A 783 -7.12 60.79 -12.53
N LEU A 784 -5.91 60.62 -13.06
CA LEU A 784 -4.93 61.69 -13.13
C LEU A 784 -4.24 61.70 -14.49
N SER A 785 -4.99 61.41 -15.55
CA SER A 785 -4.45 61.34 -16.89
C SER A 785 -5.26 62.22 -17.82
N ALA A 786 -4.56 62.87 -18.76
CA ALA A 786 -5.23 63.68 -19.77
C ALA A 786 -6.00 62.78 -20.73
N PRO A 787 -7.04 63.30 -21.38
CA PRO A 787 -7.79 62.47 -22.35
C PRO A 787 -6.93 61.93 -23.47
N GLY A 788 -5.97 62.71 -23.96
CA GLY A 788 -5.03 62.22 -24.95
C GLY A 788 -3.59 62.36 -24.49
N ASP A 789 -2.93 61.23 -24.25
CA ASP A 789 -1.56 61.23 -23.77
C ASP A 789 -0.93 59.88 -24.05
N ARG A 790 0.38 59.83 -23.90
CA ARG A 790 1.17 58.63 -24.17
C ARG A 790 1.50 57.92 -22.86
N THR A 791 1.66 56.60 -22.96
CA THR A 791 1.94 55.77 -21.79
C THR A 791 3.23 56.18 -21.09
N ALA A 792 4.28 56.52 -21.83
CA ALA A 792 5.54 56.91 -21.22
C ALA A 792 5.36 58.16 -20.35
N ALA A 793 4.63 59.15 -20.86
CA ALA A 793 4.31 60.33 -20.06
C ALA A 793 3.19 60.07 -19.05
N LYS A 794 2.42 58.99 -19.24
CA LYS A 794 1.33 58.69 -18.31
C LYS A 794 1.87 58.27 -16.94
N ILE A 795 2.96 57.49 -16.92
CA ILE A 795 3.57 57.11 -15.66
C ILE A 795 4.19 58.31 -14.97
N GLU A 796 4.64 59.31 -15.74
CA GLU A 796 5.29 60.48 -15.16
C GLU A 796 4.37 61.21 -14.19
N LYS A 797 3.09 61.39 -14.56
CA LYS A 797 2.17 62.07 -13.67
C LYS A 797 1.81 61.23 -12.46
N LEU A 798 1.77 59.90 -12.58
CA LEU A 798 1.59 59.05 -11.41
C LEU A 798 2.74 59.23 -10.43
N LEU A 799 3.97 59.21 -10.94
CA LEU A 799 5.14 59.43 -10.08
C LEU A 799 5.13 60.83 -9.49
N ALA A 800 4.66 61.82 -10.26
CA ALA A 800 4.54 63.17 -9.73
C ALA A 800 3.55 63.22 -8.57
N TRP A 801 2.42 62.53 -8.72
CA TRP A 801 1.45 62.47 -7.62
C TRP A 801 2.07 61.81 -6.40
N LEU A 802 2.82 60.72 -6.61
CA LEU A 802 3.48 60.05 -5.49
C LEU A 802 4.49 60.97 -4.81
N GLU A 803 5.21 61.77 -5.58
CA GLU A 803 6.17 62.69 -4.98
C GLU A 803 5.49 63.81 -4.21
N THR A 804 4.48 64.46 -4.83
CA THR A 804 3.85 65.60 -4.19
C THR A 804 2.91 65.23 -3.06
N LEU A 805 2.51 63.96 -2.93
CA LEU A 805 1.77 63.59 -1.73
C LEU A 805 2.65 63.69 -0.49
N LYS A 806 3.92 63.30 -0.59
CA LYS A 806 4.83 63.37 0.55
C LYS A 806 5.09 64.79 1.01
N ALA A 807 4.86 65.78 0.15
CA ALA A 807 5.06 67.17 0.53
C ALA A 807 4.17 67.58 1.70
N GLU A 808 3.05 66.91 1.90
CA GLU A 808 2.19 67.16 3.05
C GLU A 808 2.12 65.91 3.92
N LEU A 809 2.41 64.75 3.32
CA LEU A 809 2.39 63.48 4.04
C LEU A 809 3.52 63.38 5.06
N GLY A 810 4.65 64.05 4.83
CA GLY A 810 5.72 64.07 5.81
C GLY A 810 6.64 62.86 5.74
N ILE A 811 7.28 62.66 4.58
CA ILE A 811 8.19 61.54 4.39
C ILE A 811 9.54 62.09 3.92
N PRO A 812 10.67 61.59 4.44
CA PRO A 812 11.97 62.10 4.01
C PRO A 812 12.25 61.86 2.54
N LYS A 813 13.03 62.73 1.92
CA LYS A 813 13.31 62.67 0.49
C LYS A 813 14.42 61.69 0.13
N SER A 814 15.20 61.23 1.11
CA SER A 814 16.29 60.31 0.84
C SER A 814 16.53 59.44 2.06
N ILE A 815 17.13 58.27 1.83
CA ILE A 815 17.42 57.35 2.93
C ILE A 815 18.47 57.94 3.86
N ARG A 816 19.44 58.68 3.29
CA ARG A 816 20.37 59.41 4.14
C ARG A 816 19.63 60.47 4.96
N GLU A 817 18.66 61.14 4.34
CA GLU A 817 17.86 62.13 5.05
C GLU A 817 16.95 61.47 6.07
N ALA A 818 16.75 60.15 5.97
CA ALA A 818 15.91 59.45 6.94
C ALA A 818 16.59 59.32 8.29
N GLY A 819 17.87 59.67 8.38
CA GLY A 819 18.57 59.63 9.65
C GLY A 819 19.72 58.65 9.69
N VAL A 820 20.37 58.42 8.55
CA VAL A 820 21.51 57.52 8.46
C VAL A 820 22.70 58.29 7.92
N GLN A 821 23.83 58.21 8.62
CA GLN A 821 25.03 58.96 8.27
C GLN A 821 25.91 58.19 7.30
N GLU A 822 26.88 58.90 6.73
CA GLU A 822 27.70 58.41 5.62
C GLU A 822 28.91 57.64 6.12
N ALA A 823 28.65 56.63 6.96
CA ALA A 823 29.77 55.81 7.46
C ALA A 823 29.51 54.32 7.29
N ASP A 824 28.25 53.89 7.46
CA ASP A 824 27.93 52.47 7.53
C ASP A 824 27.02 52.06 6.38
N PHE A 825 27.19 52.69 5.23
CA PHE A 825 26.45 52.24 4.06
C PHE A 825 27.36 51.74 2.94
N LEU A 826 28.44 52.47 2.65
CA LEU A 826 29.35 52.05 1.59
C LEU A 826 30.02 50.71 1.90
N ALA A 827 30.12 50.35 3.17
CA ALA A 827 30.69 49.07 3.57
C ALA A 827 29.65 47.99 3.86
N ASN A 828 28.39 48.37 4.01
CA ASN A 828 27.33 47.42 4.33
C ASN A 828 26.36 47.20 3.20
N VAL A 829 26.52 47.89 2.07
CA VAL A 829 25.58 47.75 0.96
C VAL A 829 25.71 46.39 0.30
N ASP A 830 26.94 45.90 0.13
CA ASP A 830 27.14 44.64 -0.59
C ASP A 830 26.50 43.47 0.16
N LYS A 831 26.72 43.39 1.47
CA LYS A 831 25.99 42.43 2.29
C LYS A 831 24.49 42.66 2.20
N LEU A 832 24.06 43.91 2.20
CA LEU A 832 22.65 44.28 2.17
C LEU A 832 21.98 44.03 0.83
N SER A 833 22.66 44.30 -0.30
CA SER A 833 22.04 44.16 -1.61
C SER A 833 21.84 42.70 -1.98
N GLU A 834 22.86 41.87 -1.82
CA GLU A 834 22.82 40.48 -2.26
C GLU A 834 21.96 39.61 -1.36
N ASP A 835 21.57 40.11 -0.18
CA ASP A 835 20.66 39.40 0.70
C ASP A 835 19.20 39.61 0.33
N ALA A 836 18.83 40.80 -0.15
CA ALA A 836 17.46 41.06 -0.56
C ALA A 836 17.06 40.26 -1.79
N PHE A 837 18.03 39.82 -2.59
CA PHE A 837 17.71 39.03 -3.77
C PHE A 837 17.05 37.71 -3.40
N ASP A 838 17.48 37.08 -2.32
CA ASP A 838 16.98 35.77 -1.92
C ASP A 838 15.79 35.84 -0.97
N ASP A 839 15.42 37.06 -0.55
CA ASP A 839 14.35 37.24 0.47
C ASP A 839 12.91 37.01 -0.01
N GLN A 840 12.52 35.75 -0.24
CA GLN A 840 11.12 35.41 -0.60
C GLN A 840 10.56 36.46 -1.57
N CYS A 841 11.33 36.84 -2.59
CA CYS A 841 10.86 37.77 -3.60
C CYS A 841 11.27 37.23 -4.95
N THR A 842 11.11 38.07 -5.98
CA THR A 842 11.40 37.74 -7.38
C THR A 842 10.40 36.73 -7.92
N GLY A 843 9.51 36.23 -7.06
CA GLY A 843 8.34 35.54 -7.56
C GLY A 843 7.40 36.49 -8.30
N ALA A 844 7.19 37.65 -7.70
CA ALA A 844 6.53 38.77 -8.37
C ALA A 844 7.62 39.63 -9.01
N ASN A 845 7.29 40.88 -9.36
CA ASN A 845 8.27 41.78 -9.97
C ASN A 845 8.80 41.18 -11.26
N PRO A 846 8.00 41.19 -12.34
CA PRO A 846 8.36 40.49 -13.58
C PRO A 846 9.83 40.57 -13.99
N ARG A 847 10.50 41.67 -13.68
CA ARG A 847 11.92 41.77 -13.98
C ARG A 847 12.72 40.82 -13.10
N TYR A 848 13.61 40.07 -13.72
CA TYR A 848 14.54 39.25 -12.95
C TYR A 848 15.69 40.13 -12.46
N PRO A 849 15.85 40.31 -11.16
CA PRO A 849 16.86 41.25 -10.66
C PRO A 849 18.25 40.66 -10.64
N LEU A 850 19.23 41.55 -10.62
CA LEU A 850 20.64 41.19 -10.49
C LEU A 850 21.24 41.99 -9.34
N ILE A 851 22.24 41.40 -8.67
CA ILE A 851 22.95 42.15 -7.63
C ILE A 851 23.62 43.37 -8.22
N SER A 852 24.11 43.27 -9.45
CA SER A 852 24.76 44.41 -10.09
C SER A 852 23.79 45.56 -10.34
N GLU A 853 22.48 45.31 -10.36
CA GLU A 853 21.49 46.35 -10.57
C GLU A 853 20.63 46.61 -9.35
N LEU A 854 20.90 45.96 -8.21
CA LEU A 854 20.21 46.26 -6.96
C LEU A 854 21.03 47.11 -6.02
N LYS A 855 22.19 47.61 -6.46
CA LYS A 855 22.99 48.50 -5.63
C LYS A 855 22.85 49.96 -5.99
N GLN A 856 22.95 50.31 -7.28
CA GLN A 856 22.80 51.72 -7.66
C GLN A 856 21.40 52.24 -7.34
N ILE A 857 20.43 51.34 -7.21
CA ILE A 857 19.11 51.77 -6.72
C ILE A 857 19.22 52.21 -5.27
N LEU A 858 20.06 51.52 -4.48
CA LEU A 858 20.30 51.90 -3.09
C LEU A 858 21.28 53.05 -2.96
N LEU A 859 22.22 53.19 -3.91
CA LEU A 859 23.13 54.32 -3.91
C LEU A 859 22.49 55.60 -4.43
N ASP A 860 21.54 55.49 -5.36
CA ASP A 860 20.85 56.67 -5.87
C ASP A 860 19.89 57.27 -4.86
N THR A 861 19.21 56.44 -4.06
CA THR A 861 18.36 56.96 -3.00
C THR A 861 19.14 57.63 -1.88
N TYR A 862 20.40 57.25 -1.67
CA TYR A 862 21.17 57.83 -0.58
C TYR A 862 21.44 59.32 -0.80
N TYR A 863 21.88 59.70 -2.00
CA TYR A 863 22.17 61.09 -2.28
C TYR A 863 20.94 61.85 -2.77
N GLY A 864 19.79 61.20 -2.85
CA GLY A 864 18.57 61.83 -3.32
C GLY A 864 18.50 62.01 -4.81
N ARG A 865 19.48 61.53 -5.56
CA ARG A 865 19.47 61.66 -7.00
C ARG A 865 18.39 60.76 -7.60
N ASP A 866 17.84 61.20 -8.73
CA ASP A 866 16.82 60.45 -9.44
C ASP A 866 17.49 59.52 -10.44
N TYR A 867 17.04 58.27 -10.47
CA TYR A 867 17.63 57.28 -11.35
C TYR A 867 17.39 57.65 -12.82
N VAL A 868 18.43 57.48 -13.63
CA VAL A 868 18.31 57.59 -15.09
C VAL A 868 19.45 56.79 -15.69
N GLU A 869 19.24 56.28 -16.90
CA GLU A 869 20.28 55.55 -17.62
C GLU A 869 20.85 56.40 -18.75
N MET B 1 44.66 19.83 10.24
CA MET B 1 45.90 19.85 9.48
C MET B 1 45.67 19.63 8.00
N ALA B 2 46.68 19.92 7.19
CA ALA B 2 46.60 19.80 5.74
C ALA B 2 47.32 18.56 5.26
N VAL B 3 46.91 18.06 4.10
CA VAL B 3 47.48 16.86 3.49
C VAL B 3 48.34 17.29 2.29
N THR B 4 49.52 16.69 2.18
CA THR B 4 50.44 16.99 1.09
C THR B 4 50.59 15.81 0.12
N ASN B 5 50.86 14.62 0.64
CA ASN B 5 51.03 13.45 -0.20
C ASN B 5 50.33 12.23 0.38
N VAL B 6 50.60 11.05 -0.20
CA VAL B 6 49.91 9.83 0.20
C VAL B 6 50.23 9.46 1.65
N ALA B 7 51.41 9.86 2.14
CA ALA B 7 51.82 9.50 3.49
C ALA B 7 50.84 9.99 4.55
N GLU B 8 50.24 11.16 4.35
CA GLU B 8 49.22 11.65 5.27
C GLU B 8 47.81 11.29 4.85
N LEU B 9 47.58 11.00 3.57
CA LEU B 9 46.27 10.49 3.17
C LEU B 9 45.99 9.13 3.80
N ASN B 10 47.02 8.28 3.90
CA ASN B 10 46.84 6.98 4.52
C ASN B 10 46.47 7.11 6.00
N ALA B 11 47.03 8.11 6.69
CA ALA B 11 46.64 8.38 8.07
C ALA B 11 45.27 9.03 8.16
N LEU B 12 44.92 9.88 7.20
CA LEU B 12 43.60 10.51 7.20
C LEU B 12 42.50 9.47 7.07
N VAL B 13 42.69 8.49 6.18
CA VAL B 13 41.63 7.52 5.95
C VAL B 13 41.40 6.65 7.19
N GLU B 14 42.43 6.43 8.01
CA GLU B 14 42.26 5.66 9.23
C GLU B 14 41.32 6.35 10.21
N ARG B 15 41.44 7.67 10.34
CA ARG B 15 40.56 8.41 11.23
C ARG B 15 39.10 8.31 10.79
N VAL B 16 38.87 8.42 9.48
CA VAL B 16 37.50 8.32 8.97
C VAL B 16 36.96 6.91 9.15
N LYS B 17 37.82 5.90 8.96
CA LYS B 17 37.40 4.52 9.20
C LYS B 17 36.99 4.33 10.65
N LYS B 18 37.80 4.82 11.58
CA LYS B 18 37.50 4.66 13.00
C LYS B 18 36.22 5.40 13.37
N ALA B 19 36.02 6.61 12.82
CA ALA B 19 34.81 7.36 13.10
C ALA B 19 33.58 6.68 12.52
N GLN B 20 33.69 6.10 11.32
CA GLN B 20 32.54 5.40 10.73
C GLN B 20 32.20 4.16 11.55
N ARG B 21 33.21 3.45 12.05
CA ARG B 21 32.94 2.30 12.90
C ARG B 21 32.09 2.68 14.10
N GLU B 22 32.36 3.83 14.71
CA GLU B 22 31.51 4.34 15.78
C GLU B 22 30.14 4.70 15.24
N TYR B 23 30.09 5.48 14.16
CA TYR B 23 28.83 6.06 13.69
C TYR B 23 27.88 4.99 13.16
N ALA B 24 28.40 3.80 12.82
CA ALA B 24 27.56 2.73 12.32
C ALA B 24 26.60 2.17 13.36
N SER B 25 26.85 2.43 14.66
CA SER B 25 26.03 1.91 15.74
C SER B 25 24.87 2.84 16.09
N PHE B 26 24.81 4.03 15.52
CA PHE B 26 23.72 4.95 15.82
C PHE B 26 22.40 4.42 15.30
N THR B 27 21.32 4.76 16.00
CA THR B 27 19.99 4.31 15.63
C THR B 27 19.27 5.40 14.85
N GLN B 28 18.03 5.09 14.44
CA GLN B 28 17.26 6.01 13.62
C GLN B 28 16.90 7.30 14.36
N GLU B 29 16.84 7.24 15.69
CA GLU B 29 16.36 8.39 16.46
C GLU B 29 17.27 9.60 16.30
N GLN B 30 18.57 9.42 16.53
CA GLN B 30 19.52 10.52 16.46
C GLN B 30 20.24 10.60 15.12
N VAL B 31 19.89 9.74 14.17
CA VAL B 31 20.41 9.90 12.81
C VAL B 31 19.55 10.85 12.00
N ASP B 32 18.28 11.03 12.35
CA ASP B 32 17.47 12.06 11.74
C ASP B 32 17.77 13.44 12.31
N LYS B 33 18.13 13.51 13.60
CA LYS B 33 18.52 14.78 14.19
C LYS B 33 19.77 15.34 13.53
N ILE B 34 20.76 14.47 13.26
CA ILE B 34 21.94 14.91 12.54
C ILE B 34 21.58 15.28 11.11
N PHE B 35 20.69 14.50 10.49
CA PHE B 35 20.24 14.82 9.14
C PHE B 35 19.55 16.18 9.09
N ARG B 36 18.67 16.46 10.07
CA ARG B 36 17.97 17.73 10.08
C ARG B 36 18.92 18.90 10.32
N ALA B 37 19.85 18.76 11.25
CA ALA B 37 20.78 19.83 11.55
C ALA B 37 21.73 20.12 10.40
N ALA B 38 22.10 19.10 9.63
CA ALA B 38 23.00 19.29 8.49
C ALA B 38 22.30 19.96 7.31
N ALA B 39 21.02 19.67 7.10
CA ALA B 39 20.28 20.29 6.01
C ALA B 39 20.10 21.79 6.23
N LEU B 40 19.91 22.21 7.49
CA LEU B 40 19.73 23.63 7.77
C LEU B 40 20.97 24.42 7.39
N ALA B 41 22.14 23.98 7.85
CA ALA B 41 23.37 24.72 7.58
C ALA B 41 23.69 24.77 6.09
N ALA B 42 23.27 23.77 5.32
CA ALA B 42 23.45 23.85 3.88
C ALA B 42 22.59 24.94 3.27
N ALA B 43 21.32 25.01 3.67
CA ALA B 43 20.43 26.05 3.16
C ALA B 43 20.73 27.40 3.79
N ASP B 44 21.01 27.43 5.10
CA ASP B 44 21.30 28.70 5.77
C ASP B 44 22.62 29.31 5.31
N ALA B 45 23.47 28.54 4.64
CA ALA B 45 24.75 29.04 4.17
C ALA B 45 24.87 28.84 2.68
N ARG B 46 23.84 29.23 1.93
CA ARG B 46 23.87 29.13 0.48
C ARG B 46 24.51 30.34 -0.19
N ILE B 47 24.60 31.48 0.49
CA ILE B 47 25.29 32.63 -0.11
C ILE B 47 26.38 33.24 0.75
N PRO B 48 27.20 32.45 1.49
CA PRO B 48 28.56 32.90 1.76
C PRO B 48 29.55 32.19 0.85
N LEU B 49 29.06 31.17 0.15
CA LEU B 49 29.92 30.31 -0.66
C LEU B 49 29.65 30.41 -2.15
N ALA B 50 28.42 30.71 -2.57
CA ALA B 50 28.17 30.98 -3.98
C ALA B 50 28.96 32.18 -4.45
N LYS B 51 29.15 33.18 -3.59
CA LYS B 51 29.98 34.32 -3.93
C LYS B 51 31.43 33.90 -4.12
N MET B 52 31.94 33.03 -3.26
CA MET B 52 33.33 32.60 -3.32
C MET B 52 33.51 31.30 -4.08
N ALA B 53 32.44 30.79 -4.71
CA ALA B 53 32.57 29.67 -5.64
C ALA B 53 32.90 30.13 -7.06
N VAL B 54 32.92 31.44 -7.29
CA VAL B 54 33.25 31.98 -8.60
C VAL B 54 34.48 32.86 -8.57
N ALA B 55 34.94 33.31 -7.40
CA ALA B 55 36.11 34.18 -7.33
C ALA B 55 37.35 33.46 -7.83
N GLU B 56 37.54 32.20 -7.44
CA GLU B 56 38.69 31.42 -7.90
C GLU B 56 38.37 30.52 -9.07
N SER B 57 37.10 30.14 -9.24
CA SER B 57 36.72 29.34 -10.39
C SER B 57 36.73 30.16 -11.67
N GLY B 58 36.27 31.40 -11.60
CA GLY B 58 36.25 32.28 -12.74
C GLY B 58 35.15 32.02 -13.75
N MET B 59 34.23 31.11 -13.45
CA MET B 59 33.14 30.78 -14.37
C MET B 59 31.83 30.67 -13.60
N GLY B 60 30.74 30.95 -14.30
CA GLY B 60 29.42 30.96 -13.70
C GLY B 60 29.05 32.32 -13.13
N ILE B 61 27.79 32.43 -12.72
CA ILE B 61 27.26 33.66 -12.14
C ILE B 61 26.76 33.36 -10.74
N VAL B 62 26.88 34.35 -9.85
CA VAL B 62 26.47 34.17 -8.46
C VAL B 62 24.97 33.95 -8.37
N GLU B 63 24.20 34.63 -9.22
CA GLU B 63 22.75 34.66 -9.07
C GLU B 63 22.14 33.26 -9.18
N ASP B 64 22.47 32.53 -10.24
CA ASP B 64 21.84 31.25 -10.50
C ASP B 64 22.44 30.12 -9.67
N LYS B 65 23.63 30.30 -9.09
CA LYS B 65 24.15 29.32 -8.15
C LYS B 65 23.46 29.37 -6.80
N VAL B 66 22.76 30.47 -6.49
CA VAL B 66 22.03 30.56 -5.24
C VAL B 66 20.83 29.62 -5.24
N ILE B 67 20.06 29.63 -6.33
CA ILE B 67 18.91 28.75 -6.43
C ILE B 67 19.35 27.30 -6.53
N LYS B 68 20.44 27.03 -7.25
CA LYS B 68 20.93 25.66 -7.39
C LYS B 68 21.33 25.08 -6.04
N ASN B 69 22.04 25.87 -5.23
CA ASN B 69 22.39 25.41 -3.89
C ASN B 69 21.16 25.25 -3.01
N HIS B 70 20.23 26.20 -3.08
CA HIS B 70 19.02 26.13 -2.27
C HIS B 70 18.16 24.93 -2.65
N PHE B 71 17.99 24.70 -3.95
CA PHE B 71 17.13 23.60 -4.40
C PHE B 71 17.71 22.24 -4.03
N ALA B 72 19.02 22.09 -4.18
CA ALA B 72 19.68 20.83 -3.87
C ALA B 72 19.77 20.55 -2.37
N SER B 73 19.71 21.59 -1.53
CA SER B 73 19.81 21.41 -0.09
C SER B 73 18.47 21.11 0.57
N GLU B 74 17.36 21.48 -0.05
CA GLU B 74 16.04 21.25 0.52
C GLU B 74 15.28 20.11 -0.14
N TYR B 75 15.63 19.74 -1.37
CA TYR B 75 14.98 18.60 -2.01
C TYR B 75 15.38 17.30 -1.33
N ILE B 76 16.64 17.19 -0.90
CA ILE B 76 17.11 15.97 -0.26
C ILE B 76 16.38 15.73 1.05
N TYR B 77 16.20 16.78 1.86
CA TYR B 77 15.51 16.67 3.14
C TYR B 77 14.00 16.57 2.96
N ASN B 78 13.50 16.79 1.76
CA ASN B 78 12.05 16.71 1.56
C ASN B 78 11.59 15.42 0.90
N ALA B 79 12.49 14.55 0.45
CA ALA B 79 12.13 13.24 -0.07
C ALA B 79 12.65 12.10 0.76
N TYR B 80 13.73 12.28 1.50
CA TYR B 80 14.32 11.24 2.33
C TYR B 80 14.25 11.58 3.82
N LYS B 81 13.38 12.51 4.21
CA LYS B 81 13.30 12.92 5.61
C LYS B 81 12.87 11.78 6.51
N ASP B 82 11.83 11.05 6.11
CA ASP B 82 11.24 9.99 6.93
C ASP B 82 11.18 8.67 6.14
N GLU B 83 12.30 7.97 6.12
CA GLU B 83 12.35 6.63 5.56
C GLU B 83 13.36 5.83 6.36
N LYS B 84 13.09 4.53 6.51
CA LYS B 84 13.89 3.68 7.39
C LYS B 84 15.16 3.28 6.67
N THR B 85 16.30 3.80 7.14
CA THR B 85 17.61 3.40 6.66
C THR B 85 18.48 2.80 7.76
N CYS B 86 17.92 2.63 8.96
CA CYS B 86 18.68 2.11 10.09
C CYS B 86 17.80 1.12 10.85
N GLY B 87 18.46 0.17 11.51
CA GLY B 87 17.73 -0.79 12.33
C GLY B 87 16.84 -1.68 11.49
N VAL B 88 15.70 -2.06 12.07
CA VAL B 88 14.76 -2.98 11.44
C VAL B 88 13.94 -2.20 10.40
N LEU B 89 13.81 -2.78 9.20
CA LEU B 89 13.04 -2.16 8.12
C LEU B 89 11.62 -2.68 8.05
N SER B 90 11.45 -4.01 8.03
CA SER B 90 10.14 -4.62 7.95
C SER B 90 10.07 -5.84 8.85
N GLU B 91 8.85 -6.19 9.25
CA GLU B 91 8.60 -7.33 10.12
C GLU B 91 7.56 -8.21 9.44
N ASP B 92 7.88 -9.50 9.30
CA ASP B 92 6.93 -10.47 8.70
C ASP B 92 7.10 -11.79 9.46
N ASP B 93 6.12 -12.16 10.29
CA ASP B 93 6.27 -13.38 11.15
C ASP B 93 5.69 -14.61 10.45
N THR B 94 6.23 -14.99 9.29
CA THR B 94 5.78 -16.23 8.64
C THR B 94 6.06 -17.48 9.48
N GLY B 96 8.97 -15.77 10.94
CA GLY B 96 9.83 -14.77 11.54
C GLY B 96 10.95 -14.32 10.61
N THR B 97 10.70 -13.24 9.87
CA THR B 97 11.69 -12.68 8.97
C THR B 97 11.88 -11.20 9.30
N ILE B 98 13.11 -10.83 9.66
CA ILE B 98 13.47 -9.45 9.95
C ILE B 98 14.42 -8.98 8.85
N THR B 99 14.29 -7.70 8.47
CA THR B 99 15.02 -7.16 7.33
C THR B 99 15.85 -5.96 7.73
N ILE B 100 16.69 -6.13 8.76
CA ILE B 100 17.59 -5.06 9.15
C ILE B 100 18.54 -4.72 7.99
N ALA B 101 18.99 -3.47 7.98
CA ALA B 101 19.87 -2.96 6.93
C ALA B 101 21.15 -2.41 7.53
N GLU B 102 22.22 -2.46 6.74
CA GLU B 102 23.53 -2.02 7.16
C GLU B 102 24.15 -1.11 6.11
N PRO B 103 25.05 -0.23 6.51
CA PRO B 103 25.70 0.68 5.55
C PRO B 103 26.81 -0.04 4.79
N ILE B 104 27.51 0.72 3.96
CA ILE B 104 28.58 0.18 3.13
C ILE B 104 29.94 0.49 3.76
N GLY B 105 30.23 1.77 3.93
CA GLY B 105 31.49 2.17 4.53
C GLY B 105 31.98 3.47 3.91
N ILE B 106 33.29 3.65 3.92
CA ILE B 106 33.90 4.86 3.38
C ILE B 106 33.56 4.97 1.90
N ILE B 107 33.18 6.18 1.48
CA ILE B 107 32.73 6.43 0.11
C ILE B 107 33.65 7.48 -0.51
N CYS B 108 34.14 7.19 -1.70
CA CYS B 108 34.89 8.18 -2.46
C CYS B 108 33.94 9.05 -3.26
N GLY B 109 34.42 10.24 -3.65
CA GLY B 109 33.59 11.16 -4.40
C GLY B 109 34.40 12.23 -5.11
N ILE B 110 34.13 12.42 -6.39
CA ILE B 110 34.81 13.40 -7.21
C ILE B 110 33.86 14.56 -7.48
N VAL B 111 34.24 15.75 -7.06
CA VAL B 111 33.45 16.96 -7.24
C VAL B 111 34.05 17.74 -8.41
N PRO B 112 33.29 17.99 -9.47
CA PRO B 112 33.85 18.68 -10.63
C PRO B 112 33.90 20.19 -10.41
N THR B 113 34.67 20.85 -11.27
CA THR B 113 34.71 22.31 -11.25
C THR B 113 33.40 22.94 -11.69
N THR B 114 32.51 22.17 -12.31
CA THR B 114 31.24 22.72 -12.78
C THR B 114 30.33 23.10 -11.62
N ASN B 115 30.15 22.19 -10.66
CA ASN B 115 29.30 22.41 -9.50
C ASN B 115 30.09 22.07 -8.24
N PRO B 116 31.05 22.92 -7.87
CA PRO B 116 31.92 22.61 -6.72
C PRO B 116 31.18 22.49 -5.41
N THR B 117 30.04 23.16 -5.24
CA THR B 117 29.34 23.18 -3.96
C THR B 117 27.94 22.59 -4.01
N SER B 118 27.29 22.57 -5.17
CA SER B 118 25.94 22.02 -5.25
C SER B 118 25.95 20.51 -5.04
N THR B 119 26.84 19.81 -5.74
CA THR B 119 26.91 18.36 -5.60
C THR B 119 27.74 17.93 -4.40
N ALA B 120 28.53 18.83 -3.81
CA ALA B 120 29.27 18.50 -2.60
C ALA B 120 28.35 18.34 -1.40
N ILE B 121 27.33 19.20 -1.28
CA ILE B 121 26.40 19.09 -0.18
C ILE B 121 25.35 18.00 -0.39
N PHE B 122 25.08 17.63 -1.64
CA PHE B 122 24.14 16.53 -1.89
C PHE B 122 24.73 15.20 -1.47
N LYS B 123 25.98 14.93 -1.86
CA LYS B 123 26.62 13.68 -1.48
C LYS B 123 26.83 13.61 0.02
N SER B 124 27.26 14.72 0.63
CA SER B 124 27.49 14.76 2.07
C SER B 124 26.21 14.58 2.87
N LEU B 125 25.04 14.82 2.29
CA LEU B 125 23.80 14.81 3.04
C LEU B 125 23.06 13.48 2.98
N ILE B 126 23.41 12.60 2.04
CA ILE B 126 22.81 11.27 1.99
C ILE B 126 23.71 10.22 2.66
N SER B 127 25.00 10.49 2.80
CA SER B 127 25.88 9.53 3.47
C SER B 127 25.59 9.47 4.96
N LEU B 128 25.52 10.62 5.63
CA LEU B 128 25.22 10.63 7.05
C LEU B 128 23.79 10.21 7.36
N LYS B 129 22.93 10.16 6.35
CA LYS B 129 21.60 9.58 6.51
C LYS B 129 21.65 8.05 6.54
N THR B 130 22.59 7.43 5.83
CA THR B 130 22.71 5.98 5.77
C THR B 130 23.88 5.46 6.59
N ARG B 131 24.50 6.32 7.40
CA ARG B 131 25.57 5.93 8.33
C ARG B 131 26.82 5.44 7.60
N ASN B 132 27.29 6.26 6.66
CA ASN B 132 28.59 6.04 6.03
C ASN B 132 29.29 7.38 5.88
N ALA B 133 30.55 7.33 5.45
CA ALA B 133 31.41 8.50 5.40
C ALA B 133 31.93 8.72 3.99
N ILE B 134 32.32 9.97 3.71
CA ILE B 134 32.78 10.37 2.39
C ILE B 134 34.12 11.07 2.49
N ILE B 135 34.99 10.80 1.51
CA ILE B 135 36.20 11.56 1.28
C ILE B 135 36.09 12.23 -0.08
N PHE B 136 36.34 13.53 -0.14
CA PHE B 136 36.15 14.31 -1.35
C PHE B 136 37.49 14.57 -2.02
N SER B 137 37.43 14.83 -3.33
CA SER B 137 38.63 15.12 -4.13
C SER B 137 38.29 16.13 -5.21
N PRO B 138 38.22 17.41 -4.88
CA PRO B 138 37.81 18.41 -5.88
C PRO B 138 38.93 18.72 -6.86
N HIS B 139 38.56 19.44 -7.91
CA HIS B 139 39.50 19.96 -8.89
C HIS B 139 40.36 21.02 -8.21
N PRO B 140 41.63 21.14 -8.59
CA PRO B 140 42.44 22.24 -8.02
C PRO B 140 41.89 23.62 -8.30
N ARG B 141 41.15 23.80 -9.40
CA ARG B 141 40.54 25.09 -9.67
C ARG B 141 39.47 25.44 -8.64
N ALA B 142 38.67 24.46 -8.22
CA ALA B 142 37.56 24.66 -7.30
C ALA B 142 37.81 23.93 -5.99
N LYS B 143 39.07 23.89 -5.55
CA LYS B 143 39.42 23.17 -4.34
C LYS B 143 38.85 23.82 -3.09
N ASP B 144 38.98 25.14 -2.97
CA ASP B 144 38.57 25.84 -1.76
C ASP B 144 37.06 25.88 -1.57
N ALA B 145 36.28 25.90 -2.65
CA ALA B 145 34.83 25.98 -2.53
C ALA B 145 34.22 24.68 -2.02
N THR B 146 34.66 23.54 -2.54
CA THR B 146 34.11 22.26 -2.12
C THR B 146 34.46 21.95 -0.67
N ASN B 147 35.70 22.25 -0.26
CA ASN B 147 36.12 21.95 1.11
C ASN B 147 35.31 22.74 2.12
N LYS B 148 35.05 24.02 1.83
CA LYS B 148 34.23 24.82 2.74
C LYS B 148 32.81 24.28 2.83
N ALA B 149 32.24 23.86 1.69
CA ALA B 149 30.90 23.31 1.70
C ALA B 149 30.83 22.02 2.52
N ALA B 150 31.83 21.14 2.38
CA ALA B 150 31.86 19.94 3.19
C ALA B 150 32.07 20.24 4.67
N ASP B 151 32.93 21.21 4.98
CA ASP B 151 33.22 21.55 6.37
C ASP B 151 32.01 22.15 7.06
N ILE B 152 31.20 22.93 6.34
CA ILE B 152 30.00 23.49 6.94
C ILE B 152 29.07 22.39 7.40
N VAL B 153 28.83 21.39 6.53
CA VAL B 153 27.98 20.27 6.88
C VAL B 153 28.60 19.47 8.03
N LEU B 154 29.92 19.29 8.00
CA LEU B 154 30.59 18.58 9.08
C LEU B 154 30.35 19.25 10.42
N GLN B 155 30.65 20.54 10.51
CA GLN B 155 30.48 21.26 11.76
C GLN B 155 29.03 21.32 12.19
N ALA B 156 28.09 21.37 11.24
CA ALA B 156 26.67 21.25 11.60
C ALA B 156 26.38 19.89 12.21
N ALA B 157 26.95 18.83 11.67
CA ALA B 157 26.75 17.48 12.20
C ALA B 157 27.54 17.24 13.48
N ILE B 158 28.67 17.92 13.67
CA ILE B 158 29.48 17.72 14.87
C ILE B 158 28.68 18.10 16.12
N ALA B 159 28.00 19.25 16.07
CA ALA B 159 27.18 19.66 17.20
C ALA B 159 25.75 19.12 17.06
N ALA B 160 25.66 17.83 16.72
CA ALA B 160 24.41 17.12 16.77
C ALA B 160 24.55 15.69 17.24
N GLY B 161 25.75 15.26 17.64
CA GLY B 161 25.98 13.91 18.09
C GLY B 161 26.82 13.04 17.17
N ALA B 162 27.61 13.62 16.26
CA ALA B 162 28.36 12.81 15.31
C ALA B 162 29.83 12.74 15.69
N PRO B 163 30.52 11.67 15.30
CA PRO B 163 31.96 11.58 15.55
C PRO B 163 32.74 12.67 14.82
N LYS B 164 33.97 12.86 15.26
CA LYS B 164 34.69 14.09 14.94
C LYS B 164 35.24 14.09 13.51
N ASP B 165 35.90 13.00 13.11
CA ASP B 165 36.43 12.90 11.74
C ASP B 165 35.51 12.01 10.89
N LEU B 166 34.31 12.53 10.60
CA LEU B 166 33.34 11.79 9.81
C LEU B 166 33.39 12.12 8.33
N ILE B 167 33.85 13.32 7.96
CA ILE B 167 33.96 13.72 6.56
C ILE B 167 35.35 14.28 6.33
N GLY B 168 36.00 13.84 5.24
CA GLY B 168 37.34 14.29 4.93
C GLY B 168 37.41 14.85 3.52
N TRP B 169 38.51 15.55 3.26
CA TRP B 169 38.76 16.13 1.95
C TRP B 169 40.26 16.26 1.74
N ILE B 170 40.65 16.50 0.50
CA ILE B 170 42.05 16.64 0.15
C ILE B 170 42.35 18.10 -0.17
N ASP B 171 43.57 18.52 0.15
CA ASP B 171 44.07 19.84 -0.15
C ASP B 171 45.20 19.74 -1.16
N GLN B 172 45.32 20.76 -2.01
CA GLN B 172 46.18 20.80 -3.20
C GLN B 172 46.25 19.41 -3.85
N PRO B 173 45.14 18.90 -4.36
CA PRO B 173 45.11 17.53 -4.89
C PRO B 173 45.88 17.44 -6.21
N SER B 174 46.19 16.21 -6.59
CA SER B 174 46.92 15.94 -7.82
C SER B 174 46.42 14.62 -8.39
N VAL B 175 46.75 14.38 -9.66
CA VAL B 175 46.29 13.18 -10.33
C VAL B 175 46.91 11.94 -9.70
N GLU B 176 48.17 12.05 -9.25
CA GLU B 176 48.81 10.90 -8.61
C GLU B 176 48.26 10.66 -7.21
N LEU B 177 47.86 11.73 -6.52
CA LEU B 177 47.31 11.58 -5.18
C LEU B 177 45.90 11.00 -5.22
N SER B 178 45.09 11.45 -6.19
CA SER B 178 43.73 10.93 -6.31
C SER B 178 43.71 9.47 -6.73
N ASN B 179 44.70 9.04 -7.51
CA ASN B 179 44.78 7.64 -7.92
C ASN B 179 44.97 6.74 -6.71
N ALA B 180 45.83 7.13 -5.78
CA ALA B 180 46.04 6.37 -4.56
C ALA B 180 44.78 6.28 -3.70
N LEU B 181 43.89 7.26 -3.80
CA LEU B 181 42.63 7.23 -3.06
C LEU B 181 41.65 6.22 -3.65
N MET B 182 41.63 6.05 -4.97
CA MET B 182 40.73 5.11 -5.61
C MET B 182 41.16 3.66 -5.41
N HIS B 183 42.46 3.39 -5.36
CA HIS B 183 42.97 2.04 -5.17
C HIS B 183 43.11 1.65 -3.70
N HIS B 184 42.74 2.53 -2.79
CA HIS B 184 42.83 2.19 -1.37
C HIS B 184 41.87 1.06 -1.04
N PRO B 185 42.30 0.03 -0.31
CA PRO B 185 41.42 -1.10 -0.02
C PRO B 185 40.38 -0.84 1.05
N ASP B 186 40.39 0.34 1.66
CA ASP B 186 39.44 0.67 2.71
C ASP B 186 38.22 1.44 2.19
N ILE B 187 38.14 1.68 0.89
CA ILE B 187 37.04 2.41 0.28
C ILE B 187 36.31 1.47 -0.65
N ASN B 188 34.98 1.39 -0.50
CA ASN B 188 34.19 0.45 -1.26
C ASN B 188 33.06 1.08 -2.07
N LEU B 189 33.16 2.36 -2.41
CA LEU B 189 32.21 3.02 -3.29
C LEU B 189 32.83 4.28 -3.86
N ILE B 190 32.51 4.58 -5.11
CA ILE B 190 32.97 5.79 -5.79
C ILE B 190 31.77 6.46 -6.44
N LEU B 191 31.56 7.74 -6.13
CA LEU B 191 30.55 8.56 -6.78
C LEU B 191 31.27 9.55 -7.67
N ALA B 192 31.27 9.28 -8.98
CA ALA B 192 32.00 10.09 -9.94
C ALA B 192 31.04 10.97 -10.71
N THR B 193 31.40 12.24 -10.88
CA THR B 193 30.62 13.19 -11.64
C THR B 193 31.55 13.99 -12.56
N GLY B 194 30.99 14.48 -13.65
CA GLY B 194 31.72 15.26 -14.62
C GLY B 194 31.71 14.63 -16.00
N GLY B 195 32.57 15.16 -16.86
CA GLY B 195 32.68 14.66 -18.21
C GLY B 195 33.46 13.38 -18.29
N PRO B 196 33.40 12.73 -19.46
CA PRO B 196 34.13 11.47 -19.69
C PRO B 196 35.65 11.62 -19.66
N GLY B 197 36.16 12.26 -18.61
CA GLY B 197 37.59 12.39 -18.43
C GLY B 197 38.10 11.48 -17.32
N MET B 198 37.36 11.42 -16.22
CA MET B 198 37.70 10.57 -15.09
C MET B 198 36.64 9.52 -14.77
N VAL B 199 35.39 9.72 -15.20
CA VAL B 199 34.37 8.70 -14.97
C VAL B 199 34.69 7.44 -15.78
N LYS B 200 35.30 7.60 -16.95
CA LYS B 200 35.75 6.44 -17.72
C LYS B 200 36.80 5.66 -16.95
N ALA B 201 37.75 6.37 -16.33
CA ALA B 201 38.74 5.71 -15.49
C ALA B 201 38.16 5.24 -14.17
N ALA B 202 37.07 5.85 -13.70
CA ALA B 202 36.45 5.41 -12.47
C ALA B 202 35.88 4.00 -12.60
N TYR B 203 35.25 3.71 -13.74
CA TYR B 203 34.71 2.37 -13.95
C TYR B 203 35.81 1.32 -13.97
N SER B 204 36.93 1.62 -14.63
CA SER B 204 38.05 0.69 -14.71
C SER B 204 38.95 0.86 -13.48
N SER B 205 38.40 0.50 -12.33
CA SER B 205 39.13 0.62 -11.07
C SER B 205 38.99 -0.61 -10.17
N GLY B 206 38.22 -1.63 -10.57
CA GLY B 206 38.09 -2.81 -9.75
C GLY B 206 37.26 -2.65 -8.51
N LYS B 207 36.43 -1.61 -8.46
CA LYS B 207 35.59 -1.32 -7.30
C LYS B 207 34.20 -0.95 -7.78
N PRO B 208 33.17 -1.17 -6.97
CA PRO B 208 31.83 -0.72 -7.34
C PRO B 208 31.78 0.80 -7.40
N ALA B 209 31.22 1.31 -8.49
CA ALA B 209 31.16 2.75 -8.69
C ALA B 209 29.98 3.10 -9.56
N ILE B 210 29.38 4.27 -9.30
CA ILE B 210 28.29 4.79 -10.10
C ILE B 210 28.67 6.21 -10.52
N GLY B 211 28.24 6.59 -11.73
CA GLY B 211 28.60 7.88 -12.27
C GLY B 211 27.42 8.74 -12.65
N VAL B 212 27.37 9.95 -12.12
CA VAL B 212 26.33 10.91 -12.45
C VAL B 212 26.84 11.67 -13.68
N GLY B 213 26.66 11.08 -14.85
CA GLY B 213 27.14 11.65 -16.09
C GLY B 213 26.13 12.58 -16.72
N ALA B 214 26.48 13.05 -17.92
CA ALA B 214 25.62 13.94 -18.68
C ALA B 214 25.83 13.68 -20.16
N GLY B 215 24.76 13.26 -20.84
CA GLY B 215 24.79 13.05 -22.27
C GLY B 215 24.16 14.25 -22.97
N ASN B 216 24.60 14.51 -24.20
CA ASN B 216 24.06 15.63 -24.97
C ASN B 216 22.58 15.41 -25.23
N THR B 217 21.73 16.21 -24.60
CA THR B 217 20.30 16.04 -24.69
C THR B 217 19.77 16.74 -25.95
N PRO B 218 19.10 16.02 -26.85
CA PRO B 218 18.56 16.64 -28.05
C PRO B 218 17.18 17.26 -27.81
N VAL B 219 16.90 18.30 -28.57
CA VAL B 219 15.61 18.99 -28.54
C VAL B 219 15.00 18.90 -29.93
N VAL B 220 13.76 18.43 -30.00
CA VAL B 220 13.07 18.24 -31.27
C VAL B 220 11.88 19.20 -31.30
N ILE B 221 11.87 20.09 -32.29
CA ILE B 221 10.77 21.02 -32.50
C ILE B 221 10.23 20.78 -33.90
N ASP B 222 8.94 20.44 -34.00
CA ASP B 222 8.31 20.19 -35.28
C ASP B 222 7.48 21.39 -35.70
N GLU B 223 6.75 21.24 -36.81
CA GLU B 223 5.99 22.35 -37.36
C GLU B 223 4.76 22.68 -36.52
N THR B 224 4.21 21.69 -35.80
CA THR B 224 3.00 21.91 -35.03
C THR B 224 3.25 22.53 -33.66
N ALA B 225 4.51 22.71 -33.27
CA ALA B 225 4.82 23.26 -31.96
C ALA B 225 4.64 24.78 -31.95
N ASP B 226 4.54 25.32 -30.74
CA ASP B 226 4.48 26.78 -30.57
C ASP B 226 5.87 27.36 -30.76
N ILE B 227 6.08 27.98 -31.92
CA ILE B 227 7.39 28.52 -32.24
C ILE B 227 7.73 29.69 -31.32
N LYS B 228 6.79 30.61 -31.14
CA LYS B 228 7.02 31.80 -30.34
C LYS B 228 7.32 31.48 -28.88
N ARG B 229 6.84 30.34 -28.38
CA ARG B 229 7.04 29.96 -26.99
C ARG B 229 8.25 29.07 -26.80
N ALA B 230 8.44 28.08 -27.67
CA ALA B 230 9.55 27.15 -27.55
C ALA B 230 10.90 27.78 -27.84
N VAL B 231 10.94 28.90 -28.57
CA VAL B 231 12.21 29.58 -28.82
C VAL B 231 12.82 30.08 -27.53
N ALA B 232 11.99 30.51 -26.59
CA ALA B 232 12.45 31.14 -25.36
C ALA B 232 12.62 30.18 -24.20
N SER B 233 11.86 29.09 -24.15
CA SER B 233 12.07 28.10 -23.10
C SER B 233 13.45 27.47 -23.20
N VAL B 234 13.87 27.12 -24.42
CA VAL B 234 15.23 26.66 -24.64
C VAL B 234 16.22 27.79 -24.40
N LEU B 235 15.87 29.00 -24.80
CA LEU B 235 16.79 30.13 -24.68
C LEU B 235 17.14 30.43 -23.23
N MET B 236 16.15 30.41 -22.33
CA MET B 236 16.41 30.70 -20.93
C MET B 236 17.03 29.52 -20.19
N SER B 237 16.75 28.29 -20.63
CA SER B 237 17.30 27.11 -19.99
C SER B 237 18.77 26.88 -20.34
N LYS B 238 19.26 27.46 -21.43
CA LYS B 238 20.67 27.34 -21.80
C LYS B 238 21.53 28.45 -21.21
N THR B 239 20.96 29.61 -20.92
CA THR B 239 21.70 30.69 -20.29
C THR B 239 21.75 30.57 -18.78
N PHE B 240 21.12 29.55 -18.20
CA PHE B 240 21.13 29.34 -16.76
C PHE B 240 22.52 28.91 -16.34
N ASP B 241 23.20 29.76 -15.55
CA ASP B 241 24.55 29.50 -15.07
C ASP B 241 25.51 29.24 -16.24
N ASN B 242 25.33 29.99 -17.33
CA ASN B 242 26.16 29.88 -18.53
C ASN B 242 26.14 28.46 -19.09
N GLY B 243 25.01 27.77 -18.92
CA GLY B 243 24.84 26.44 -19.50
C GLY B 243 25.82 25.39 -19.00
N VAL B 244 26.21 25.48 -17.72
CA VAL B 244 27.09 24.48 -17.14
C VAL B 244 26.34 23.39 -16.38
N ILE B 245 25.09 23.64 -15.98
CA ILE B 245 24.34 22.65 -15.22
C ILE B 245 24.15 21.40 -16.08
N CYS B 246 24.43 20.24 -15.49
CA CYS B 246 24.49 19.01 -16.25
C CYS B 246 23.14 18.66 -16.85
N ALA B 247 23.17 17.87 -17.93
CA ALA B 247 21.98 17.42 -18.65
C ALA B 247 21.16 18.61 -19.16
N SER B 248 21.85 19.65 -19.61
CA SER B 248 21.20 20.80 -20.22
C SER B 248 21.06 20.55 -21.72
N GLU B 249 20.48 21.51 -22.44
CA GLU B 249 20.33 21.40 -23.88
C GLU B 249 21.70 21.44 -24.54
N GLN B 250 21.87 20.61 -25.57
CA GLN B 250 23.11 20.60 -26.34
C GLN B 250 22.90 20.64 -27.84
N SER B 251 21.68 20.39 -28.32
CA SER B 251 21.40 20.41 -29.75
C SER B 251 19.90 20.56 -29.95
N VAL B 252 19.53 21.27 -31.01
CA VAL B 252 18.15 21.50 -31.38
C VAL B 252 17.94 20.95 -32.79
N VAL B 253 16.93 20.10 -32.93
CA VAL B 253 16.60 19.49 -34.22
C VAL B 253 15.24 20.01 -34.65
N VAL B 254 15.21 20.68 -35.79
CA VAL B 254 13.99 21.31 -36.30
C VAL B 254 13.77 20.87 -37.75
N VAL B 255 12.50 20.82 -38.14
CA VAL B 255 12.12 20.38 -39.48
C VAL B 255 12.34 21.53 -40.46
N ASP B 256 12.33 21.21 -41.76
CA ASP B 256 12.53 22.24 -42.77
C ASP B 256 11.31 23.14 -42.94
N SER B 257 10.13 22.68 -42.56
CA SER B 257 8.93 23.49 -42.67
C SER B 257 8.97 24.72 -41.78
N VAL B 258 9.81 24.71 -40.73
CA VAL B 258 9.91 25.81 -39.79
C VAL B 258 11.34 26.23 -39.52
N TYR B 259 12.31 25.68 -40.24
CA TYR B 259 13.72 26.00 -40.00
C TYR B 259 13.99 27.50 -40.19
N ASP B 260 13.46 28.08 -41.26
CA ASP B 260 13.71 29.49 -41.54
C ASP B 260 13.06 30.39 -40.50
N ALA B 261 11.93 29.95 -39.94
CA ALA B 261 11.21 30.76 -38.96
C ALA B 261 12.03 30.98 -37.69
N VAL B 262 12.74 29.94 -37.25
CA VAL B 262 13.50 30.05 -36.01
C VAL B 262 14.89 30.64 -36.20
N ARG B 263 15.35 30.76 -37.45
CA ARG B 263 16.67 31.33 -37.68
C ARG B 263 16.72 32.81 -37.29
N GLU B 264 15.87 33.63 -37.92
CA GLU B 264 15.91 35.05 -37.61
C GLU B 264 15.31 35.35 -36.24
N ARG B 265 14.47 34.46 -35.71
CA ARG B 265 13.97 34.64 -34.36
C ARG B 265 15.10 34.55 -33.34
N PHE B 266 16.01 33.57 -33.53
CA PHE B 266 17.14 33.41 -32.62
C PHE B 266 18.03 34.64 -32.65
N ALA B 267 18.39 35.11 -33.85
CA ALA B 267 19.22 36.30 -33.96
C ALA B 267 18.50 37.53 -33.44
N THR B 268 17.17 37.54 -33.51
CA THR B 268 16.40 38.67 -33.01
C THR B 268 16.43 38.73 -31.48
N HIS B 269 16.21 37.60 -30.82
CA HIS B 269 16.07 37.63 -29.37
C HIS B 269 17.42 37.63 -28.66
N GLY B 270 18.18 36.55 -28.79
CA GLY B 270 19.44 36.47 -28.06
C GLY B 270 20.57 35.75 -28.75
N GLY B 271 20.34 35.24 -29.96
CA GLY B 271 21.33 34.46 -30.67
C GLY B 271 22.14 35.28 -31.65
N TYR B 272 23.29 34.70 -32.05
CA TYR B 272 24.11 35.27 -33.10
C TYR B 272 24.63 34.11 -33.94
N LEU B 273 24.05 33.94 -35.12
CA LEU B 273 24.47 32.86 -36.00
C LEU B 273 25.77 33.23 -36.71
N LEU B 274 26.43 32.20 -37.24
CA LEU B 274 27.72 32.38 -37.90
C LEU B 274 27.89 31.29 -38.95
N GLN B 275 28.26 31.70 -40.16
CA GLN B 275 28.32 30.77 -41.28
C GLN B 275 29.58 30.90 -42.14
N GLY B 276 30.33 31.99 -42.03
CA GLY B 276 31.49 32.21 -42.86
C GLY B 276 32.71 31.48 -42.35
N LYS B 277 33.88 32.11 -42.52
CA LYS B 277 35.12 31.54 -42.03
C LYS B 277 35.13 31.47 -40.51
N GLU B 278 34.37 32.36 -39.86
CA GLU B 278 34.29 32.34 -38.40
C GLU B 278 33.49 31.15 -37.90
N LEU B 279 32.69 30.51 -38.77
CA LEU B 279 32.00 29.30 -38.37
C LEU B 279 32.99 28.20 -38.01
N LYS B 280 34.04 28.05 -38.81
CA LYS B 280 35.09 27.09 -38.52
C LYS B 280 36.20 27.79 -37.71
N ALA B 281 35.75 28.49 -36.68
CA ALA B 281 36.64 29.07 -35.67
C ALA B 281 36.23 28.58 -34.30
N VAL B 282 34.92 28.66 -34.01
CA VAL B 282 34.42 28.25 -32.70
C VAL B 282 34.58 26.74 -32.52
N GLN B 283 34.36 25.98 -33.59
CA GLN B 283 34.50 24.53 -33.51
C GLN B 283 35.92 24.12 -33.15
N ASP B 284 36.91 24.85 -33.66
CA ASP B 284 38.30 24.57 -33.31
C ASP B 284 38.64 25.05 -31.91
N VAL B 285 37.82 25.90 -31.31
CA VAL B 285 38.09 26.39 -29.96
C VAL B 285 37.72 25.35 -28.92
N ILE B 286 36.54 24.74 -29.07
CA ILE B 286 36.02 23.84 -28.03
C ILE B 286 36.88 22.59 -27.93
N LEU B 287 37.32 22.04 -29.06
CA LEU B 287 38.25 20.92 -29.06
C LEU B 287 39.64 21.41 -29.48
N LYS B 288 40.62 21.21 -28.61
CA LYS B 288 41.97 21.68 -28.87
C LYS B 288 42.97 20.53 -28.97
N ASN B 289 42.86 19.55 -28.08
CA ASN B 289 43.78 18.42 -28.07
C ASN B 289 43.06 17.09 -28.30
N GLY B 290 41.88 17.15 -28.88
CA GLY B 290 41.04 15.97 -29.02
C GLY B 290 40.08 15.85 -27.84
N ALA B 291 40.17 16.77 -26.90
CA ALA B 291 39.28 16.83 -25.75
C ALA B 291 38.85 18.27 -25.54
N LEU B 292 37.76 18.42 -24.78
CA LEU B 292 37.23 19.75 -24.50
C LEU B 292 38.21 20.56 -23.67
N ASN B 293 38.42 21.82 -24.07
CA ASN B 293 39.31 22.69 -23.32
C ASN B 293 38.60 23.24 -22.09
N ALA B 294 39.41 23.71 -21.14
CA ALA B 294 38.89 24.30 -19.90
C ALA B 294 38.91 25.82 -19.92
N ALA B 295 39.25 26.43 -21.06
CA ALA B 295 39.34 27.88 -21.16
C ALA B 295 38.03 28.54 -21.56
N ILE B 296 37.01 27.76 -21.93
CA ILE B 296 35.72 28.30 -22.34
C ILE B 296 34.55 27.70 -21.58
N VAL B 297 34.80 26.88 -20.57
CA VAL B 297 33.71 26.27 -19.80
C VAL B 297 33.15 27.31 -18.84
N GLY B 298 31.86 27.60 -18.97
CA GLY B 298 31.18 28.53 -18.10
C GLY B 298 31.37 30.00 -18.45
N GLN B 299 32.16 30.30 -19.48
CA GLN B 299 32.37 31.69 -19.85
C GLN B 299 31.18 32.21 -20.66
N PRO B 300 30.89 33.50 -20.56
CA PRO B 300 29.85 34.08 -21.41
C PRO B 300 30.23 34.03 -22.88
N ALA B 301 29.21 34.12 -23.72
CA ALA B 301 29.39 33.88 -25.15
C ALA B 301 30.32 34.90 -25.78
N TYR B 302 30.24 36.18 -25.38
CA TYR B 302 30.93 37.22 -26.11
C TYR B 302 32.46 37.09 -25.99
N LYS B 303 32.96 36.75 -24.81
CA LYS B 303 34.42 36.74 -24.63
C LYS B 303 35.10 35.66 -25.45
N ILE B 304 34.45 34.49 -25.57
CA ILE B 304 35.07 33.39 -26.33
C ILE B 304 35.19 33.77 -27.80
N ALA B 305 34.36 34.69 -28.28
CA ALA B 305 34.50 35.17 -29.65
C ALA B 305 35.77 35.99 -29.82
N GLU B 306 36.20 36.69 -28.77
CA GLU B 306 37.46 37.43 -28.84
C GLU B 306 38.64 36.48 -29.03
N LEU B 307 38.51 35.25 -28.54
CA LEU B 307 39.56 34.25 -28.74
C LEU B 307 39.74 33.95 -30.22
N ALA B 308 38.64 33.79 -30.96
CA ALA B 308 38.70 33.54 -32.38
C ALA B 308 38.95 34.80 -33.20
N GLY B 309 38.75 35.98 -32.61
CA GLY B 309 39.09 37.23 -33.25
C GLY B 309 37.98 37.99 -33.93
N PHE B 310 36.73 37.53 -33.82
CA PHE B 310 35.60 38.23 -34.42
C PHE B 310 34.76 38.85 -33.31
N SER B 311 34.47 40.15 -33.46
CA SER B 311 33.74 40.87 -32.42
C SER B 311 32.28 40.45 -32.39
N VAL B 312 31.73 40.36 -31.17
CA VAL B 312 30.34 40.00 -30.94
C VAL B 312 29.78 40.95 -29.90
N PRO B 313 28.60 41.53 -30.10
CA PRO B 313 28.11 42.56 -29.18
C PRO B 313 27.85 42.02 -27.78
N GLU B 314 27.93 42.93 -26.82
CA GLU B 314 27.84 42.57 -25.41
C GLU B 314 26.48 41.95 -25.07
N ASN B 315 25.41 42.47 -25.65
CA ASN B 315 24.06 42.04 -25.28
C ASN B 315 23.79 40.59 -25.68
N THR B 316 24.54 40.07 -26.66
CA THR B 316 24.27 38.72 -27.17
C THR B 316 24.36 37.68 -26.06
N LYS B 317 23.42 36.73 -26.09
CA LYS B 317 23.31 35.70 -25.07
C LYS B 317 24.09 34.44 -25.43
N ILE B 318 23.73 33.80 -26.54
CA ILE B 318 24.38 32.57 -26.96
C ILE B 318 24.69 32.66 -28.45
N LEU B 319 25.67 31.87 -28.87
CA LEU B 319 26.08 31.77 -30.27
C LEU B 319 25.81 30.36 -30.77
N ILE B 320 25.30 30.25 -31.99
CA ILE B 320 24.82 28.98 -32.53
C ILE B 320 25.33 28.81 -33.95
N GLY B 321 25.86 27.63 -34.24
CA GLY B 321 26.29 27.29 -35.58
C GLY B 321 25.27 26.43 -36.31
N GLU B 322 25.47 26.31 -37.62
CA GLU B 322 24.60 25.53 -38.50
C GLU B 322 25.43 24.42 -39.11
N VAL B 323 25.31 23.21 -38.58
CA VAL B 323 26.08 22.07 -39.02
C VAL B 323 25.15 20.92 -39.36
N THR B 324 25.42 20.27 -40.49
CA THR B 324 24.63 19.13 -40.94
C THR B 324 25.26 17.78 -40.62
N VAL B 325 26.56 17.63 -40.83
CA VAL B 325 27.24 16.37 -40.56
C VAL B 325 27.40 16.19 -39.06
N VAL B 326 27.02 15.00 -38.57
CA VAL B 326 27.11 14.72 -37.11
C VAL B 326 28.08 13.54 -36.90
N ASP B 327 29.25 13.81 -36.31
CA ASP B 327 30.28 12.75 -36.12
C ASP B 327 31.29 13.20 -35.06
N GLU B 328 32.47 12.59 -35.06
CA GLU B 328 33.51 12.97 -34.10
C GLU B 328 34.29 14.18 -34.59
N SER B 329 34.66 14.19 -35.88
CA SER B 329 35.44 15.30 -36.41
C SER B 329 34.66 16.61 -36.35
N GLU B 330 33.34 16.54 -36.32
CA GLU B 330 32.52 17.72 -36.05
C GLU B 330 32.42 17.89 -34.54
N PRO B 331 32.97 18.97 -33.99
CA PRO B 331 33.06 19.09 -32.53
C PRO B 331 31.83 19.73 -31.91
N PHE B 332 30.85 20.06 -32.74
CA PHE B 332 29.68 20.81 -32.28
C PHE B 332 28.59 19.91 -31.73
N ALA B 333 28.81 18.58 -31.69
CA ALA B 333 27.84 17.65 -31.15
C ALA B 333 28.18 17.17 -29.74
N HIS B 334 29.44 17.28 -29.32
CA HIS B 334 29.81 16.86 -27.98
C HIS B 334 29.28 17.83 -26.94
N GLU B 335 29.25 17.37 -25.68
CA GLU B 335 28.86 18.23 -24.59
C GLU B 335 29.87 19.37 -24.45
N LYS B 336 29.36 20.60 -24.35
CA LYS B 336 30.21 21.78 -24.34
C LYS B 336 30.20 22.54 -23.03
N LEU B 337 29.13 22.45 -22.24
CA LEU B 337 29.05 23.10 -20.93
C LEU B 337 29.28 24.60 -21.05
N SER B 338 28.85 25.16 -22.18
CA SER B 338 29.00 26.58 -22.47
C SER B 338 27.72 27.06 -23.12
N PRO B 339 27.42 28.37 -23.06
CA PRO B 339 26.18 28.85 -23.67
C PRO B 339 26.23 28.81 -25.19
N THR B 340 26.29 27.60 -25.75
CA THR B 340 26.26 27.38 -27.19
C THR B 340 25.27 26.27 -27.50
N LEU B 341 24.72 26.30 -28.70
CA LEU B 341 23.73 25.33 -29.14
C LEU B 341 24.05 24.89 -30.57
N ALA B 342 23.60 23.69 -30.91
CA ALA B 342 23.80 23.13 -32.23
C ALA B 342 22.46 22.99 -32.92
N MET B 343 22.40 23.39 -34.19
CA MET B 343 21.17 23.39 -34.96
C MET B 343 21.30 22.39 -36.10
N TYR B 344 20.28 21.57 -36.30
CA TYR B 344 20.33 20.45 -37.23
C TYR B 344 19.20 20.54 -38.25
N ARG B 345 19.48 20.02 -39.45
CA ARG B 345 18.54 20.06 -40.57
C ARG B 345 17.72 18.77 -40.59
N ALA B 346 16.39 18.91 -40.56
CA ALA B 346 15.50 17.76 -40.66
C ALA B 346 14.51 17.98 -41.80
N LYS B 347 14.37 16.97 -42.65
CA LYS B 347 13.45 17.09 -43.80
C LYS B 347 12.01 16.81 -43.38
N ASP B 348 11.81 16.04 -42.32
CA ASP B 348 10.48 15.82 -41.75
C ASP B 348 10.64 15.40 -40.30
N PHE B 349 9.51 15.13 -39.64
CA PHE B 349 9.55 14.74 -38.23
C PHE B 349 10.21 13.38 -38.05
N GLU B 350 10.00 12.46 -39.00
CA GLU B 350 10.48 11.09 -38.82
C GLU B 350 11.99 11.04 -38.74
N ASP B 351 12.69 11.78 -39.61
CA ASP B 351 14.15 11.77 -39.55
C ASP B 351 14.67 12.57 -38.36
N ALA B 352 13.84 13.46 -37.78
CA ALA B 352 14.27 14.22 -36.62
C ALA B 352 14.55 13.30 -35.44
N VAL B 353 13.68 12.32 -35.20
CA VAL B 353 13.91 11.37 -34.12
C VAL B 353 15.14 10.51 -34.43
N GLU B 354 15.29 10.08 -35.68
CA GLU B 354 16.48 9.33 -36.07
C GLU B 354 17.74 10.17 -35.88
N LYS B 355 17.70 11.44 -36.25
CA LYS B 355 18.84 12.33 -36.02
C LYS B 355 19.06 12.61 -34.55
N ALA B 356 18.08 12.33 -33.69
CA ALA B 356 18.25 12.45 -32.26
C ALA B 356 18.76 11.17 -31.60
N GLU B 357 18.53 10.01 -32.23
CA GLU B 357 19.06 8.77 -31.70
C GLU B 357 20.57 8.76 -31.68
N LYS B 358 21.20 9.23 -32.76
CA LYS B 358 22.66 9.29 -32.80
C LYS B 358 23.22 10.27 -31.78
N LEU B 359 22.50 11.35 -31.50
CA LEU B 359 22.97 12.33 -30.53
C LEU B 359 23.00 11.76 -29.12
N VAL B 360 21.94 11.05 -28.72
CA VAL B 360 21.90 10.44 -27.40
C VAL B 360 22.98 9.36 -27.29
N ALA B 361 23.12 8.54 -28.33
CA ALA B 361 24.13 7.49 -28.31
C ALA B 361 25.54 8.05 -28.24
N MET B 362 25.79 9.22 -28.82
CA MET B 362 27.10 9.85 -28.73
C MET B 362 27.45 10.27 -27.31
N GLY B 363 26.46 10.59 -26.49
CA GLY B 363 26.73 10.93 -25.10
C GLY B 363 26.99 9.75 -24.19
N GLY B 364 26.73 8.54 -24.68
CA GLY B 364 26.97 7.32 -23.92
C GLY B 364 25.87 6.95 -22.96
N ILE B 365 25.44 7.89 -22.11
CA ILE B 365 24.42 7.64 -21.11
C ILE B 365 23.21 8.50 -21.43
N GLY B 366 22.04 7.87 -21.51
CA GLY B 366 20.82 8.60 -21.77
C GLY B 366 20.24 9.20 -20.51
N HIS B 367 20.15 10.54 -20.45
CA HIS B 367 19.73 11.23 -19.25
C HIS B 367 18.36 11.88 -19.39
N THR B 368 18.19 12.77 -20.37
CA THR B 368 16.91 13.44 -20.59
C THR B 368 16.66 13.61 -22.07
N SER B 369 15.39 13.74 -22.42
CA SER B 369 14.98 14.06 -23.79
C SER B 369 13.78 14.98 -23.72
N CYS B 370 13.78 16.03 -24.54
CA CYS B 370 12.67 16.96 -24.59
C CYS B 370 12.36 17.30 -26.04
N LEU B 371 11.08 17.20 -26.41
CA LEU B 371 10.63 17.70 -27.70
C LEU B 371 9.39 18.57 -27.50
N TYR B 372 9.29 19.60 -28.33
CA TYR B 372 8.22 20.58 -28.26
C TYR B 372 7.22 20.29 -29.35
N THR B 373 5.95 20.13 -28.97
CA THR B 373 4.89 19.82 -29.91
C THR B 373 3.55 20.13 -29.27
N ASP B 374 2.52 20.21 -30.11
CA ASP B 374 1.16 20.39 -29.62
C ASP B 374 0.68 19.07 -29.02
N GLN B 375 0.49 19.05 -27.70
CA GLN B 375 0.18 17.84 -26.96
C GLN B 375 -1.31 17.59 -26.83
N ASP B 376 -2.15 18.44 -27.40
CA ASP B 376 -3.59 18.30 -27.29
C ASP B 376 -4.26 17.73 -28.53
N ASN B 377 -3.88 18.21 -29.72
CA ASN B 377 -4.46 17.72 -30.95
C ASN B 377 -3.58 16.70 -31.67
N GLN B 378 -2.39 16.42 -31.15
CA GLN B 378 -1.51 15.40 -31.72
C GLN B 378 -0.99 14.53 -30.58
N PRO B 379 -1.82 13.63 -30.05
CA PRO B 379 -1.40 12.77 -28.94
C PRO B 379 -0.63 11.53 -29.37
N ALA B 380 -0.67 11.17 -30.65
CA ALA B 380 0.07 10.00 -31.10
C ALA B 380 1.57 10.27 -31.23
N ARG B 381 1.94 11.50 -31.60
CA ARG B 381 3.35 11.83 -31.80
C ARG B 381 4.14 11.76 -30.49
N VAL B 382 3.57 12.26 -29.40
CA VAL B 382 4.25 12.17 -28.11
C VAL B 382 4.39 10.72 -27.67
N SER B 383 3.35 9.91 -27.90
CA SER B 383 3.44 8.49 -27.58
C SER B 383 4.52 7.81 -28.40
N TYR B 384 4.61 8.16 -29.69
CA TYR B 384 5.67 7.58 -30.52
C TYR B 384 7.05 8.06 -30.08
N PHE B 385 7.14 9.28 -29.53
CA PHE B 385 8.45 9.82 -29.18
C PHE B 385 9.04 9.13 -27.97
N GLY B 386 8.19 8.64 -27.05
CA GLY B 386 8.69 7.99 -25.85
C GLY B 386 9.22 6.58 -26.03
N GLN B 387 8.71 5.84 -27.01
CA GLN B 387 9.14 4.48 -27.26
C GLN B 387 10.38 4.40 -28.15
N LYS B 388 10.90 5.53 -28.61
CA LYS B 388 12.08 5.52 -29.46
C LYS B 388 13.32 6.07 -28.78
N MET B 389 13.19 7.01 -27.85
CA MET B 389 14.34 7.55 -27.15
C MET B 389 14.62 6.74 -25.89
N LYS B 390 15.90 6.54 -25.60
CA LYS B 390 16.34 5.74 -24.46
C LYS B 390 17.00 6.69 -23.45
N THR B 391 16.18 7.31 -22.62
CA THR B 391 16.63 8.21 -21.57
C THR B 391 15.73 8.08 -20.36
N ALA B 392 16.26 8.47 -19.21
CA ALA B 392 15.51 8.38 -17.96
C ALA B 392 14.36 9.36 -17.88
N ARG B 393 14.42 10.47 -18.63
CA ARG B 393 13.39 11.50 -18.58
C ARG B 393 12.93 11.84 -19.99
N ILE B 394 11.63 11.95 -20.16
CA ILE B 394 11.01 12.36 -21.43
C ILE B 394 10.14 13.59 -21.12
N LEU B 395 10.62 14.76 -21.50
CA LEU B 395 9.91 16.01 -21.26
C LEU B 395 9.26 16.49 -22.54
N ILE B 396 8.09 17.11 -22.43
CA ILE B 396 7.48 17.79 -23.56
C ILE B 396 7.02 19.17 -23.12
N ASN B 397 7.26 20.17 -23.98
CA ASN B 397 6.91 21.56 -23.69
C ASN B 397 7.42 21.99 -22.33
N THR B 398 8.66 21.55 -22.02
CA THR B 398 9.22 21.77 -20.71
C THR B 398 10.72 22.01 -20.85
N PRO B 399 11.26 23.04 -20.21
CA PRO B 399 12.72 23.23 -20.23
C PRO B 399 13.43 22.07 -19.56
N ALA B 400 14.63 21.79 -20.04
CA ALA B 400 15.39 20.62 -19.58
C ALA B 400 15.69 20.68 -18.09
N SER B 401 16.41 21.72 -17.65
CA SER B 401 16.88 21.75 -16.28
C SER B 401 15.79 22.25 -15.32
N GLN B 402 15.45 23.54 -15.41
CA GLN B 402 14.48 24.17 -14.52
C GLN B 402 14.35 25.62 -14.94
N GLY B 403 13.40 26.33 -14.31
CA GLY B 403 13.23 27.74 -14.49
C GLY B 403 14.05 28.55 -13.49
N GLY B 404 13.75 29.84 -13.44
CA GLY B 404 14.44 30.75 -12.53
C GLY B 404 13.85 30.73 -11.13
N LEU B 408 6.53 29.72 -12.87
CA LEU B 408 5.77 28.68 -12.19
C LEU B 408 6.03 27.31 -12.81
N TYR B 409 7.30 26.94 -12.88
CA TYR B 409 7.68 25.65 -13.44
C TYR B 409 7.34 24.52 -12.47
N ASN B 410 7.44 23.29 -12.97
CA ASN B 410 7.16 22.12 -12.16
C ASN B 410 8.13 22.05 -10.98
N PHE B 411 7.60 21.81 -9.78
CA PHE B 411 8.39 21.82 -8.56
C PHE B 411 8.81 20.43 -8.11
N LYS B 412 8.01 19.41 -8.39
CA LYS B 412 8.31 18.05 -7.94
C LYS B 412 9.08 17.27 -9.01
N LEU B 413 10.25 17.82 -9.36
CA LEU B 413 11.18 17.17 -10.27
C LEU B 413 12.54 17.10 -9.60
N ALA B 414 13.16 15.93 -9.64
CA ALA B 414 14.49 15.78 -9.07
C ALA B 414 15.49 16.63 -9.86
N PRO B 415 16.55 17.10 -9.21
CA PRO B 415 17.54 17.93 -9.90
C PRO B 415 18.17 17.20 -11.06
N SER B 416 18.88 17.95 -11.89
CA SER B 416 19.58 17.36 -13.03
C SER B 416 20.62 16.35 -12.56
N LEU B 417 21.36 16.70 -11.51
CA LEU B 417 22.23 15.74 -10.86
C LEU B 417 21.39 14.84 -9.95
N THR B 418 22.05 14.05 -9.10
CA THR B 418 21.42 12.94 -8.38
C THR B 418 20.79 11.93 -9.35
N LEU B 419 21.33 11.86 -10.57
CA LEU B 419 20.85 10.89 -11.55
C LEU B 419 22.09 10.23 -12.15
N GLY B 420 22.41 9.03 -11.66
CA GLY B 420 23.59 8.31 -12.07
C GLY B 420 23.27 6.99 -12.75
N CYS B 421 24.33 6.37 -13.27
CA CYS B 421 24.24 5.09 -13.94
C CYS B 421 25.41 4.22 -13.46
N GLY B 422 25.56 3.04 -14.06
CA GLY B 422 26.62 2.14 -13.65
C GLY B 422 27.39 1.53 -14.80
N SER B 423 27.34 2.16 -15.96
CA SER B 423 28.06 1.64 -17.13
C SER B 423 28.30 2.77 -18.12
N TRP B 424 29.46 2.73 -18.77
CA TRP B 424 29.80 3.67 -19.83
C TRP B 424 29.39 3.18 -21.21
N GLY B 425 28.92 1.94 -21.33
CA GLY B 425 28.58 1.40 -22.63
C GLY B 425 27.28 1.97 -23.16
N GLY B 426 27.00 1.64 -24.41
CA GLY B 426 25.78 2.11 -25.05
C GLY B 426 24.53 1.47 -24.49
N ASN B 427 23.41 2.14 -24.72
CA ASN B 427 22.10 1.70 -24.25
C ASN B 427 22.09 1.50 -22.74
N SER B 428 22.43 2.59 -22.04
CA SER B 428 22.43 2.63 -20.58
C SER B 428 21.55 3.79 -20.15
N ILE B 429 20.55 3.49 -19.32
CA ILE B 429 19.60 4.49 -18.86
C ILE B 429 19.91 4.85 -17.42
N SER B 430 20.05 6.14 -17.15
CA SER B 430 20.40 6.62 -15.82
C SER B 430 19.23 6.43 -14.86
N GLU B 431 19.53 6.52 -13.56
CA GLU B 431 18.52 6.40 -12.53
C GLU B 431 18.89 7.33 -11.38
N ASN B 432 17.89 7.67 -10.58
CA ASN B 432 18.07 8.63 -9.51
C ASN B 432 18.80 7.97 -8.34
N VAL B 433 19.97 8.50 -8.01
CA VAL B 433 20.72 8.00 -6.87
C VAL B 433 20.09 8.50 -5.58
N GLY B 434 19.86 7.58 -4.65
CA GLY B 434 19.24 7.91 -3.39
C GLY B 434 19.74 7.02 -2.28
N PRO B 435 19.18 7.18 -1.08
CA PRO B 435 19.67 6.40 0.07
C PRO B 435 19.19 4.95 0.03
N LYS B 436 19.31 4.32 -1.13
CA LYS B 436 19.15 2.89 -1.29
C LYS B 436 20.34 2.24 -1.97
N HIS B 437 21.07 2.99 -2.80
CA HIS B 437 22.30 2.49 -3.41
C HIS B 437 23.45 2.43 -2.41
N LEU B 438 23.37 3.19 -1.32
CA LEU B 438 24.41 3.22 -0.32
C LEU B 438 24.06 2.37 0.90
N ILE B 439 23.05 1.52 0.81
CA ILE B 439 22.58 0.73 1.93
C ILE B 439 22.45 -0.72 1.49
N ASN B 440 22.76 -1.64 2.40
CA ASN B 440 22.62 -3.07 2.18
C ASN B 440 21.68 -3.65 3.22
N LYS B 441 20.66 -4.38 2.78
CA LYS B 441 19.67 -4.95 3.66
C LYS B 441 19.89 -6.45 3.80
N LYS B 442 19.91 -6.92 5.05
CA LYS B 442 20.07 -8.33 5.36
C LYS B 442 18.77 -8.89 5.91
N THR B 443 18.56 -10.19 5.69
CA THR B 443 17.34 -10.85 6.10
C THR B 443 17.67 -12.01 7.03
N VAL B 444 16.97 -12.07 8.16
CA VAL B 444 17.09 -13.18 9.08
C VAL B 444 15.88 -14.08 8.91
N ALA B 445 16.06 -15.36 9.15
CA ALA B 445 14.99 -16.34 9.03
C ALA B 445 14.97 -17.19 10.29
N LYS B 446 13.81 -17.31 10.91
CA LYS B 446 13.66 -18.08 12.13
C LYS B 446 12.93 -19.39 11.85
N ARG B 447 13.44 -20.47 12.43
CA ARG B 447 12.84 -21.79 12.26
C ARG B 447 11.51 -21.80 12.99
N ALA B 448 10.42 -21.62 12.25
CA ALA B 448 9.09 -21.60 12.84
C ALA B 448 8.52 -23.01 12.83
N GLU B 449 7.95 -23.43 13.96
CA GLU B 449 7.32 -24.73 14.05
C GLU B 449 6.09 -24.78 13.14
N ASN B 450 5.90 -25.93 12.52
CA ASN B 450 4.79 -26.10 11.58
C ASN B 450 3.56 -26.63 12.29
N MET B 451 2.40 -26.12 11.89
CA MET B 451 1.13 -26.49 12.48
C MET B 451 0.35 -27.39 11.53
N LEU B 452 -0.32 -28.38 12.09
CA LEU B 452 -1.13 -29.31 11.33
C LEU B 452 -2.56 -28.79 11.25
N TRP B 453 -3.46 -29.63 10.71
CA TRP B 453 -4.85 -29.23 10.55
C TRP B 453 -5.70 -30.49 10.47
N HIS B 454 -7.02 -30.27 10.46
CA HIS B 454 -7.99 -31.36 10.30
C HIS B 454 -9.18 -30.78 9.55
N LYS B 455 -9.16 -30.91 8.23
CA LYS B 455 -10.14 -30.28 7.35
C LYS B 455 -11.01 -31.32 6.70
N LEU B 456 -12.32 -31.17 6.85
CA LEU B 456 -13.31 -32.14 6.39
C LEU B 456 -14.49 -31.40 5.79
N PRO B 457 -15.33 -32.10 5.02
CA PRO B 457 -16.60 -31.51 4.59
C PRO B 457 -17.47 -31.14 5.78
N LYS B 458 -18.35 -30.17 5.57
CA LYS B 458 -19.22 -29.69 6.63
C LYS B 458 -20.12 -30.79 7.17
N SER B 459 -20.69 -31.63 6.29
CA SER B 459 -21.61 -32.67 6.70
C SER B 459 -21.27 -33.97 5.99
N ILE B 460 -21.34 -35.06 6.74
CA ILE B 460 -21.21 -36.41 6.20
C ILE B 460 -22.39 -37.23 6.69
N TYR B 461 -23.12 -37.84 5.76
CA TYR B 461 -24.29 -38.64 6.10
C TYR B 461 -24.06 -40.09 5.70
N PHE B 462 -24.45 -41.00 6.57
CA PHE B 462 -24.21 -42.42 6.32
C PHE B 462 -25.25 -43.25 7.07
N ARG B 463 -25.93 -44.14 6.35
CA ARG B 463 -26.73 -45.22 6.90
C ARG B 463 -27.33 -46.00 5.73
N ARG B 464 -27.95 -47.12 6.06
CA ARG B 464 -28.65 -47.94 5.06
C ARG B 464 -29.82 -47.14 4.50
N GLY B 465 -29.72 -46.75 3.23
CA GLY B 465 -30.76 -45.94 2.62
C GLY B 465 -30.77 -44.52 3.15
N SER B 466 -29.68 -43.80 2.93
CA SER B 466 -29.54 -42.43 3.41
C SER B 466 -29.52 -41.41 2.29
N LEU B 467 -29.67 -41.84 1.03
CA LEU B 467 -29.61 -40.91 -0.09
C LEU B 467 -30.88 -40.04 -0.17
N PRO B 468 -32.08 -40.61 -0.25
CA PRO B 468 -33.27 -39.75 -0.41
C PRO B 468 -33.48 -38.78 0.74
N ILE B 469 -33.18 -39.20 1.98
CA ILE B 469 -33.37 -38.31 3.12
C ILE B 469 -32.36 -37.18 3.10
N ALA B 470 -31.10 -37.49 2.82
CA ALA B 470 -30.09 -36.44 2.70
C ALA B 470 -30.36 -35.54 1.50
N LEU B 471 -30.81 -36.14 0.39
CA LEU B 471 -31.14 -35.34 -0.82
C LEU B 471 -32.29 -34.38 -0.50
N ASP B 472 -33.25 -34.83 0.32
CA ASP B 472 -34.43 -33.99 0.66
C ASP B 472 -33.94 -32.66 1.24
N GLU B 473 -33.04 -32.71 2.22
CA GLU B 473 -32.55 -31.47 2.87
C GLU B 473 -32.22 -30.45 1.76
N VAL B 474 -31.61 -30.91 0.68
CA VAL B 474 -31.20 -29.99 -0.37
C VAL B 474 -32.42 -29.32 -1.00
N ILE B 475 -33.51 -30.07 -1.17
CA ILE B 475 -34.74 -29.49 -1.72
C ILE B 475 -35.29 -28.42 -0.80
N THR B 476 -35.30 -28.67 0.51
CA THR B 476 -35.81 -27.68 1.46
C THR B 476 -35.02 -26.39 1.40
N ASP B 477 -33.69 -26.49 1.30
CA ASP B 477 -32.87 -25.31 1.07
C ASP B 477 -33.07 -24.81 -0.36
N GLY B 478 -32.79 -23.53 -0.57
CA GLY B 478 -32.97 -22.94 -1.88
C GLY B 478 -31.99 -23.48 -2.89
N HIS B 479 -32.48 -24.33 -3.80
CA HIS B 479 -31.62 -24.96 -4.80
C HIS B 479 -32.49 -25.35 -5.99
N LYS B 480 -32.41 -24.58 -7.07
CA LYS B 480 -33.25 -24.80 -8.24
C LYS B 480 -32.57 -25.56 -9.36
N ARG B 481 -31.29 -25.31 -9.61
CA ARG B 481 -30.58 -25.91 -10.74
C ARG B 481 -29.45 -26.79 -10.23
N ALA B 482 -29.34 -27.98 -10.82
CA ALA B 482 -28.31 -28.93 -10.42
C ALA B 482 -27.99 -29.86 -11.57
N LEU B 483 -26.72 -30.25 -11.68
CA LEU B 483 -26.27 -31.19 -12.69
C LEU B 483 -25.53 -32.35 -12.03
N ILE B 484 -25.65 -33.52 -12.66
CA ILE B 484 -25.11 -34.77 -12.12
C ILE B 484 -24.03 -35.28 -13.07
N VAL B 485 -22.86 -35.58 -12.52
CA VAL B 485 -21.74 -36.12 -13.28
C VAL B 485 -21.67 -37.62 -13.02
N THR B 486 -21.58 -38.41 -14.08
CA THR B 486 -21.72 -39.85 -13.96
C THR B 486 -20.86 -40.56 -14.99
N ASP B 487 -20.67 -41.86 -14.78
CA ASP B 487 -19.96 -42.71 -15.72
C ASP B 487 -20.95 -43.39 -16.67
N ARG B 488 -20.49 -44.43 -17.38
CA ARG B 488 -21.30 -45.12 -18.37
C ARG B 488 -21.98 -46.38 -17.85
N PHE B 489 -21.25 -47.23 -17.12
CA PHE B 489 -21.77 -48.56 -16.83
C PHE B 489 -23.04 -48.49 -16.00
N LEU B 490 -23.10 -47.58 -15.03
CA LEU B 490 -24.22 -47.52 -14.10
C LEU B 490 -25.48 -46.91 -14.70
N PHE B 491 -25.37 -46.06 -15.72
CA PHE B 491 -26.55 -45.42 -16.30
C PHE B 491 -27.45 -46.41 -17.02
N ASN B 492 -26.86 -47.37 -17.76
CA ASN B 492 -27.68 -48.40 -18.38
C ASN B 492 -28.38 -49.27 -17.35
N ASN B 493 -27.93 -49.25 -16.10
CA ASN B 493 -28.63 -49.90 -15.01
C ASN B 493 -29.61 -48.92 -14.36
N GLY B 494 -30.32 -49.41 -13.35
CA GLY B 494 -31.27 -48.59 -12.63
C GLY B 494 -30.63 -47.76 -11.54
N TYR B 495 -29.43 -47.25 -11.80
CA TYR B 495 -28.66 -46.50 -10.82
C TYR B 495 -28.76 -44.99 -10.98
N ALA B 496 -29.55 -44.50 -11.94
CA ALA B 496 -29.68 -43.07 -12.14
C ALA B 496 -31.07 -42.56 -11.82
N ASP B 497 -32.09 -43.41 -11.85
CA ASP B 497 -33.45 -42.97 -11.54
C ASP B 497 -33.66 -42.76 -10.04
N GLN B 498 -32.85 -43.37 -9.19
CA GLN B 498 -33.06 -43.23 -7.75
C GLN B 498 -32.65 -41.85 -7.24
N ILE B 499 -32.00 -41.04 -8.06
CA ILE B 499 -31.64 -39.69 -7.68
C ILE B 499 -32.39 -38.65 -8.49
N THR B 500 -32.65 -38.93 -9.77
CA THR B 500 -33.39 -37.98 -10.60
C THR B 500 -34.87 -37.95 -10.23
N SER B 501 -35.47 -39.12 -10.01
CA SER B 501 -36.91 -39.17 -9.76
C SER B 501 -37.28 -38.44 -8.48
N VAL B 502 -36.51 -38.62 -7.41
CA VAL B 502 -36.76 -37.89 -6.18
C VAL B 502 -36.56 -36.39 -6.36
N LEU B 503 -35.78 -35.99 -7.36
CA LEU B 503 -35.58 -34.58 -7.65
C LEU B 503 -36.71 -34.01 -8.51
N LYS B 504 -37.18 -34.77 -9.50
CA LYS B 504 -38.27 -34.28 -10.35
C LYS B 504 -39.58 -34.14 -9.57
N ALA B 505 -39.80 -35.01 -8.58
CA ALA B 505 -41.04 -34.93 -7.81
C ALA B 505 -41.16 -33.59 -7.10
N ALA B 506 -40.07 -33.13 -6.48
CA ALA B 506 -40.07 -31.80 -5.89
C ALA B 506 -40.05 -30.73 -6.97
N GLY B 507 -39.32 -30.98 -8.06
CA GLY B 507 -39.27 -30.06 -9.18
C GLY B 507 -38.01 -29.23 -9.22
N VAL B 508 -37.04 -29.69 -10.02
CA VAL B 508 -35.78 -29.00 -10.23
C VAL B 508 -35.24 -29.41 -11.58
N GLU B 509 -34.45 -28.52 -12.19
CA GLU B 509 -33.89 -28.80 -13.51
C GLU B 509 -32.62 -29.63 -13.35
N THR B 510 -32.68 -30.88 -13.79
CA THR B 510 -31.54 -31.79 -13.76
C THR B 510 -31.22 -32.23 -15.18
N GLU B 511 -29.93 -32.35 -15.49
CA GLU B 511 -29.48 -32.75 -16.81
C GLU B 511 -28.56 -33.96 -16.70
N VAL B 512 -28.37 -34.62 -17.83
CA VAL B 512 -27.60 -35.86 -17.92
C VAL B 512 -26.21 -35.56 -18.47
N PHE B 513 -25.20 -36.05 -17.78
CA PHE B 513 -23.79 -35.95 -18.20
C PHE B 513 -23.21 -37.35 -18.20
N PHE B 514 -23.31 -38.03 -19.34
CA PHE B 514 -22.94 -39.43 -19.44
C PHE B 514 -21.84 -39.59 -20.50
N GLU B 515 -20.63 -39.13 -20.16
CA GLU B 515 -19.50 -39.40 -21.03
C GLU B 515 -18.18 -39.62 -20.30
N VAL B 516 -18.16 -39.67 -18.97
CA VAL B 516 -16.91 -39.79 -18.23
C VAL B 516 -16.51 -41.26 -18.18
N GLU B 517 -15.29 -41.55 -18.63
CA GLU B 517 -14.76 -42.90 -18.61
C GLU B 517 -13.75 -43.05 -17.47
N ALA B 518 -13.01 -44.17 -17.46
CA ALA B 518 -12.24 -44.58 -16.31
C ALA B 518 -11.17 -43.58 -15.88
N ASP B 519 -10.72 -42.71 -16.78
CA ASP B 519 -9.65 -41.78 -16.45
C ASP B 519 -9.94 -40.47 -17.18
N PRO B 520 -10.10 -39.37 -16.47
CA PRO B 520 -10.41 -38.10 -17.13
C PRO B 520 -9.21 -37.58 -17.91
N THR B 521 -9.48 -37.08 -19.13
CA THR B 521 -8.43 -36.70 -20.05
C THR B 521 -8.45 -35.22 -20.43
N LEU B 522 -8.99 -34.36 -19.55
CA LEU B 522 -8.93 -32.91 -19.73
C LEU B 522 -9.74 -32.43 -20.93
N SER B 523 -10.27 -33.38 -21.70
CA SER B 523 -11.12 -33.04 -22.83
C SER B 523 -12.60 -33.11 -22.49
N ILE B 524 -13.00 -34.10 -21.68
CA ILE B 524 -14.39 -34.18 -21.24
C ILE B 524 -14.67 -33.26 -20.05
N VAL B 525 -13.66 -32.90 -19.27
CA VAL B 525 -13.87 -31.91 -18.21
C VAL B 525 -14.08 -30.53 -18.80
N ARG B 526 -13.38 -30.23 -19.91
CA ARG B 526 -13.58 -28.94 -20.57
C ARG B 526 -14.98 -28.84 -21.14
N LYS B 527 -15.45 -29.88 -21.83
CA LYS B 527 -16.82 -29.86 -22.34
C LYS B 527 -17.84 -29.90 -21.22
N GLY B 528 -17.48 -30.49 -20.07
CA GLY B 528 -18.35 -30.43 -18.91
C GLY B 528 -18.49 -29.02 -18.37
N ALA B 529 -17.38 -28.29 -18.30
CA ALA B 529 -17.45 -26.89 -17.93
C ALA B 529 -18.25 -26.08 -18.95
N GLU B 530 -18.10 -26.44 -20.24
CA GLU B 530 -18.89 -25.77 -21.28
C GLU B 530 -20.39 -26.03 -21.09
N LEU B 531 -20.77 -27.23 -20.66
CA LEU B 531 -22.16 -27.47 -20.34
C LEU B 531 -22.54 -26.79 -19.03
N ALA B 532 -21.59 -26.66 -18.10
CA ALA B 532 -21.89 -26.06 -16.80
C ALA B 532 -22.24 -24.59 -16.93
N ASN B 533 -21.40 -23.82 -17.62
CA ASN B 533 -21.68 -22.39 -17.76
C ASN B 533 -22.77 -22.10 -18.80
N SER B 534 -23.18 -23.10 -19.56
CA SER B 534 -24.35 -22.99 -20.43
C SER B 534 -25.64 -23.36 -19.70
N PHE B 535 -25.55 -23.78 -18.45
CA PHE B 535 -26.71 -24.15 -17.65
C PHE B 535 -26.86 -23.34 -16.36
N LYS B 536 -25.76 -22.80 -15.83
CA LYS B 536 -25.74 -22.00 -14.61
C LYS B 536 -26.31 -22.77 -13.43
N PRO B 537 -25.70 -23.89 -13.04
CA PRO B 537 -26.23 -24.67 -11.93
C PRO B 537 -25.93 -24.01 -10.59
N ASP B 538 -26.74 -24.39 -9.59
CA ASP B 538 -26.53 -23.93 -8.23
C ASP B 538 -25.95 -25.00 -7.31
N VAL B 539 -26.10 -26.28 -7.65
CA VAL B 539 -25.52 -27.37 -6.88
C VAL B 539 -24.94 -28.38 -7.85
N ILE B 540 -23.71 -28.81 -7.60
CA ILE B 540 -23.06 -29.83 -8.40
C ILE B 540 -23.05 -31.12 -7.60
N ILE B 541 -23.68 -32.16 -8.14
CA ILE B 541 -23.80 -33.45 -7.47
C ILE B 541 -22.95 -34.45 -8.24
N ALA B 542 -21.92 -34.98 -7.59
CA ALA B 542 -21.08 -35.98 -8.22
C ALA B 542 -21.65 -37.38 -7.97
N LEU B 543 -21.38 -38.27 -8.91
CA LEU B 543 -21.79 -39.66 -8.80
C LEU B 543 -20.65 -40.54 -9.30
N GLY B 544 -20.59 -41.76 -8.79
CA GLY B 544 -19.51 -42.65 -9.12
C GLY B 544 -18.33 -42.51 -8.18
N GLY B 545 -17.50 -43.56 -8.14
CA GLY B 545 -16.34 -43.59 -7.28
C GLY B 545 -15.05 -43.48 -8.08
N GLY B 546 -14.26 -42.47 -7.76
CA GLY B 546 -12.97 -42.30 -8.40
C GLY B 546 -12.98 -41.32 -9.55
N SER B 547 -13.03 -41.85 -10.77
CA SER B 547 -12.94 -41.00 -11.96
C SER B 547 -14.02 -39.94 -12.04
N PRO B 548 -15.33 -40.24 -11.93
CA PRO B 548 -16.33 -39.20 -12.12
C PRO B 548 -16.46 -38.25 -10.94
N MET B 549 -15.88 -38.58 -9.79
CA MET B 549 -15.87 -37.68 -8.65
C MET B 549 -14.64 -36.80 -8.60
N ASP B 550 -13.51 -37.26 -9.14
CA ASP B 550 -12.33 -36.42 -9.23
C ASP B 550 -12.51 -35.33 -10.29
N ALA B 551 -13.11 -35.69 -11.43
CA ALA B 551 -13.32 -34.73 -12.50
C ALA B 551 -14.34 -33.67 -12.14
N ALA B 552 -15.32 -34.00 -11.29
CA ALA B 552 -16.32 -33.02 -10.90
C ALA B 552 -15.73 -31.86 -10.13
N LYS B 553 -14.65 -32.07 -9.38
CA LYS B 553 -13.99 -30.98 -8.68
C LYS B 553 -13.37 -30.00 -9.67
N ILE B 554 -12.74 -30.51 -10.73
CA ILE B 554 -12.14 -29.63 -11.73
C ILE B 554 -13.21 -28.86 -12.48
N MET B 555 -14.33 -29.52 -12.82
CA MET B 555 -15.45 -28.82 -13.43
C MET B 555 -15.94 -27.68 -12.55
N TRP B 556 -15.95 -27.89 -11.23
CA TRP B 556 -16.41 -26.87 -10.30
C TRP B 556 -15.50 -25.64 -10.34
N VAL B 557 -14.18 -25.85 -10.41
CA VAL B 557 -13.25 -24.73 -10.43
C VAL B 557 -13.36 -23.96 -11.74
N MET B 558 -13.36 -24.68 -12.86
CA MET B 558 -13.43 -24.02 -14.16
C MET B 558 -14.77 -23.32 -14.40
N TYR B 559 -15.84 -23.80 -13.77
CA TYR B 559 -17.13 -23.12 -13.86
C TYR B 559 -17.17 -21.86 -13.01
N GLU B 560 -16.54 -21.89 -11.84
CA GLU B 560 -16.54 -20.74 -10.94
C GLU B 560 -15.45 -19.74 -11.25
N HIS B 561 -14.52 -20.06 -12.16
CA HIS B 561 -13.44 -19.15 -12.53
C HIS B 561 -13.08 -19.40 -13.99
N PRO B 562 -13.95 -19.00 -14.92
CA PRO B 562 -13.69 -19.27 -16.34
C PRO B 562 -12.42 -18.63 -16.87
N GLU B 563 -12.04 -17.46 -16.33
CA GLU B 563 -10.88 -16.75 -16.87
C GLU B 563 -9.58 -17.44 -16.49
N THR B 564 -9.55 -18.14 -15.36
CA THR B 564 -8.32 -18.81 -14.92
C THR B 564 -8.08 -20.06 -15.75
N HIS B 565 -6.92 -20.12 -16.40
CA HIS B 565 -6.58 -21.29 -17.20
C HIS B 565 -6.19 -22.46 -16.30
N PHE B 566 -6.44 -23.66 -16.80
CA PHE B 566 -6.08 -24.86 -16.05
C PHE B 566 -4.57 -24.97 -15.85
N GLU B 567 -3.79 -24.63 -16.88
CA GLU B 567 -2.34 -24.73 -16.79
C GLU B 567 -1.74 -23.79 -15.75
N GLU B 568 -2.47 -22.77 -15.31
CA GLU B 568 -2.00 -21.94 -14.22
C GLU B 568 -2.08 -22.67 -12.88
N LEU B 569 -3.07 -23.56 -12.72
CA LEU B 569 -3.23 -24.33 -11.50
C LEU B 569 -2.31 -25.54 -11.44
N ALA B 570 -1.60 -25.85 -12.52
CA ALA B 570 -0.72 -27.00 -12.57
C ALA B 570 0.61 -26.76 -11.87
N LEU B 571 0.99 -25.50 -11.62
CA LEU B 571 2.22 -25.19 -10.92
C LEU B 571 2.02 -24.54 -9.56
N ARG B 572 0.83 -24.00 -9.28
CA ARG B 572 0.59 -23.36 -7.99
C ARG B 572 0.11 -24.35 -6.93
N PHE B 573 -0.91 -25.13 -7.26
CA PHE B 573 -1.57 -26.02 -6.30
C PHE B 573 -1.43 -27.46 -6.82
N MET B 574 -0.41 -28.16 -6.33
CA MET B 574 -0.21 -29.56 -6.67
C MET B 574 0.14 -30.44 -5.49
N ASP B 575 0.33 -29.86 -4.30
CA ASP B 575 0.62 -30.64 -3.10
C ASP B 575 0.04 -29.93 -1.89
N ILE B 576 -0.63 -30.66 -1.01
CA ILE B 576 -1.15 -30.03 0.20
C ILE B 576 -0.08 -30.13 1.28
N ARG B 577 0.93 -29.29 1.18
CA ARG B 577 1.86 -29.02 2.28
C ARG B 577 2.22 -27.55 2.40
N LYS B 578 2.10 -26.76 1.33
CA LYS B 578 2.39 -25.34 1.35
C LYS B 578 1.13 -24.56 1.73
N ARG B 579 1.34 -23.38 2.31
CA ARG B 579 0.22 -22.55 2.72
C ARG B 579 0.45 -21.08 2.38
N ILE B 580 1.31 -20.80 1.40
CA ILE B 580 1.67 -19.44 1.05
C ILE B 580 0.85 -18.91 -0.11
N TYR B 581 0.27 -19.80 -0.91
CA TYR B 581 -0.59 -19.43 -2.03
C TYR B 581 -2.01 -19.91 -1.74
N LYS B 582 -2.98 -19.02 -1.96
CA LYS B 582 -4.37 -19.31 -1.67
C LYS B 582 -5.15 -19.52 -2.96
N PHE B 583 -6.05 -20.48 -2.92
CA PHE B 583 -6.99 -20.70 -4.01
C PHE B 583 -7.96 -19.53 -4.08
N PRO B 584 -8.40 -19.12 -5.27
CA PRO B 584 -9.51 -18.18 -5.34
C PRO B 584 -10.73 -18.77 -4.67
N LYS B 585 -11.47 -17.92 -3.95
CA LYS B 585 -12.55 -18.41 -3.10
C LYS B 585 -13.60 -19.12 -3.93
N MET B 586 -14.15 -20.19 -3.37
CA MET B 586 -15.09 -21.06 -4.07
C MET B 586 -16.40 -21.13 -3.29
N GLY B 587 -17.39 -21.78 -3.91
CA GLY B 587 -18.70 -21.88 -3.31
C GLY B 587 -19.57 -20.65 -3.46
N VAL B 588 -19.14 -19.67 -4.25
CA VAL B 588 -19.92 -18.44 -4.39
C VAL B 588 -21.23 -18.72 -5.12
N LYS B 589 -21.16 -19.44 -6.25
CA LYS B 589 -22.35 -19.68 -7.07
C LYS B 589 -22.66 -21.16 -7.24
N ALA B 590 -22.05 -22.04 -6.45
CA ALA B 590 -22.32 -23.46 -6.51
C ALA B 590 -21.78 -24.13 -5.27
N LYS B 591 -22.12 -25.41 -5.10
CA LYS B 591 -21.56 -26.22 -4.04
C LYS B 591 -21.58 -27.68 -4.48
N MET B 592 -20.67 -28.47 -3.92
CA MET B 592 -20.45 -29.84 -4.37
C MET B 592 -21.08 -30.82 -3.39
N ILE B 593 -21.87 -31.75 -3.92
CA ILE B 593 -22.36 -32.91 -3.19
C ILE B 593 -21.68 -34.13 -3.77
N ALA B 594 -21.15 -34.99 -2.89
CA ALA B 594 -20.39 -36.15 -3.32
C ALA B 594 -21.11 -37.42 -2.89
N VAL B 595 -21.35 -38.31 -3.84
CA VAL B 595 -21.98 -39.59 -3.59
C VAL B 595 -21.09 -40.68 -4.17
N THR B 596 -20.94 -41.78 -3.42
CA THR B 596 -20.08 -42.88 -3.81
C THR B 596 -20.92 -44.07 -4.27
N THR B 597 -20.34 -44.86 -5.16
CA THR B 597 -21.00 -46.05 -5.69
C THR B 597 -20.20 -47.34 -5.48
N THR B 598 -18.95 -47.25 -5.03
CA THR B 598 -18.12 -48.43 -4.83
C THR B 598 -17.51 -48.39 -3.45
N SER B 599 -17.37 -49.56 -2.84
CA SER B 599 -16.86 -49.67 -1.48
C SER B 599 -15.34 -49.81 -1.52
N GLY B 600 -14.65 -48.78 -1.04
CA GLY B 600 -13.20 -48.89 -0.93
C GLY B 600 -12.39 -47.76 -1.54
N THR B 601 -13.03 -46.62 -1.78
CA THR B 601 -12.29 -45.43 -2.22
C THR B 601 -12.94 -44.21 -1.57
N GLY B 602 -12.18 -43.53 -0.73
CA GLY B 602 -12.71 -42.37 -0.03
C GLY B 602 -12.41 -41.06 -0.74
N SER B 603 -12.63 -41.02 -2.05
CA SER B 603 -12.34 -39.84 -2.85
C SER B 603 -13.39 -38.75 -2.69
N GLU B 604 -14.48 -39.02 -1.99
CA GLU B 604 -15.53 -38.05 -1.76
C GLU B 604 -15.22 -37.10 -0.62
N VAL B 605 -14.09 -37.30 0.06
CA VAL B 605 -13.75 -36.55 1.27
C VAL B 605 -12.40 -35.88 1.18
N THR B 606 -11.60 -36.18 0.15
CA THR B 606 -10.25 -35.66 0.04
C THR B 606 -10.16 -34.54 -0.99
N PRO B 607 -9.24 -33.60 -0.81
CA PRO B 607 -9.05 -32.50 -1.77
C PRO B 607 -8.04 -32.85 -2.86
N PHE B 608 -8.30 -33.96 -3.56
CA PHE B 608 -7.37 -34.46 -4.56
C PHE B 608 -8.07 -34.56 -5.91
N ALA B 609 -7.32 -34.24 -6.97
CA ALA B 609 -7.82 -34.34 -8.33
C ALA B 609 -6.64 -34.55 -9.26
N VAL B 610 -6.72 -35.57 -10.10
CA VAL B 610 -5.68 -35.90 -11.05
C VAL B 610 -6.26 -35.77 -12.45
N VAL B 611 -5.62 -34.97 -13.29
CA VAL B 611 -6.08 -34.70 -14.64
C VAL B 611 -5.00 -35.14 -15.62
N THR B 612 -5.39 -35.97 -16.58
CA THR B 612 -4.50 -36.44 -17.63
C THR B 612 -4.70 -35.57 -18.87
N ASP B 613 -3.63 -35.29 -19.58
CA ASP B 613 -3.72 -34.58 -20.85
C ASP B 613 -3.64 -35.56 -22.01
N ASP B 614 -4.71 -35.60 -22.82
CA ASP B 614 -4.78 -36.54 -23.92
C ASP B 614 -3.79 -36.22 -25.04
N ALA B 615 -3.23 -35.01 -25.05
CA ALA B 615 -2.27 -34.65 -26.09
C ALA B 615 -1.00 -35.48 -25.98
N THR B 616 -0.40 -35.51 -24.80
CA THR B 616 0.86 -36.24 -24.59
C THR B 616 0.70 -37.43 -23.64
N GLY B 617 -0.15 -37.31 -22.63
CA GLY B 617 -0.35 -38.39 -21.68
C GLY B 617 0.31 -38.14 -20.33
N GLN B 618 0.41 -36.86 -19.96
CA GLN B 618 1.03 -36.48 -18.70
C GLN B 618 -0.05 -36.10 -17.69
N LYS B 619 0.19 -36.50 -16.43
CA LYS B 619 -0.75 -36.24 -15.35
C LYS B 619 -0.44 -34.88 -14.72
N TYR B 620 -1.50 -34.18 -14.32
CA TYR B 620 -1.39 -32.87 -13.69
C TYR B 620 -2.17 -32.92 -12.38
N PRO B 621 -1.57 -33.49 -11.32
CA PRO B 621 -2.28 -33.58 -10.05
C PRO B 621 -2.59 -32.20 -9.47
N LEU B 622 -3.76 -32.10 -8.85
CA LEU B 622 -4.18 -30.89 -8.15
C LEU B 622 -4.55 -31.26 -6.72
N ALA B 623 -4.15 -30.41 -5.79
CA ALA B 623 -4.40 -30.70 -4.38
C ALA B 623 -4.40 -29.40 -3.59
N ASP B 624 -5.57 -29.02 -3.08
CA ASP B 624 -5.70 -27.91 -2.15
C ASP B 624 -7.01 -28.05 -1.41
N TYR B 625 -7.02 -27.59 -0.16
CA TYR B 625 -8.20 -27.78 0.69
C TYR B 625 -9.29 -26.77 0.37
N ALA B 626 -9.63 -26.70 -0.92
CA ALA B 626 -10.79 -25.94 -1.38
C ALA B 626 -11.65 -26.74 -2.35
N LEU B 627 -11.19 -27.89 -2.81
CA LEU B 627 -11.95 -28.77 -3.68
C LEU B 627 -12.75 -29.80 -2.89
N THR B 628 -12.65 -29.80 -1.57
CA THR B 628 -13.40 -30.73 -0.76
C THR B 628 -14.90 -30.45 -0.90
N PRO B 629 -15.73 -31.46 -1.11
CA PRO B 629 -17.17 -31.22 -1.23
C PRO B 629 -17.74 -30.68 0.07
N ASP B 630 -18.82 -29.91 -0.06
CA ASP B 630 -19.52 -29.37 1.10
C ASP B 630 -20.43 -30.39 1.76
N MET B 631 -20.59 -31.57 1.16
CA MET B 631 -21.45 -32.61 1.70
C MET B 631 -21.05 -33.93 1.05
N ALA B 632 -21.08 -35.00 1.85
CA ALA B 632 -20.77 -36.33 1.35
C ALA B 632 -21.85 -37.30 1.80
N ILE B 633 -22.45 -38.00 0.84
CA ILE B 633 -23.46 -39.01 1.12
C ILE B 633 -22.77 -40.37 1.05
N VAL B 634 -22.88 -41.14 2.13
CA VAL B 634 -22.33 -42.49 2.19
C VAL B 634 -23.51 -43.43 2.38
N ASP B 635 -24.06 -43.91 1.26
CA ASP B 635 -25.22 -44.80 1.29
C ASP B 635 -24.77 -46.19 0.87
N ALA B 636 -25.48 -47.21 1.34
CA ALA B 636 -25.12 -48.59 1.07
C ALA B 636 -26.16 -49.35 0.27
N ASN B 637 -27.38 -48.82 0.15
CA ASN B 637 -28.42 -49.53 -0.61
C ASN B 637 -28.04 -49.67 -2.07
N LEU B 638 -27.16 -48.81 -2.58
CA LEU B 638 -26.67 -48.90 -3.95
C LEU B 638 -25.49 -49.86 -4.09
N VAL B 639 -25.04 -50.49 -3.02
CA VAL B 639 -24.09 -51.59 -3.11
C VAL B 639 -24.71 -52.78 -2.37
N MET B 640 -25.51 -53.55 -3.11
CA MET B 640 -26.02 -54.87 -2.71
C MET B 640 -25.75 -55.90 -3.79
N ASP B 641 -25.39 -55.46 -4.99
CA ASP B 641 -25.21 -56.38 -6.11
C ASP B 641 -23.89 -56.19 -6.85
N MET B 642 -22.90 -55.50 -6.27
CA MET B 642 -21.60 -55.39 -6.90
C MET B 642 -20.97 -56.78 -7.01
N PRO B 643 -20.27 -57.08 -8.11
CA PRO B 643 -19.69 -58.42 -8.26
C PRO B 643 -18.68 -58.70 -7.15
N LYS B 644 -18.65 -59.96 -6.71
CA LYS B 644 -17.72 -60.35 -5.65
C LYS B 644 -16.27 -60.16 -6.08
N SER B 645 -16.01 -60.11 -7.39
CA SER B 645 -14.65 -59.89 -7.86
C SER B 645 -14.23 -58.43 -7.75
N LEU B 646 -15.15 -57.52 -7.42
CA LEU B 646 -14.84 -56.10 -7.34
C LEU B 646 -15.15 -55.50 -5.98
N CYS B 647 -16.04 -56.11 -5.20
CA CYS B 647 -16.32 -55.60 -3.85
C CYS B 647 -15.06 -55.54 -3.02
N ALA B 648 -14.21 -56.56 -3.14
CA ALA B 648 -12.92 -56.60 -2.46
C ALA B 648 -11.83 -55.86 -3.22
N PHE B 649 -12.06 -55.49 -4.47
CA PHE B 649 -11.04 -54.82 -5.25
C PHE B 649 -10.72 -53.45 -4.65
N GLY B 650 -11.75 -52.66 -4.36
CA GLY B 650 -11.58 -51.42 -3.65
C GLY B 650 -11.45 -51.62 -2.16
N GLY B 651 -11.99 -52.73 -1.67
CA GLY B 651 -11.88 -53.03 -0.24
C GLY B 651 -10.45 -53.10 0.23
N LEU B 652 -9.58 -53.73 -0.56
CA LEU B 652 -8.16 -53.75 -0.23
C LEU B 652 -7.49 -52.41 -0.51
N ASP B 653 -8.07 -51.59 -1.38
CA ASP B 653 -7.54 -50.24 -1.56
C ASP B 653 -7.66 -49.42 -0.29
N ALA B 654 -8.79 -49.54 0.42
CA ALA B 654 -8.95 -48.84 1.68
C ALA B 654 -7.99 -49.36 2.73
N VAL B 655 -7.62 -50.64 2.67
CA VAL B 655 -6.66 -51.18 3.62
C VAL B 655 -5.32 -50.47 3.49
N THR B 656 -4.84 -50.32 2.25
CA THR B 656 -3.63 -49.55 2.02
C THR B 656 -3.84 -48.06 2.20
N HIS B 657 -5.07 -47.57 1.99
CA HIS B 657 -5.34 -46.16 2.23
C HIS B 657 -5.18 -45.80 3.70
N ALA B 658 -5.61 -46.67 4.60
CA ALA B 658 -5.52 -46.41 6.03
C ALA B 658 -4.20 -46.85 6.64
N MET B 659 -3.66 -48.00 6.22
CA MET B 659 -2.38 -48.46 6.73
C MET B 659 -1.23 -47.53 6.36
N GLU B 660 -1.35 -46.79 5.25
CA GLU B 660 -0.29 -45.91 4.79
C GLU B 660 -0.37 -44.51 5.40
N ALA B 661 -1.56 -44.05 5.76
CA ALA B 661 -1.68 -42.75 6.42
C ALA B 661 -1.27 -42.80 7.88
N TYR B 662 -1.27 -43.98 8.49
CA TYR B 662 -0.87 -44.10 9.88
C TYR B 662 0.64 -43.94 10.07
N VAL B 663 1.44 -44.38 9.11
CA VAL B 663 2.89 -44.31 9.20
C VAL B 663 3.45 -43.13 8.42
N SER B 664 2.58 -42.27 7.89
CA SER B 664 3.04 -41.08 7.19
C SER B 664 3.70 -40.12 8.18
N VAL B 665 4.55 -39.24 7.63
CA VAL B 665 5.22 -38.25 8.47
C VAL B 665 4.29 -37.10 8.85
N LEU B 666 3.15 -36.96 8.17
CA LEU B 666 2.16 -35.93 8.49
C LEU B 666 1.08 -36.46 9.41
N ALA B 667 1.17 -37.71 9.84
CA ALA B 667 0.17 -38.28 10.73
C ALA B 667 0.20 -37.57 12.08
N SER B 668 -0.97 -37.19 12.56
CA SER B 668 -1.12 -36.50 13.83
C SER B 668 -2.09 -37.28 14.73
N GLU B 669 -2.29 -36.77 15.94
CA GLU B 669 -3.19 -37.42 16.88
C GLU B 669 -4.65 -37.36 16.43
N PHE B 670 -4.99 -36.43 15.54
CA PHE B 670 -6.38 -36.32 15.08
C PHE B 670 -6.74 -37.41 14.09
N SER B 671 -5.80 -37.79 13.21
CA SER B 671 -6.07 -38.75 12.14
C SER B 671 -5.53 -40.14 12.45
N ASP B 672 -5.10 -40.40 13.68
CA ASP B 672 -4.61 -41.71 14.07
C ASP B 672 -5.72 -42.65 14.52
N GLY B 673 -6.71 -42.14 15.25
CA GLY B 673 -7.79 -43.00 15.69
C GLY B 673 -8.64 -43.51 14.53
N GLN B 674 -8.95 -42.62 13.58
CA GLN B 674 -9.76 -43.02 12.44
C GLN B 674 -9.00 -43.95 11.51
N ALA B 675 -7.69 -43.71 11.34
CA ALA B 675 -6.88 -44.62 10.53
C ALA B 675 -6.80 -46.00 11.13
N LEU B 676 -6.90 -46.12 12.46
CA LEU B 676 -6.88 -47.42 13.12
C LEU B 676 -8.24 -48.09 13.18
N GLN B 677 -9.32 -47.30 13.28
CA GLN B 677 -10.65 -47.90 13.33
C GLN B 677 -11.00 -48.58 12.02
N ALA B 678 -10.54 -48.04 10.90
CA ALA B 678 -10.82 -48.65 9.61
C ALA B 678 -10.22 -50.04 9.51
N LEU B 679 -8.99 -50.21 9.99
CA LEU B 679 -8.34 -51.51 9.90
C LEU B 679 -8.97 -52.52 10.85
N LYS B 680 -9.50 -52.07 11.99
CA LYS B 680 -9.99 -52.99 13.00
C LYS B 680 -11.15 -53.82 12.49
N LEU B 681 -12.10 -53.19 11.80
CA LEU B 681 -13.29 -53.92 11.37
C LEU B 681 -13.09 -54.63 10.04
N LEU B 682 -12.02 -54.30 9.31
CA LEU B 682 -11.82 -54.88 7.98
C LEU B 682 -11.32 -56.31 8.05
N LYS B 683 -10.92 -56.80 9.22
CA LYS B 683 -10.62 -58.21 9.40
C LYS B 683 -11.76 -58.94 10.10
N GLU B 684 -12.88 -58.26 10.34
CA GLU B 684 -14.02 -58.85 11.03
C GLU B 684 -15.06 -59.41 10.07
N TYR B 685 -15.59 -58.58 9.17
CA TYR B 685 -16.59 -59.07 8.23
C TYR B 685 -16.37 -58.56 6.81
N LEU B 686 -15.22 -57.95 6.51
CA LEU B 686 -14.91 -57.67 5.11
C LEU B 686 -14.77 -58.95 4.29
N PRO B 687 -14.08 -60.00 4.75
CA PRO B 687 -14.17 -61.28 4.03
C PRO B 687 -15.58 -61.81 3.95
N ALA B 688 -16.41 -61.54 4.96
CA ALA B 688 -17.81 -61.93 4.90
C ALA B 688 -18.53 -61.18 3.79
N SER B 689 -18.20 -59.90 3.60
CA SER B 689 -18.78 -59.11 2.53
C SER B 689 -18.35 -59.64 1.17
N TYR B 690 -17.26 -60.40 1.14
CA TYR B 690 -16.77 -61.03 -0.09
C TYR B 690 -17.56 -62.29 -0.39
N HIS B 691 -17.58 -63.24 0.55
CA HIS B 691 -18.21 -64.53 0.30
C HIS B 691 -19.73 -64.47 0.30
N GLU B 692 -20.32 -63.45 0.94
CA GLU B 692 -21.77 -63.40 1.03
C GLU B 692 -22.35 -62.35 0.08
N GLY B 693 -21.87 -61.11 0.17
CA GLY B 693 -22.33 -60.08 -0.72
C GLY B 693 -23.76 -59.65 -0.44
N SER B 694 -24.71 -60.52 -0.78
CA SER B 694 -26.12 -60.30 -0.48
C SER B 694 -26.67 -61.23 0.57
N LYS B 695 -25.99 -62.34 0.87
CA LYS B 695 -26.41 -63.22 1.96
C LYS B 695 -26.22 -62.58 3.33
N ASN B 696 -25.39 -61.54 3.43
CA ASN B 696 -25.13 -60.85 4.70
C ASN B 696 -25.15 -59.35 4.42
N PRO B 697 -26.34 -58.73 4.35
CA PRO B 697 -26.41 -57.29 4.07
C PRO B 697 -25.60 -56.41 5.00
N VAL B 698 -25.60 -56.70 6.31
CA VAL B 698 -25.06 -55.76 7.29
C VAL B 698 -23.55 -55.63 7.14
N ALA B 699 -22.86 -56.71 6.80
CA ALA B 699 -21.41 -56.64 6.64
C ALA B 699 -21.02 -55.70 5.51
N ARG B 700 -21.74 -55.75 4.39
CA ARG B 700 -21.45 -54.85 3.28
C ARG B 700 -21.66 -53.39 3.67
N GLU B 701 -22.72 -53.12 4.44
CA GLU B 701 -22.93 -51.77 4.94
C GLU B 701 -21.79 -51.32 5.86
N ARG B 702 -21.36 -52.20 6.75
CA ARG B 702 -20.30 -51.86 7.69
C ARG B 702 -18.99 -51.58 6.96
N VAL B 703 -18.67 -52.38 5.94
CA VAL B 703 -17.43 -52.17 5.19
C VAL B 703 -17.50 -50.86 4.39
N HIS B 704 -18.68 -50.55 3.84
CA HIS B 704 -18.80 -49.36 2.99
C HIS B 704 -18.51 -48.08 3.78
N SER B 705 -19.00 -48.00 5.01
CA SER B 705 -18.74 -46.82 5.84
C SER B 705 -17.29 -46.71 6.25
N ALA B 706 -16.52 -47.81 6.17
CA ALA B 706 -15.11 -47.78 6.51
C ALA B 706 -14.23 -47.19 5.42
N ALA B 707 -14.66 -47.24 4.16
CA ALA B 707 -13.89 -46.63 3.09
C ALA B 707 -13.76 -45.14 3.30
N THR B 708 -14.84 -44.47 3.71
CA THR B 708 -14.74 -43.06 4.09
C THR B 708 -13.87 -42.87 5.32
N ILE B 709 -13.97 -43.78 6.29
CA ILE B 709 -13.15 -43.68 7.49
C ILE B 709 -11.67 -43.80 7.13
N ALA B 710 -11.33 -44.69 6.21
CA ALA B 710 -9.97 -44.72 5.69
C ALA B 710 -9.63 -43.43 4.96
N GLY B 711 -10.58 -42.90 4.18
CA GLY B 711 -10.36 -41.67 3.44
C GLY B 711 -10.41 -40.43 4.29
N ILE B 712 -11.13 -40.46 5.42
CA ILE B 712 -11.21 -39.27 6.27
C ILE B 712 -9.88 -38.99 6.95
N ALA B 713 -8.99 -39.99 6.98
CA ALA B 713 -7.69 -39.84 7.61
C ALA B 713 -6.61 -39.44 6.61
N PHE B 714 -6.54 -40.10 5.46
CA PHE B 714 -5.50 -39.77 4.49
C PHE B 714 -5.77 -38.47 3.76
N ALA B 715 -6.97 -37.91 3.86
CA ALA B 715 -7.22 -36.56 3.36
C ALA B 715 -6.46 -35.53 4.16
N ASN B 716 -6.02 -35.85 5.37
CA ASN B 716 -5.23 -34.96 6.22
C ASN B 716 -3.76 -35.34 6.28
N ALA B 717 -3.44 -36.62 6.10
CA ALA B 717 -2.08 -37.10 6.04
C ALA B 717 -1.88 -37.82 4.72
N PHE B 718 -1.00 -37.30 3.88
CA PHE B 718 -0.82 -37.83 2.53
C PHE B 718 -0.33 -39.27 2.58
N LEU B 719 -0.69 -40.04 1.55
CA LEU B 719 -0.25 -41.42 1.42
C LEU B 719 1.25 -41.47 1.14
N GLY B 720 1.81 -42.67 1.28
CA GLY B 720 3.23 -42.92 1.12
C GLY B 720 3.58 -43.31 -0.29
N VAL B 721 4.60 -44.16 -0.42
CA VAL B 721 5.10 -44.55 -1.73
C VAL B 721 4.30 -45.70 -2.34
N CYS B 722 3.61 -46.50 -1.51
CA CYS B 722 2.85 -47.61 -2.05
C CYS B 722 1.75 -47.13 -2.99
N HIS B 723 1.13 -45.99 -2.69
CA HIS B 723 0.11 -45.41 -3.53
C HIS B 723 0.69 -44.61 -4.69
N SER B 724 1.95 -44.84 -5.02
CA SER B 724 2.63 -44.16 -6.12
C SER B 724 2.99 -45.11 -7.25
N MET B 725 3.70 -46.20 -6.96
CA MET B 725 3.80 -47.25 -7.95
C MET B 725 2.44 -47.87 -8.23
N ALA B 726 1.49 -47.76 -7.30
CA ALA B 726 0.11 -48.13 -7.61
C ALA B 726 -0.48 -47.25 -8.69
N HIS B 727 -0.25 -45.93 -8.61
CA HIS B 727 -0.70 -45.04 -9.67
C HIS B 727 -0.01 -45.34 -10.98
N LYS B 728 1.29 -45.64 -10.93
CA LYS B 728 2.07 -45.82 -12.16
C LYS B 728 1.71 -47.13 -12.85
N LEU B 729 1.58 -48.21 -12.08
CA LEU B 729 1.22 -49.50 -12.68
C LEU B 729 -0.16 -49.46 -13.32
N GLY B 730 -1.12 -48.82 -12.67
CA GLY B 730 -2.49 -48.80 -13.12
C GLY B 730 -2.76 -47.91 -14.30
N SER B 731 -1.75 -47.23 -14.84
CA SER B 731 -1.93 -46.31 -15.96
C SER B 731 -1.16 -46.72 -17.19
N GLN B 732 -0.36 -47.79 -17.13
CA GLN B 732 0.41 -48.18 -18.31
C GLN B 732 0.20 -49.66 -18.62
N PHE B 733 -0.03 -50.48 -17.61
CA PHE B 733 -0.54 -51.84 -17.81
C PHE B 733 -2.06 -51.89 -17.91
N HIS B 734 -2.73 -50.76 -17.71
CA HIS B 734 -4.19 -50.68 -17.79
C HIS B 734 -4.86 -51.59 -16.78
N ILE B 735 -4.14 -51.95 -15.73
CA ILE B 735 -4.72 -52.71 -14.63
C ILE B 735 -5.47 -51.72 -13.74
N PRO B 736 -6.56 -52.13 -13.08
CA PRO B 736 -7.35 -51.17 -12.31
C PRO B 736 -6.77 -50.89 -10.94
N HIS B 737 -6.92 -49.65 -10.50
CA HIS B 737 -6.42 -49.22 -9.20
C HIS B 737 -7.13 -49.98 -8.09
N GLY B 738 -6.37 -50.40 -7.10
CA GLY B 738 -6.89 -51.25 -6.04
C GLY B 738 -6.20 -52.59 -6.09
N LEU B 739 -6.01 -53.11 -7.30
CA LEU B 739 -5.13 -54.26 -7.48
C LEU B 739 -3.67 -53.88 -7.32
N ALA B 740 -3.27 -52.73 -7.88
CA ALA B 740 -1.85 -52.39 -7.97
C ALA B 740 -1.22 -52.25 -6.59
N ASN B 741 -1.90 -51.59 -5.66
CA ASN B 741 -1.38 -51.43 -4.32
C ASN B 741 -1.70 -52.61 -3.41
N ALA B 742 -2.36 -53.63 -3.95
CA ALA B 742 -2.70 -54.81 -3.17
C ALA B 742 -1.60 -55.87 -3.14
N LEU B 743 -0.89 -56.06 -4.25
CA LEU B 743 0.11 -57.13 -4.33
C LEU B 743 1.52 -56.62 -4.10
N LEU B 744 1.70 -55.33 -3.84
CA LEU B 744 3.00 -54.80 -3.43
C LEU B 744 2.98 -54.20 -2.04
N ILE B 745 1.80 -54.11 -1.40
CA ILE B 745 1.75 -53.76 0.02
C ILE B 745 2.44 -54.84 0.85
N CYS B 746 2.37 -56.09 0.42
CA CYS B 746 3.07 -57.17 1.10
C CYS B 746 4.56 -57.17 0.83
N ASN B 747 5.06 -56.20 0.06
CA ASN B 747 6.48 -56.06 -0.21
C ASN B 747 7.04 -54.68 0.12
N VAL B 748 6.20 -53.66 0.26
CA VAL B 748 6.69 -52.33 0.62
C VAL B 748 6.78 -52.16 2.13
N ILE B 749 6.10 -52.99 2.90
CA ILE B 749 6.19 -52.91 4.35
C ILE B 749 7.58 -53.32 4.82
N ARG B 750 8.13 -54.39 4.25
CA ARG B 750 9.48 -54.83 4.61
C ARG B 750 10.53 -53.81 4.23
N TYR B 751 10.29 -53.01 3.19
CA TYR B 751 11.18 -51.93 2.79
C TYR B 751 10.98 -50.67 3.63
N ASN B 752 10.27 -50.78 4.75
CA ASN B 752 10.10 -49.65 5.67
C ASN B 752 10.49 -49.97 7.10
N ALA B 753 10.97 -51.19 7.38
CA ALA B 753 11.40 -51.59 8.73
C ALA B 753 12.74 -52.30 8.60
N ASN B 754 13.82 -51.53 8.67
CA ASN B 754 15.18 -52.05 8.60
C ASN B 754 16.13 -50.90 8.94
N ASP B 755 17.44 -51.19 8.90
CA ASP B 755 18.43 -50.14 9.09
C ASP B 755 18.36 -49.11 7.98
N ASN B 756 18.37 -49.57 6.73
CA ASN B 756 18.21 -48.72 5.55
C ASN B 756 19.21 -47.56 5.54
N THR B 758 20.21 -44.90 3.94
CA THR B 758 19.79 -43.70 3.23
C THR B 758 18.37 -43.29 3.64
N LYS B 759 18.28 -42.39 4.62
CA LYS B 759 17.00 -41.93 5.12
C LYS B 759 17.02 -40.41 5.17
N GLN B 760 15.85 -39.82 4.92
CA GLN B 760 15.71 -38.37 5.06
C GLN B 760 15.87 -37.98 6.53
N THR B 761 16.62 -36.92 6.78
CA THR B 761 17.03 -36.56 8.12
C THR B 761 16.39 -35.24 8.53
N ALA B 762 16.38 -35.00 9.85
CA ALA B 762 15.74 -33.92 10.58
C ALA B 762 14.23 -34.11 10.67
N PHE B 763 13.66 -35.08 9.95
CA PHE B 763 12.27 -35.49 10.11
C PHE B 763 12.21 -37.01 9.99
N SER B 764 11.24 -37.59 10.69
CA SER B 764 10.99 -39.03 10.69
C SER B 764 12.16 -39.83 11.26
N GLN B 765 13.17 -39.16 11.82
CA GLN B 765 14.28 -39.82 12.48
C GLN B 765 14.38 -39.46 13.96
N TYR B 766 14.07 -38.22 14.31
CA TYR B 766 14.04 -37.79 15.70
C TYR B 766 12.72 -37.13 16.07
N ASP B 767 12.11 -36.37 15.16
CA ASP B 767 10.82 -35.76 15.45
C ASP B 767 9.72 -36.82 15.56
N ARG B 768 9.66 -37.72 14.58
CA ARG B 768 8.75 -38.86 14.68
C ARG B 768 9.52 -40.08 15.18
N PRO B 769 8.88 -40.97 15.97
CA PRO B 769 9.64 -42.03 16.63
C PRO B 769 10.29 -43.00 15.66
N GLN B 770 9.50 -43.63 14.81
CA GLN B 770 9.98 -44.61 13.84
C GLN B 770 8.78 -45.08 13.02
N ALA B 771 9.07 -45.89 12.01
CA ALA B 771 8.03 -46.56 11.23
C ALA B 771 7.92 -48.04 11.51
N ARG B 772 9.00 -48.67 11.98
CA ARG B 772 8.96 -50.11 12.24
C ARG B 772 8.07 -50.43 13.44
N ARG B 773 8.09 -49.58 14.47
CA ARG B 773 7.27 -49.84 15.64
C ARG B 773 5.83 -49.38 15.47
N ARG B 774 5.56 -48.50 14.50
CA ARG B 774 4.18 -48.12 14.22
C ARG B 774 3.42 -49.28 13.60
N TYR B 775 4.08 -50.05 12.72
CA TYR B 775 3.46 -51.28 12.22
C TYR B 775 3.27 -52.29 13.34
N ALA B 776 4.12 -52.25 14.36
CA ALA B 776 3.97 -53.16 15.50
C ALA B 776 2.68 -52.89 16.26
N GLU B 777 2.23 -51.63 16.31
CA GLU B 777 0.98 -51.33 16.98
C GLU B 777 -0.21 -51.95 16.26
N ILE B 778 -0.14 -52.10 14.93
CA ILE B 778 -1.24 -52.69 14.19
C ILE B 778 -1.46 -54.13 14.63
N ALA B 779 -0.38 -54.89 14.80
CA ALA B 779 -0.51 -56.30 15.14
C ALA B 779 -1.16 -56.50 16.50
N ASP B 780 -0.95 -55.58 17.43
CA ASP B 780 -1.59 -55.67 18.75
C ASP B 780 -2.91 -54.93 18.81
N HIS B 781 -3.07 -53.84 18.07
CA HIS B 781 -4.37 -53.18 17.99
C HIS B 781 -5.40 -54.09 17.35
N LEU B 782 -5.01 -54.81 16.29
CA LEU B 782 -5.91 -55.73 15.62
C LEU B 782 -5.97 -57.09 16.30
N GLY B 783 -5.14 -57.33 17.31
CA GLY B 783 -5.23 -58.53 18.10
C GLY B 783 -4.78 -59.80 17.40
N LEU B 784 -3.54 -59.82 16.94
CA LEU B 784 -2.95 -61.02 16.36
C LEU B 784 -1.51 -61.20 16.84
N SER B 785 -1.28 -60.91 18.13
CA SER B 785 0.06 -61.01 18.69
C SER B 785 0.01 -61.81 19.98
N ALA B 786 1.07 -62.58 20.23
CA ALA B 786 1.19 -63.33 21.47
C ALA B 786 1.43 -62.36 22.63
N PRO B 787 1.08 -62.77 23.85
CA PRO B 787 1.33 -61.89 25.02
C PRO B 787 2.80 -61.54 25.19
N GLY B 788 3.71 -62.47 24.91
CA GLY B 788 5.13 -62.18 24.95
C GLY B 788 5.81 -62.49 23.64
N ASP B 789 6.26 -61.45 22.93
CA ASP B 789 6.90 -61.63 21.64
C ASP B 789 7.73 -60.40 21.31
N ARG B 790 8.53 -60.52 20.26
CA ARG B 790 9.45 -59.48 19.84
C ARG B 790 8.86 -58.73 18.64
N THR B 791 9.23 -57.46 18.51
CA THR B 791 8.74 -56.61 17.43
C THR B 791 9.11 -57.16 16.06
N ALA B 792 10.32 -57.67 15.90
CA ALA B 792 10.74 -58.21 14.60
C ALA B 792 9.84 -59.35 14.16
N ALA B 793 9.52 -60.26 15.08
CA ALA B 793 8.58 -61.33 14.78
C ALA B 793 7.12 -60.88 14.84
N LYS B 794 6.87 -59.70 15.41
CA LYS B 794 5.49 -59.20 15.51
C LYS B 794 4.98 -58.78 14.14
N ILE B 795 5.83 -58.17 13.31
CA ILE B 795 5.43 -57.80 11.95
C ILE B 795 5.23 -59.05 11.09
N GLU B 796 5.95 -60.13 11.41
CA GLU B 796 5.84 -61.34 10.60
C GLU B 796 4.43 -61.89 10.58
N LYS B 797 3.76 -61.92 11.74
CA LYS B 797 2.39 -62.41 11.79
C LYS B 797 1.41 -61.44 11.12
N LEU B 798 1.68 -60.14 11.15
CA LEU B 798 0.86 -59.20 10.40
C LEU B 798 0.95 -59.48 8.90
N LEU B 799 2.16 -59.67 8.39
CA LEU B 799 2.33 -60.01 6.98
C LEU B 799 1.72 -61.37 6.67
N ALA B 800 1.79 -62.32 7.61
CA ALA B 800 1.15 -63.61 7.42
C ALA B 800 -0.36 -63.46 7.29
N TRP B 801 -0.97 -62.63 8.14
CA TRP B 801 -2.40 -62.38 8.02
C TRP B 801 -2.73 -61.75 6.68
N LEU B 802 -1.90 -60.78 6.25
CA LEU B 802 -2.11 -60.16 4.96
C LEU B 802 -2.03 -61.17 3.82
N GLU B 803 -1.12 -62.14 3.93
CA GLU B 803 -1.02 -63.17 2.90
C GLU B 803 -2.20 -64.13 2.91
N THR B 804 -2.54 -64.68 4.08
CA THR B 804 -3.61 -65.67 4.14
C THR B 804 -4.99 -65.09 3.97
N LEU B 805 -5.15 -63.76 4.07
CA LEU B 805 -6.44 -63.22 3.66
C LEU B 805 -6.64 -63.32 2.16
N LYS B 806 -5.55 -63.21 1.38
CA LYS B 806 -5.67 -63.35 -0.06
C LYS B 806 -6.07 -64.76 -0.48
N ALA B 807 -5.86 -65.76 0.38
CA ALA B 807 -6.28 -67.11 0.06
C ALA B 807 -7.78 -67.22 -0.16
N GLU B 808 -8.58 -66.37 0.48
CA GLU B 808 -10.01 -66.27 0.20
C GLU B 808 -10.40 -64.95 -0.42
N LEU B 809 -9.50 -63.97 -0.51
CA LEU B 809 -9.80 -62.70 -1.15
C LEU B 809 -9.80 -62.77 -2.66
N GLY B 810 -9.25 -63.84 -3.25
CA GLY B 810 -9.27 -64.00 -4.69
C GLY B 810 -8.43 -62.98 -5.44
N ILE B 811 -7.22 -62.73 -4.95
CA ILE B 811 -6.32 -61.77 -5.58
C ILE B 811 -5.04 -62.50 -6.00
N PRO B 812 -4.43 -62.14 -7.13
CA PRO B 812 -3.25 -62.87 -7.61
C PRO B 812 -2.05 -62.74 -6.67
N LYS B 813 -1.16 -63.73 -6.72
CA LYS B 813 0.01 -63.78 -5.86
C LYS B 813 1.13 -62.85 -6.30
N SER B 814 1.26 -62.59 -7.60
CA SER B 814 2.32 -61.73 -8.10
C SER B 814 1.83 -61.01 -9.34
N ILE B 815 2.58 -59.97 -9.74
CA ILE B 815 2.11 -59.06 -10.78
C ILE B 815 2.04 -59.78 -12.13
N ARG B 816 2.98 -60.67 -12.40
CA ARG B 816 2.97 -61.37 -13.69
C ARG B 816 1.70 -62.17 -13.87
N GLU B 817 1.25 -62.86 -12.82
CA GLU B 817 -0.01 -63.59 -12.87
C GLU B 817 -1.23 -62.67 -12.91
N ALA B 818 -1.05 -61.37 -12.70
CA ALA B 818 -2.14 -60.41 -12.76
C ALA B 818 -2.43 -59.93 -14.18
N GLY B 819 -1.88 -60.62 -15.18
CA GLY B 819 -2.20 -60.28 -16.56
C GLY B 819 -1.22 -59.38 -17.26
N VAL B 820 0.06 -59.47 -16.93
CA VAL B 820 1.10 -58.71 -17.61
C VAL B 820 2.18 -59.68 -18.09
N GLN B 821 2.91 -59.26 -19.12
CA GLN B 821 3.86 -60.13 -19.81
C GLN B 821 5.29 -59.70 -19.53
N GLU B 822 6.17 -60.69 -19.36
CA GLU B 822 7.58 -60.42 -19.08
C GLU B 822 8.21 -59.50 -20.11
N ALA B 823 7.84 -59.67 -21.39
CA ALA B 823 8.49 -58.92 -22.46
C ALA B 823 8.29 -57.42 -22.31
N ASP B 824 7.10 -57.00 -21.89
CA ASP B 824 6.77 -55.58 -21.80
C ASP B 824 7.04 -55.04 -20.40
N PHE B 825 7.97 -55.66 -19.66
CA PHE B 825 8.35 -55.15 -18.36
C PHE B 825 9.81 -54.72 -18.28
N LEU B 826 10.75 -55.57 -18.67
CA LEU B 826 12.16 -55.23 -18.57
C LEU B 826 12.53 -54.03 -19.43
N ALA B 827 11.88 -53.86 -20.57
CA ALA B 827 12.10 -52.69 -21.42
C ALA B 827 11.36 -51.46 -20.95
N ASN B 828 10.45 -51.61 -19.98
CA ASN B 828 9.64 -50.50 -19.50
C ASN B 828 9.79 -50.25 -18.01
N VAL B 829 10.49 -51.12 -17.28
CA VAL B 829 10.64 -50.92 -15.84
C VAL B 829 11.47 -49.67 -15.55
N ASP B 830 12.55 -49.47 -16.32
CA ASP B 830 13.39 -48.28 -16.13
C ASP B 830 12.59 -47.01 -16.40
N LYS B 831 11.80 -46.99 -17.47
CA LYS B 831 10.89 -45.89 -17.76
C LYS B 831 9.84 -45.76 -16.67
N LEU B 832 9.50 -46.85 -15.99
CA LEU B 832 8.43 -46.89 -14.99
C LEU B 832 8.90 -46.50 -13.60
N SER B 833 10.20 -46.59 -13.32
CA SER B 833 10.68 -46.44 -11.95
C SER B 833 10.71 -44.98 -11.51
N GLU B 834 11.49 -44.15 -12.20
CA GLU B 834 11.70 -42.77 -11.75
C GLU B 834 10.59 -41.81 -12.19
N ASP B 835 9.34 -42.22 -11.99
CA ASP B 835 8.19 -41.34 -12.16
C ASP B 835 7.32 -41.48 -10.93
N ALA B 836 7.27 -42.71 -10.38
CA ALA B 836 6.69 -42.91 -9.07
C ALA B 836 7.46 -42.17 -7.99
N PHE B 837 8.74 -41.87 -8.24
CA PHE B 837 9.51 -41.06 -7.31
C PHE B 837 9.04 -39.61 -7.29
N ASP B 838 8.32 -39.21 -8.33
CA ASP B 838 7.91 -37.78 -8.44
C ASP B 838 6.40 -37.67 -8.71
N ASP B 839 5.55 -38.33 -7.93
CA ASP B 839 4.08 -38.14 -8.09
C ASP B 839 3.51 -37.63 -6.77
N GLN B 840 4.20 -36.65 -6.16
CA GLN B 840 3.77 -36.03 -4.91
C GLN B 840 3.71 -37.02 -3.75
N CYS B 841 4.23 -38.23 -3.92
CA CYS B 841 4.51 -39.11 -2.82
C CYS B 841 5.89 -38.77 -2.27
N THR B 842 6.44 -39.62 -1.40
CA THR B 842 7.73 -39.45 -0.73
C THR B 842 7.68 -38.29 0.27
N GLY B 843 6.55 -37.60 0.36
CA GLY B 843 6.30 -36.79 1.53
C GLY B 843 6.11 -37.66 2.76
N ALA B 844 5.33 -38.72 2.61
CA ALA B 844 5.13 -39.76 3.61
C ALA B 844 6.07 -40.89 3.23
N ASN B 845 5.96 -42.02 3.94
CA ASN B 845 6.86 -43.18 3.90
C ASN B 845 8.25 -42.76 4.37
N PRO B 846 8.44 -42.56 5.67
CA PRO B 846 9.64 -41.90 6.20
C PRO B 846 10.95 -42.22 5.50
N ARG B 847 11.10 -43.44 4.96
CA ARG B 847 12.32 -43.78 4.24
C ARG B 847 12.38 -43.01 2.92
N TYR B 848 13.51 -42.36 2.68
CA TYR B 848 13.71 -41.66 1.42
C TYR B 848 14.02 -42.68 0.32
N PRO B 849 13.22 -42.77 -0.73
CA PRO B 849 13.44 -43.80 -1.74
C PRO B 849 14.50 -43.41 -2.76
N LEU B 850 15.06 -44.43 -3.40
CA LEU B 850 16.01 -44.27 -4.48
C LEU B 850 15.54 -45.10 -5.67
N ILE B 851 15.86 -44.62 -6.88
CA ILE B 851 15.50 -45.37 -8.08
C ILE B 851 16.16 -46.74 -8.08
N SER B 852 17.40 -46.82 -7.60
CA SER B 852 18.09 -48.10 -7.53
C SER B 852 17.36 -49.11 -6.65
N GLU B 853 16.57 -48.64 -5.69
CA GLU B 853 15.85 -49.53 -4.80
C GLU B 853 14.35 -49.53 -5.07
N LEU B 854 13.87 -48.75 -6.04
CA LEU B 854 12.48 -48.81 -6.47
C LEU B 854 12.27 -49.71 -7.67
N LYS B 855 13.33 -50.34 -8.19
CA LYS B 855 13.18 -51.33 -9.24
C LYS B 855 13.24 -52.76 -8.71
N GLN B 856 14.11 -53.02 -7.74
CA GLN B 856 14.18 -54.37 -7.19
C GLN B 856 12.86 -54.78 -6.57
N ILE B 857 12.07 -53.82 -6.07
CA ILE B 857 10.72 -54.14 -5.63
C ILE B 857 9.88 -54.61 -6.81
N LEU B 858 9.93 -53.88 -7.93
CA LEU B 858 9.12 -54.23 -9.08
C LEU B 858 9.62 -55.47 -9.79
N LEU B 859 10.92 -55.77 -9.72
CA LEU B 859 11.44 -57.03 -10.22
C LEU B 859 11.22 -58.20 -9.28
N ASP B 860 11.24 -57.97 -7.97
CA ASP B 860 11.00 -59.04 -7.02
C ASP B 860 9.54 -59.51 -7.03
N THR B 861 8.60 -58.59 -7.24
CA THR B 861 7.20 -58.96 -7.30
C THR B 861 6.83 -59.67 -8.60
N TYR B 862 7.65 -59.54 -9.64
CA TYR B 862 7.29 -60.16 -10.93
C TYR B 862 7.34 -61.68 -10.86
N TYR B 863 8.39 -62.24 -10.26
CA TYR B 863 8.54 -63.68 -10.23
C TYR B 863 7.91 -64.30 -8.99
N GLY B 864 7.22 -63.51 -8.18
CA GLY B 864 6.63 -63.99 -6.96
C GLY B 864 7.61 -64.16 -5.81
N ARG B 865 8.89 -63.82 -6.03
CA ARG B 865 9.88 -64.05 -5.00
C ARG B 865 9.72 -63.02 -3.88
N ASP B 866 10.05 -63.44 -2.67
CA ASP B 866 9.92 -62.60 -1.49
C ASP B 866 11.22 -61.84 -1.25
N TYR B 867 11.09 -60.55 -0.99
CA TYR B 867 12.26 -59.70 -0.83
C TYR B 867 13.05 -60.09 0.41
N VAL B 868 14.38 -60.14 0.26
CA VAL B 868 15.28 -60.33 1.39
C VAL B 868 16.63 -59.77 0.98
N GLU B 869 17.40 -59.32 1.97
CA GLU B 869 18.75 -58.82 1.73
C GLU B 869 19.80 -59.81 2.23
N ASN C 450 -34.27 -44.22 10.46
CA ASN C 450 -33.05 -43.79 11.14
C ASN C 450 -31.93 -43.50 10.15
N MET C 451 -31.17 -42.45 10.42
CA MET C 451 -30.10 -42.02 9.54
C MET C 451 -29.13 -41.16 10.33
N LEU C 452 -27.88 -41.62 10.43
CA LEU C 452 -26.87 -40.96 11.24
C LEU C 452 -26.05 -40.00 10.40
N TRP C 453 -25.09 -39.33 11.04
CA TRP C 453 -24.29 -38.31 10.37
C TRP C 453 -23.01 -38.09 11.15
N HIS C 454 -22.18 -37.19 10.64
CA HIS C 454 -20.91 -36.84 11.28
C HIS C 454 -20.58 -35.41 10.88
N LYS C 455 -20.89 -34.46 11.76
CA LYS C 455 -20.74 -33.04 11.47
C LYS C 455 -19.61 -32.47 12.30
N LEU C 456 -18.84 -31.55 11.70
CA LEU C 456 -17.62 -31.05 12.31
C LEU C 456 -17.35 -29.66 11.76
N PRO C 457 -16.56 -28.84 12.47
CA PRO C 457 -16.13 -27.56 11.91
C PRO C 457 -15.30 -27.76 10.65
N LYS C 458 -15.35 -26.74 9.78
CA LYS C 458 -14.68 -26.84 8.49
C LYS C 458 -13.17 -26.97 8.65
N SER C 459 -12.57 -26.21 9.56
CA SER C 459 -11.13 -26.22 9.76
C SER C 459 -10.81 -26.30 11.24
N ILE C 460 -9.82 -27.11 11.58
CA ILE C 460 -9.35 -27.27 12.96
C ILE C 460 -7.83 -27.20 12.91
N TYR C 461 -7.27 -26.04 13.27
CA TYR C 461 -5.83 -25.87 13.30
C TYR C 461 -5.31 -26.16 14.71
N PHE C 462 -4.30 -27.02 14.79
CA PHE C 462 -3.80 -27.47 16.09
C PHE C 462 -2.30 -27.71 16.00
N ARG C 463 -1.55 -26.99 16.83
CA ARG C 463 -0.15 -27.25 17.16
C ARG C 463 0.28 -26.17 18.15
N ARG C 464 1.52 -26.31 18.63
CA ARG C 464 2.09 -25.29 19.50
C ARG C 464 2.24 -23.98 18.74
N GLY C 465 1.72 -22.90 19.32
CA GLY C 465 1.82 -21.59 18.71
C GLY C 465 1.17 -21.48 17.35
N SER C 466 -0.01 -22.09 17.18
CA SER C 466 -0.74 -22.00 15.92
C SER C 466 -1.62 -20.77 15.83
N LEU C 467 -1.75 -20.01 16.92
CA LEU C 467 -2.65 -18.85 16.90
C LEU C 467 -2.21 -17.79 15.89
N PRO C 468 -0.95 -17.34 15.85
CA PRO C 468 -0.60 -16.29 14.87
C PRO C 468 -0.72 -16.74 13.43
N ILE C 469 -0.37 -17.98 13.12
CA ILE C 469 -0.46 -18.45 11.74
C ILE C 469 -1.92 -18.61 11.32
N ALA C 470 -2.75 -19.19 12.21
CA ALA C 470 -4.16 -19.35 11.88
C ALA C 470 -4.86 -18.00 11.74
N LEU C 471 -4.52 -17.04 12.61
CA LEU C 471 -5.12 -15.72 12.52
C LEU C 471 -4.74 -14.99 11.24
N ASP C 472 -3.61 -15.35 10.62
CA ASP C 472 -3.25 -14.74 9.35
C ASP C 472 -4.27 -15.11 8.28
N GLU C 473 -4.79 -16.34 8.31
CA GLU C 473 -5.78 -16.76 7.33
C GLU C 473 -7.02 -15.88 7.35
N VAL C 474 -7.42 -15.38 8.53
CA VAL C 474 -8.60 -14.52 8.62
C VAL C 474 -8.32 -13.10 8.15
N ILE C 475 -7.05 -12.73 7.99
CA ILE C 475 -6.70 -11.41 7.48
C ILE C 475 -6.27 -11.44 6.01
N THR C 476 -5.88 -12.60 5.48
CA THR C 476 -5.50 -12.68 4.08
C THR C 476 -6.69 -12.67 3.14
N ASP C 477 -7.90 -12.89 3.66
CA ASP C 477 -9.12 -12.76 2.89
C ASP C 477 -9.86 -11.50 3.33
N GLY C 478 -11.05 -11.29 2.79
CA GLY C 478 -11.80 -10.10 3.12
C GLY C 478 -12.39 -10.13 4.53
N HIS C 479 -11.79 -9.36 5.42
CA HIS C 479 -12.26 -9.26 6.81
C HIS C 479 -11.72 -7.95 7.38
N LYS C 480 -12.62 -7.03 7.73
CA LYS C 480 -12.23 -5.73 8.21
C LYS C 480 -12.66 -5.42 9.63
N ARG C 481 -13.71 -6.06 10.14
CA ARG C 481 -14.22 -5.82 11.47
C ARG C 481 -14.22 -7.12 12.27
N ALA C 482 -13.78 -7.05 13.51
CA ALA C 482 -13.66 -8.22 14.36
C ALA C 482 -14.30 -7.96 15.72
N LEU C 483 -14.87 -9.02 16.29
CA LEU C 483 -15.44 -8.99 17.63
C LEU C 483 -14.83 -10.09 18.46
N ILE C 484 -14.51 -9.78 19.71
CA ILE C 484 -13.86 -10.72 20.62
C ILE C 484 -14.69 -10.83 21.89
N VAL C 485 -14.96 -12.06 22.31
CA VAL C 485 -15.69 -12.33 23.55
C VAL C 485 -14.74 -12.97 24.54
N THR C 486 -14.64 -12.36 25.73
CA THR C 486 -13.64 -12.84 26.71
C THR C 486 -14.26 -12.79 28.09
N ASP C 487 -13.58 -13.37 29.09
CA ASP C 487 -14.06 -13.28 30.50
C ASP C 487 -13.26 -12.19 31.20
N ARG C 488 -13.65 -11.83 32.42
CA ARG C 488 -12.96 -10.78 33.16
C ARG C 488 -11.51 -11.17 33.46
N PHE C 489 -11.30 -12.41 33.93
CA PHE C 489 -9.98 -12.81 34.39
C PHE C 489 -8.98 -12.88 33.24
N LEU C 490 -9.39 -13.40 32.08
CA LEU C 490 -8.44 -13.66 31.01
C LEU C 490 -8.02 -12.38 30.28
N PHE C 491 -8.77 -11.30 30.41
CA PHE C 491 -8.40 -10.02 29.83
C PHE C 491 -7.54 -9.18 30.77
N ASN C 492 -7.74 -9.30 32.08
CA ASN C 492 -6.94 -8.52 33.03
C ASN C 492 -5.46 -8.85 32.92
N ASN C 493 -5.13 -10.11 32.67
CA ASN C 493 -3.75 -10.51 32.45
C ASN C 493 -3.46 -10.55 30.94
N GLY C 494 -2.23 -10.91 30.61
CA GLY C 494 -1.82 -10.94 29.22
C GLY C 494 -2.21 -12.20 28.48
N TYR C 495 -3.51 -12.35 28.21
CA TYR C 495 -4.00 -13.52 27.50
C TYR C 495 -4.93 -13.20 26.33
N ALA C 496 -5.48 -12.00 26.26
CA ALA C 496 -6.36 -11.60 25.17
C ALA C 496 -5.76 -10.49 24.31
N ASP C 497 -4.47 -10.20 24.47
CA ASP C 497 -3.82 -9.12 23.75
C ASP C 497 -2.90 -9.59 22.63
N GLN C 498 -2.34 -10.80 22.73
CA GLN C 498 -1.48 -11.29 21.67
C GLN C 498 -2.26 -11.47 20.36
N ILE C 499 -3.49 -11.96 20.44
CA ILE C 499 -4.34 -12.02 19.25
C ILE C 499 -4.65 -10.62 18.74
N THR C 500 -5.01 -9.71 19.65
CA THR C 500 -5.37 -8.35 19.26
C THR C 500 -4.21 -7.62 18.62
N SER C 501 -2.98 -7.80 19.13
CA SER C 501 -1.84 -7.09 18.58
C SER C 501 -1.60 -7.47 17.12
N VAL C 502 -1.54 -8.77 16.83
CA VAL C 502 -1.32 -9.19 15.45
C VAL C 502 -2.51 -8.82 14.58
N LEU C 503 -3.72 -8.82 15.14
CA LEU C 503 -4.89 -8.44 14.34
C LEU C 503 -4.81 -6.97 13.94
N LYS C 504 -4.45 -6.08 14.88
CA LYS C 504 -4.25 -4.66 14.56
C LYS C 504 -3.04 -4.42 13.67
N ALA C 505 -2.07 -5.34 13.66
CA ALA C 505 -0.88 -5.13 12.86
C ALA C 505 -1.23 -4.93 11.39
N ALA C 506 -2.10 -5.76 10.84
CA ALA C 506 -2.56 -5.56 9.47
C ALA C 506 -3.46 -4.34 9.35
N GLY C 507 -4.33 -4.12 10.34
CA GLY C 507 -5.24 -2.98 10.33
C GLY C 507 -6.68 -3.38 10.18
N VAL C 508 -7.39 -3.47 11.31
CA VAL C 508 -8.81 -3.78 11.36
C VAL C 508 -9.40 -3.05 12.56
N GLU C 509 -10.70 -3.20 12.76
CA GLU C 509 -11.37 -2.64 13.93
C GLU C 509 -11.86 -3.79 14.80
N THR C 510 -11.29 -3.90 16.01
CA THR C 510 -11.63 -4.95 16.95
C THR C 510 -11.87 -4.35 18.33
N GLU C 511 -12.73 -5.00 19.11
CA GLU C 511 -12.98 -4.60 20.48
C GLU C 511 -13.28 -5.83 21.31
N VAL C 512 -13.07 -5.71 22.61
CA VAL C 512 -13.22 -6.82 23.54
C VAL C 512 -14.51 -6.63 24.34
N PHE C 513 -15.25 -7.73 24.48
CA PHE C 513 -16.50 -7.77 25.26
C PHE C 513 -16.25 -8.72 26.43
N PHE C 514 -15.80 -8.18 27.55
CA PHE C 514 -15.37 -8.97 28.70
C PHE C 514 -16.29 -8.69 29.88
N GLU C 515 -17.45 -9.35 29.88
CA GLU C 515 -18.38 -9.28 31.01
C GLU C 515 -18.99 -10.64 31.29
N VAL C 516 -18.52 -11.66 30.59
CA VAL C 516 -19.08 -13.01 30.70
C VAL C 516 -18.58 -13.65 32.00
N GLU C 517 -19.50 -14.04 32.86
CA GLU C 517 -19.14 -14.72 34.11
C GLU C 517 -19.12 -16.23 33.87
N ALA C 518 -19.11 -16.99 34.98
CA ALA C 518 -19.02 -18.44 34.90
C ALA C 518 -20.24 -19.08 34.24
N ASP C 519 -21.35 -18.36 34.11
CA ASP C 519 -22.55 -18.92 33.48
C ASP C 519 -23.42 -17.81 32.92
N PRO C 520 -23.67 -17.80 31.62
CA PRO C 520 -24.49 -16.73 31.02
C PRO C 520 -25.90 -16.70 31.60
N THR C 521 -26.44 -15.49 31.76
CA THR C 521 -27.77 -15.30 32.32
C THR C 521 -28.72 -14.58 31.37
N LEU C 522 -28.55 -14.78 30.06
CA LEU C 522 -29.49 -14.32 29.04
C LEU C 522 -29.46 -12.80 28.87
N SER C 523 -28.73 -12.12 29.74
CA SER C 523 -28.62 -10.66 29.68
C SER C 523 -27.29 -10.19 29.13
N ILE C 524 -26.18 -10.79 29.56
CA ILE C 524 -24.87 -10.40 29.04
C ILE C 524 -24.75 -10.78 27.57
N VAL C 525 -25.31 -11.92 27.19
CA VAL C 525 -25.40 -12.25 25.77
C VAL C 525 -26.28 -11.24 25.05
N ARG C 526 -27.39 -10.84 25.67
CA ARG C 526 -28.22 -9.78 25.12
C ARG C 526 -27.45 -8.47 25.02
N LYS C 527 -26.66 -8.15 26.06
CA LYS C 527 -25.88 -6.92 26.04
C LYS C 527 -24.89 -6.91 24.89
N GLY C 528 -24.17 -8.02 24.71
CA GLY C 528 -23.25 -8.12 23.58
C GLY C 528 -23.96 -8.10 22.24
N ALA C 529 -25.17 -8.65 22.18
CA ALA C 529 -25.94 -8.61 20.95
C ALA C 529 -26.27 -7.18 20.55
N GLU C 530 -26.85 -6.41 21.47
CA GLU C 530 -27.04 -4.98 21.18
C GLU C 530 -25.72 -4.25 20.97
N LEU C 531 -24.61 -4.77 21.49
CA LEU C 531 -23.31 -4.23 21.08
C LEU C 531 -22.98 -4.64 19.65
N ALA C 532 -23.33 -5.87 19.27
CA ALA C 532 -22.96 -6.37 17.95
C ALA C 532 -23.63 -5.57 16.83
N ASN C 533 -24.92 -5.27 16.98
CA ASN C 533 -25.62 -4.47 15.98
C ASN C 533 -25.27 -2.99 16.04
N SER C 534 -24.30 -2.61 16.89
CA SER C 534 -23.78 -1.26 16.90
C SER C 534 -22.40 -1.17 16.26
N PHE C 535 -21.88 -2.26 15.71
CA PHE C 535 -20.54 -2.31 15.14
C PHE C 535 -20.47 -2.99 13.79
N LYS C 536 -21.45 -3.82 13.42
CA LYS C 536 -21.44 -4.59 12.18
C LYS C 536 -20.16 -5.41 12.02
N PRO C 537 -19.87 -6.33 12.93
CA PRO C 537 -18.63 -7.10 12.84
C PRO C 537 -18.66 -8.07 11.68
N ASP C 538 -17.46 -8.42 11.21
CA ASP C 538 -17.31 -9.40 10.15
C ASP C 538 -16.90 -10.77 10.64
N VAL C 539 -16.15 -10.85 11.73
CA VAL C 539 -15.75 -12.12 12.34
C VAL C 539 -15.90 -12.00 13.84
N ILE C 540 -16.37 -13.07 14.48
CA ILE C 540 -16.51 -13.15 15.92
C ILE C 540 -15.50 -14.18 16.42
N ILE C 541 -14.65 -13.77 17.36
CA ILE C 541 -13.61 -14.62 17.90
C ILE C 541 -13.90 -14.84 19.37
N ALA C 542 -14.06 -16.10 19.77
CA ALA C 542 -14.35 -16.45 21.14
C ALA C 542 -13.11 -17.01 21.83
N LEU C 543 -12.92 -16.61 23.08
CA LEU C 543 -11.82 -17.11 23.91
C LEU C 543 -12.36 -17.63 25.22
N GLY C 544 -11.61 -18.51 25.84
CA GLY C 544 -12.00 -19.12 27.10
C GLY C 544 -12.66 -20.47 26.88
N GLY C 545 -12.89 -21.16 27.99
CA GLY C 545 -13.47 -22.48 27.94
C GLY C 545 -14.82 -22.57 28.63
N GLY C 546 -15.85 -22.90 27.87
CA GLY C 546 -17.18 -23.05 28.43
C GLY C 546 -18.04 -21.82 28.29
N SER C 547 -18.32 -21.14 29.42
CA SER C 547 -19.28 -20.04 29.41
C SER C 547 -18.91 -18.93 28.43
N PRO C 548 -17.65 -18.47 28.33
CA PRO C 548 -17.36 -17.43 27.32
C PRO C 548 -17.50 -17.91 25.89
N MET C 549 -17.51 -19.22 25.65
CA MET C 549 -17.62 -19.73 24.29
C MET C 549 -19.05 -20.06 23.90
N ASP C 550 -19.82 -20.71 24.78
CA ASP C 550 -21.24 -20.90 24.51
C ASP C 550 -21.99 -19.58 24.47
N ALA C 551 -21.53 -18.59 25.23
CA ALA C 551 -22.17 -17.27 25.18
C ALA C 551 -22.01 -16.61 23.81
N ALA C 552 -20.85 -16.74 23.18
CA ALA C 552 -20.60 -16.08 21.90
C ALA C 552 -21.40 -16.67 20.76
N LYS C 553 -22.08 -17.80 20.96
CA LYS C 553 -22.89 -18.41 19.93
C LYS C 553 -24.29 -17.81 19.88
N ILE C 554 -24.90 -17.59 21.04
CA ILE C 554 -26.22 -16.97 21.08
C ILE C 554 -26.15 -15.53 20.57
N MET C 555 -25.07 -14.81 20.93
CA MET C 555 -24.85 -13.51 20.32
C MET C 555 -24.76 -13.61 18.81
N TRP C 556 -24.09 -14.66 18.30
CA TRP C 556 -23.97 -14.81 16.86
C TRP C 556 -25.32 -15.05 16.20
N VAL C 557 -26.15 -15.92 16.79
CA VAL C 557 -27.42 -16.24 16.14
C VAL C 557 -28.36 -15.04 16.20
N MET C 558 -28.42 -14.36 17.33
CA MET C 558 -29.34 -13.24 17.47
C MET C 558 -28.78 -11.93 16.89
N TYR C 559 -27.51 -11.92 16.46
CA TYR C 559 -26.97 -10.83 15.66
C TYR C 559 -27.42 -10.91 14.21
N GLU C 560 -27.54 -12.12 13.66
CA GLU C 560 -27.97 -12.30 12.28
C GLU C 560 -29.47 -12.35 12.13
N HIS C 561 -30.21 -12.64 13.19
CA HIS C 561 -31.67 -12.67 13.17
C HIS C 561 -32.20 -11.87 14.37
N PRO C 562 -32.06 -10.54 14.34
CA PRO C 562 -32.62 -9.74 15.44
C PRO C 562 -34.12 -9.88 15.58
N GLU C 563 -34.82 -10.09 14.46
CA GLU C 563 -36.27 -10.26 14.49
C GLU C 563 -36.65 -11.50 15.28
N THR C 564 -35.89 -12.59 15.11
CA THR C 564 -36.17 -13.83 15.82
C THR C 564 -35.95 -13.67 17.32
N HIS C 565 -37.05 -13.64 18.08
CA HIS C 565 -36.94 -13.46 19.52
C HIS C 565 -36.48 -14.78 20.13
N PHE C 566 -35.72 -14.68 21.23
CA PHE C 566 -35.02 -15.84 21.77
C PHE C 566 -35.96 -16.99 22.16
N GLU C 567 -37.24 -16.68 22.41
CA GLU C 567 -38.14 -17.73 22.87
C GLU C 567 -38.35 -18.79 21.78
N GLU C 568 -38.25 -18.38 20.51
CA GLU C 568 -38.38 -19.35 19.42
C GLU C 568 -37.22 -20.33 19.44
N LEU C 569 -36.00 -19.85 19.64
CA LEU C 569 -34.84 -20.74 19.67
C LEU C 569 -34.91 -21.71 20.85
N ALA C 570 -35.32 -21.21 22.01
CA ALA C 570 -35.44 -22.05 23.19
C ALA C 570 -36.62 -23.01 23.14
N LEU C 571 -37.53 -22.85 22.18
CA LEU C 571 -38.69 -23.70 22.04
C LEU C 571 -38.69 -24.56 20.79
N ARG C 572 -37.80 -24.29 19.84
CA ARG C 572 -37.81 -24.98 18.56
C ARG C 572 -36.56 -25.85 18.41
N PHE C 573 -35.48 -25.44 19.05
CA PHE C 573 -34.17 -26.09 18.92
C PHE C 573 -33.60 -26.34 20.32
N MET C 574 -33.95 -27.48 20.91
CA MET C 574 -33.39 -27.90 22.18
C MET C 574 -32.59 -29.19 22.08
N ASP C 575 -32.80 -29.98 21.04
CA ASP C 575 -32.07 -31.21 20.80
C ASP C 575 -31.63 -31.29 19.34
N ILE C 576 -30.66 -32.16 19.09
CA ILE C 576 -30.12 -32.33 17.75
C ILE C 576 -30.60 -33.60 17.07
N ARG C 577 -31.15 -34.57 17.83
CA ARG C 577 -31.65 -35.79 17.23
C ARG C 577 -32.83 -35.52 16.31
N LYS C 578 -33.73 -34.64 16.73
CA LYS C 578 -34.91 -34.31 15.94
C LYS C 578 -34.53 -33.22 14.93
N ARG C 579 -34.45 -33.60 13.66
CA ARG C 579 -34.08 -32.68 12.60
C ARG C 579 -35.28 -32.19 11.79
N ILE C 580 -36.50 -32.46 12.25
CA ILE C 580 -37.69 -32.04 11.52
C ILE C 580 -37.79 -30.51 11.51
N TYR C 581 -37.26 -29.87 12.55
CA TYR C 581 -37.35 -28.42 12.66
C TYR C 581 -36.24 -27.77 11.84
N LYS C 582 -36.60 -26.84 10.97
CA LYS C 582 -35.64 -26.19 10.09
C LYS C 582 -35.18 -24.88 10.72
N PHE C 583 -33.94 -24.89 11.19
CA PHE C 583 -33.35 -23.70 11.78
C PHE C 583 -32.92 -22.73 10.68
N PRO C 584 -33.20 -21.44 10.82
CA PRO C 584 -32.87 -20.50 9.74
C PRO C 584 -31.38 -20.42 9.48
N LYS C 585 -31.05 -20.21 8.20
CA LYS C 585 -29.66 -20.23 7.76
C LYS C 585 -28.87 -19.10 8.41
N MET C 586 -27.62 -19.40 8.76
CA MET C 586 -26.74 -18.48 9.46
C MET C 586 -25.38 -18.43 8.76
N GLY C 587 -24.76 -17.25 8.78
CA GLY C 587 -23.40 -17.11 8.27
C GLY C 587 -23.31 -16.40 6.95
N VAL C 588 -24.11 -15.35 6.76
CA VAL C 588 -24.10 -14.58 5.52
C VAL C 588 -23.28 -13.31 5.70
N LYS C 589 -23.31 -12.74 6.91
CA LYS C 589 -22.59 -11.50 7.19
C LYS C 589 -21.54 -11.64 8.28
N ALA C 590 -21.35 -12.82 8.85
CA ALA C 590 -20.35 -13.01 9.88
C ALA C 590 -19.99 -14.48 9.99
N LYS C 591 -18.82 -14.74 10.56
CA LYS C 591 -18.36 -16.09 10.83
C LYS C 591 -17.69 -16.11 12.20
N MET C 592 -17.75 -17.25 12.87
CA MET C 592 -17.30 -17.39 14.24
C MET C 592 -16.01 -18.21 14.29
N ILE C 593 -15.02 -17.70 15.00
CA ILE C 593 -13.75 -18.40 15.23
C ILE C 593 -13.66 -18.70 16.73
N ALA C 594 -13.35 -19.95 17.04
CA ALA C 594 -13.29 -20.42 18.42
C ALA C 594 -11.84 -20.70 18.80
N VAL C 595 -11.40 -20.11 19.91
CA VAL C 595 -10.07 -20.34 20.46
C VAL C 595 -10.23 -20.85 21.89
N THR C 596 -9.58 -21.96 22.19
CA THR C 596 -9.71 -22.60 23.49
C THR C 596 -8.53 -22.25 24.38
N THR C 597 -8.81 -21.84 25.60
CA THR C 597 -7.79 -21.55 26.60
C THR C 597 -7.83 -22.51 27.78
N THR C 598 -8.56 -23.62 27.66
CA THR C 598 -8.64 -24.63 28.70
C THR C 598 -8.45 -26.00 28.09
N SER C 599 -7.87 -26.91 28.86
CA SER C 599 -7.58 -28.26 28.42
C SER C 599 -8.58 -29.19 29.10
N GLY C 600 -9.63 -29.57 28.37
CA GLY C 600 -10.57 -30.52 28.90
C GLY C 600 -12.03 -30.33 28.51
N THR C 601 -12.39 -29.14 28.04
CA THR C 601 -13.75 -28.88 27.58
C THR C 601 -13.73 -28.72 26.07
N GLY C 602 -14.54 -29.52 25.38
CA GLY C 602 -14.64 -29.45 23.94
C GLY C 602 -15.78 -28.58 23.47
N SER C 603 -15.75 -27.29 23.80
CA SER C 603 -16.84 -26.38 23.47
C SER C 603 -16.54 -25.56 22.21
N GLU C 604 -15.45 -25.85 21.52
CA GLU C 604 -15.08 -25.13 20.30
C GLU C 604 -15.56 -25.82 19.03
N VAL C 605 -15.89 -27.11 19.09
CA VAL C 605 -16.32 -27.87 17.93
C VAL C 605 -17.74 -28.40 18.07
N THR C 606 -18.38 -28.20 19.22
CA THR C 606 -19.72 -28.77 19.41
C THR C 606 -20.77 -27.67 19.42
N PRO C 607 -21.96 -27.95 18.88
CA PRO C 607 -23.02 -26.94 18.77
C PRO C 607 -23.93 -26.89 20.00
N PHE C 608 -23.34 -26.78 21.18
CA PHE C 608 -24.08 -26.78 22.42
C PHE C 608 -23.87 -25.47 23.16
N ALA C 609 -24.96 -24.92 23.69
CA ALA C 609 -24.90 -23.68 24.45
C ALA C 609 -26.07 -23.64 25.42
N VAL C 610 -25.79 -23.28 26.67
CA VAL C 610 -26.79 -23.24 27.72
C VAL C 610 -26.81 -21.83 28.32
N VAL C 611 -28.01 -21.28 28.51
CA VAL C 611 -28.19 -19.98 29.13
C VAL C 611 -29.25 -20.11 30.21
N THR C 612 -29.18 -19.20 31.18
CA THR C 612 -30.11 -19.17 32.30
C THR C 612 -30.97 -17.93 32.21
N ASP C 613 -32.19 -18.02 32.75
CA ASP C 613 -33.11 -16.89 32.75
C ASP C 613 -32.63 -15.84 33.74
N ASP C 614 -33.10 -14.60 33.57
CA ASP C 614 -32.72 -13.53 34.48
C ASP C 614 -33.58 -13.55 35.74
N ALA C 615 -34.90 -13.40 35.58
CA ALA C 615 -35.79 -13.36 36.73
C ALA C 615 -35.84 -14.71 37.44
N THR C 616 -35.94 -15.79 36.67
CA THR C 616 -36.00 -17.14 37.20
C THR C 616 -34.73 -17.90 36.86
N GLY C 617 -34.66 -19.15 37.29
CA GLY C 617 -33.42 -19.90 37.26
C GLY C 617 -33.36 -21.15 36.40
N GLN C 618 -34.44 -21.53 35.73
CA GLN C 618 -34.41 -22.73 34.90
C GLN C 618 -33.54 -22.50 33.66
N LYS C 619 -32.88 -23.57 33.22
CA LYS C 619 -31.93 -23.47 32.12
C LYS C 619 -32.66 -23.39 30.78
N TYR C 620 -31.97 -22.83 29.79
CA TYR C 620 -32.46 -22.70 28.42
C TYR C 620 -31.44 -23.31 27.48
N PRO C 621 -31.37 -24.65 27.41
CA PRO C 621 -30.38 -25.29 26.53
C PRO C 621 -30.73 -25.09 25.06
N LEU C 622 -29.69 -24.91 24.25
CA LEU C 622 -29.82 -24.79 22.81
C LEU C 622 -28.87 -25.77 22.14
N ALA C 623 -29.32 -26.37 21.03
CA ALA C 623 -28.49 -27.33 20.27
C ALA C 623 -28.91 -27.37 18.81
N ASP C 624 -28.07 -26.85 17.89
CA ASP C 624 -28.36 -26.93 16.44
C ASP C 624 -27.02 -27.00 15.68
N TYR C 625 -26.85 -28.00 14.81
CA TYR C 625 -25.54 -28.21 14.13
C TYR C 625 -25.07 -26.89 13.55
N ALA C 626 -25.99 -26.02 13.12
CA ALA C 626 -25.57 -24.70 12.72
C ALA C 626 -24.82 -23.69 13.57
N LEU C 627 -24.65 -23.96 14.87
CA LEU C 627 -23.91 -23.11 15.78
C LEU C 627 -22.44 -23.46 15.85
N THR C 628 -22.01 -24.54 15.20
CA THR C 628 -20.61 -24.92 15.23
C THR C 628 -19.78 -23.86 14.52
N PRO C 629 -18.70 -23.38 15.13
CA PRO C 629 -17.82 -22.43 14.43
C PRO C 629 -17.24 -23.06 13.17
N ASP C 630 -17.07 -22.24 12.14
CA ASP C 630 -16.52 -22.73 10.88
C ASP C 630 -15.00 -22.77 10.89
N MET C 631 -14.35 -22.37 11.98
CA MET C 631 -12.93 -22.59 12.15
C MET C 631 -12.62 -22.62 13.63
N ALA C 632 -11.91 -23.66 14.08
CA ALA C 632 -11.52 -23.81 15.48
C ALA C 632 -10.00 -23.83 15.57
N ILE C 633 -9.47 -23.08 16.52
CA ILE C 633 -8.02 -22.97 16.73
C ILE C 633 -7.69 -23.63 18.05
N VAL C 634 -6.83 -24.63 18.00
CA VAL C 634 -6.41 -25.39 19.17
C VAL C 634 -4.93 -25.09 19.39
N ASP C 635 -4.63 -24.22 20.34
CA ASP C 635 -3.26 -23.83 20.64
C ASP C 635 -2.89 -24.28 22.05
N ALA C 636 -1.61 -24.62 22.22
CA ALA C 636 -1.12 -25.14 23.49
C ALA C 636 -0.32 -24.14 24.31
N ASN C 637 0.24 -23.10 23.68
CA ASN C 637 1.00 -22.12 24.45
C ASN C 637 0.08 -21.26 25.32
N LEU C 638 -1.23 -21.25 25.04
CA LEU C 638 -2.17 -20.53 25.90
C LEU C 638 -2.46 -21.28 27.19
N VAL C 639 -2.06 -22.54 27.29
CA VAL C 639 -2.20 -23.31 28.54
C VAL C 639 -0.79 -23.76 28.93
N MET C 640 -0.11 -22.91 29.69
CA MET C 640 1.23 -23.23 30.14
C MET C 640 1.46 -23.01 31.62
N ASP C 641 0.71 -22.12 32.27
CA ASP C 641 0.94 -21.76 33.67
C ASP C 641 -0.31 -21.86 34.52
N MET C 642 -1.41 -22.35 33.96
CA MET C 642 -2.60 -22.58 34.77
C MET C 642 -2.32 -23.65 35.82
N PRO C 643 -2.80 -23.48 37.05
CA PRO C 643 -2.27 -24.27 38.18
C PRO C 643 -2.66 -25.73 38.10
N LYS C 644 -2.08 -26.51 39.01
CA LYS C 644 -2.44 -27.92 39.12
C LYS C 644 -3.72 -28.05 39.94
N SER C 645 -4.71 -27.22 39.62
CA SER C 645 -6.06 -27.36 40.12
C SER C 645 -7.07 -27.11 39.01
N LEU C 646 -6.62 -26.77 37.81
CA LEU C 646 -7.46 -26.69 36.63
C LEU C 646 -7.12 -27.74 35.59
N CYS C 647 -5.87 -28.22 35.58
CA CYS C 647 -5.48 -29.35 34.75
C CYS C 647 -6.04 -30.67 35.25
N ALA C 648 -6.36 -30.77 36.54
CA ALA C 648 -6.92 -31.99 37.11
C ALA C 648 -8.43 -32.08 36.97
N PHE C 649 -9.13 -30.96 36.81
CA PHE C 649 -10.57 -30.98 36.64
C PHE C 649 -10.98 -30.91 35.17
N GLY C 650 -10.25 -30.16 34.36
CA GLY C 650 -10.49 -30.19 32.92
C GLY C 650 -10.19 -31.54 32.31
N GLY C 651 -9.07 -32.15 32.72
CA GLY C 651 -8.71 -33.45 32.19
C GLY C 651 -9.74 -34.52 32.52
N LEU C 652 -10.22 -34.53 33.76
CA LEU C 652 -11.30 -35.45 34.12
C LEU C 652 -12.60 -35.14 33.38
N ASP C 653 -12.87 -33.87 33.11
CA ASP C 653 -14.03 -33.52 32.29
C ASP C 653 -13.90 -34.11 30.90
N ALA C 654 -12.69 -34.04 30.31
CA ALA C 654 -12.48 -34.65 29.00
C ALA C 654 -12.59 -36.17 29.05
N VAL C 655 -12.09 -36.79 30.14
CA VAL C 655 -12.22 -38.24 30.29
C VAL C 655 -13.69 -38.62 30.33
N THR C 656 -14.50 -37.88 31.09
CA THR C 656 -15.93 -38.17 31.16
C THR C 656 -16.60 -37.91 29.82
N HIS C 657 -16.13 -36.90 29.09
CA HIS C 657 -16.74 -36.54 27.81
C HIS C 657 -16.63 -37.67 26.79
N ALA C 658 -15.63 -38.53 26.92
CA ALA C 658 -15.40 -39.59 25.95
C ALA C 658 -15.70 -40.98 26.48
N MET C 659 -15.65 -41.18 27.80
CA MET C 659 -15.91 -42.49 28.37
C MET C 659 -17.33 -42.98 28.12
N GLU C 660 -18.30 -42.08 28.00
CA GLU C 660 -19.68 -42.46 27.75
C GLU C 660 -20.14 -42.22 26.32
N ALA C 661 -19.43 -41.39 25.55
CA ALA C 661 -19.73 -41.27 24.14
C ALA C 661 -19.47 -42.57 23.39
N TYR C 662 -18.52 -43.38 23.88
CA TYR C 662 -18.30 -44.70 23.31
C TYR C 662 -19.45 -45.64 23.63
N VAL C 663 -20.11 -45.46 24.78
CA VAL C 663 -21.20 -46.33 25.18
C VAL C 663 -22.58 -45.71 24.95
N SER C 664 -22.65 -44.49 24.44
CA SER C 664 -23.93 -43.87 24.18
C SER C 664 -24.68 -44.60 23.07
N VAL C 665 -26.01 -44.53 23.12
CA VAL C 665 -26.83 -45.19 22.12
C VAL C 665 -26.74 -44.49 20.77
N LEU C 666 -26.16 -43.30 20.72
CA LEU C 666 -26.01 -42.55 19.49
C LEU C 666 -24.63 -42.71 18.87
N ALA C 667 -23.81 -43.64 19.38
CA ALA C 667 -22.48 -43.85 18.85
C ALA C 667 -22.54 -44.56 17.51
N SER C 668 -21.82 -44.04 16.53
CA SER C 668 -21.71 -44.66 15.22
C SER C 668 -20.25 -45.00 14.93
N GLU C 669 -20.02 -45.71 13.82
CA GLU C 669 -18.68 -46.15 13.45
C GLU C 669 -17.77 -44.99 13.08
N PHE C 670 -18.26 -43.76 13.20
CA PHE C 670 -17.49 -42.56 12.90
C PHE C 670 -16.92 -41.87 14.12
N SER C 671 -17.40 -42.20 15.33
CA SER C 671 -16.95 -41.52 16.52
C SER C 671 -16.24 -42.41 17.52
N ASP C 672 -16.47 -43.72 17.50
CA ASP C 672 -15.73 -44.59 18.40
C ASP C 672 -14.26 -44.67 18.08
N GLY C 673 -13.85 -44.23 16.89
CA GLY C 673 -12.45 -44.19 16.58
C GLY C 673 -11.76 -43.02 17.26
N GLN C 674 -12.52 -41.97 17.57
CA GLN C 674 -11.95 -40.80 18.22
C GLN C 674 -12.13 -40.82 19.72
N ALA C 675 -13.25 -41.34 20.22
CA ALA C 675 -13.42 -41.48 21.66
C ALA C 675 -12.45 -42.47 22.26
N LEU C 676 -12.17 -43.58 21.56
CA LEU C 676 -11.22 -44.57 22.04
C LEU C 676 -9.79 -44.08 22.03
N GLN C 677 -9.50 -42.99 21.31
CA GLN C 677 -8.15 -42.45 21.24
C GLN C 677 -7.87 -41.44 22.35
N ALA C 678 -8.85 -40.61 22.70
CA ALA C 678 -8.64 -39.65 23.78
C ALA C 678 -8.40 -40.36 25.10
N LEU C 679 -9.15 -41.43 25.38
CA LEU C 679 -8.91 -42.20 26.60
C LEU C 679 -7.53 -42.83 26.59
N LYS C 680 -7.10 -43.34 25.43
CA LYS C 680 -5.75 -43.86 25.32
C LYS C 680 -4.72 -42.75 25.49
N LEU C 681 -5.00 -41.55 24.98
CA LEU C 681 -4.05 -40.46 25.06
C LEU C 681 -3.98 -39.87 26.46
N LEU C 682 -5.10 -39.80 27.17
CA LEU C 682 -5.12 -39.18 28.49
C LEU C 682 -4.66 -40.10 29.60
N LYS C 683 -4.59 -41.41 29.37
CA LYS C 683 -4.13 -42.33 30.39
C LYS C 683 -2.62 -42.39 30.50
N GLU C 684 -1.90 -41.72 29.60
CA GLU C 684 -0.45 -41.70 29.62
C GLU C 684 0.15 -40.30 29.63
N TYR C 685 -0.66 -39.25 29.61
CA TYR C 685 -0.17 -37.89 29.62
C TYR C 685 -0.78 -37.01 30.71
N LEU C 686 -2.00 -37.30 31.15
CA LEU C 686 -2.57 -36.54 32.26
C LEU C 686 -1.79 -36.69 33.55
N PRO C 687 -1.40 -37.88 34.00
CA PRO C 687 -0.55 -37.96 35.20
C PRO C 687 0.78 -37.23 35.04
N ALA C 688 1.35 -37.24 33.84
CA ALA C 688 2.60 -36.54 33.59
C ALA C 688 2.42 -35.03 33.46
N SER C 689 1.19 -34.56 33.27
CA SER C 689 0.92 -33.13 33.16
C SER C 689 0.40 -32.54 34.47
N TYR C 690 0.40 -33.32 35.55
CA TYR C 690 -0.05 -32.84 36.86
C TYR C 690 1.09 -32.72 37.84
N HIS C 691 1.83 -33.80 38.09
CA HIS C 691 2.94 -33.73 39.03
C HIS C 691 4.06 -32.83 38.52
N GLU C 692 4.38 -32.90 37.23
CA GLU C 692 5.47 -32.13 36.64
C GLU C 692 5.02 -30.82 36.02
N GLY C 693 3.75 -30.71 35.64
CA GLY C 693 3.23 -29.45 35.12
C GLY C 693 3.90 -28.99 33.85
N SER C 694 4.22 -27.70 33.78
CA SER C 694 4.83 -27.12 32.59
C SER C 694 6.26 -27.58 32.36
N LYS C 695 6.89 -28.21 33.35
CA LYS C 695 8.25 -28.72 33.16
C LYS C 695 8.31 -29.82 32.10
N ASN C 696 7.17 -30.41 31.76
CA ASN C 696 7.06 -31.36 30.65
C ASN C 696 6.07 -30.75 29.66
N PRO C 697 6.56 -29.99 28.68
CA PRO C 697 5.63 -29.31 27.77
C PRO C 697 5.02 -30.22 26.72
N VAL C 698 5.62 -31.38 26.44
CA VAL C 698 5.04 -32.31 25.49
C VAL C 698 3.72 -32.86 26.01
N ALA C 699 3.68 -33.24 27.29
CA ALA C 699 2.47 -33.82 27.85
C ALA C 699 1.31 -32.83 27.85
N ARG C 700 1.60 -31.56 28.15
CA ARG C 700 0.55 -30.55 28.14
C ARG C 700 -0.05 -30.38 26.75
N GLU C 701 0.79 -30.37 25.72
CA GLU C 701 0.30 -30.26 24.35
C GLU C 701 -0.58 -31.46 23.98
N ARG C 702 -0.15 -32.67 24.35
CA ARG C 702 -0.95 -33.85 24.05
C ARG C 702 -2.29 -33.81 24.76
N VAL C 703 -2.30 -33.41 26.04
CA VAL C 703 -3.55 -33.34 26.78
C VAL C 703 -4.48 -32.29 26.18
N HIS C 704 -3.93 -31.12 25.83
CA HIS C 704 -4.75 -30.07 25.27
C HIS C 704 -5.32 -30.47 23.91
N SER C 705 -4.51 -31.13 23.07
CA SER C 705 -5.00 -31.56 21.77
C SER C 705 -6.05 -32.65 21.87
N ALA C 706 -5.94 -33.54 22.85
CA ALA C 706 -6.89 -34.64 23.00
C ALA C 706 -8.20 -34.21 23.65
N ALA C 707 -8.26 -32.98 24.19
CA ALA C 707 -9.53 -32.47 24.67
C ALA C 707 -10.48 -32.15 23.53
N THR C 708 -9.95 -31.68 22.39
CA THR C 708 -10.78 -31.42 21.23
C THR C 708 -11.20 -32.71 20.53
N ILE C 709 -10.38 -33.74 20.61
CA ILE C 709 -10.74 -35.04 20.03
C ILE C 709 -11.98 -35.59 20.73
N ALA C 710 -12.01 -35.53 22.06
CA ALA C 710 -13.23 -35.86 22.78
C ALA C 710 -14.36 -34.91 22.43
N GLY C 711 -14.02 -33.66 22.13
CA GLY C 711 -15.02 -32.74 21.62
C GLY C 711 -15.64 -33.20 20.31
N ILE C 712 -14.82 -33.71 19.40
CA ILE C 712 -15.33 -34.29 18.17
C ILE C 712 -16.23 -35.49 18.48
N ALA C 713 -15.81 -36.32 19.43
CA ALA C 713 -16.57 -37.52 19.76
C ALA C 713 -17.95 -37.17 20.32
N PHE C 714 -18.04 -36.17 21.20
CA PHE C 714 -19.32 -35.84 21.83
C PHE C 714 -20.07 -34.74 21.09
N ALA C 715 -19.52 -34.21 20.00
CA ALA C 715 -20.31 -33.36 19.12
C ALA C 715 -21.37 -34.15 18.36
N ASN C 716 -21.10 -35.40 18.03
CA ASN C 716 -22.02 -36.24 17.28
C ASN C 716 -22.84 -37.15 18.17
N ALA C 717 -22.20 -38.01 18.96
CA ALA C 717 -22.91 -38.70 20.02
C ALA C 717 -23.17 -37.72 21.17
N PHE C 718 -24.17 -38.03 21.98
CA PHE C 718 -24.56 -37.12 23.04
C PHE C 718 -24.26 -37.74 24.40
N LEU C 719 -24.19 -36.89 25.41
CA LEU C 719 -23.72 -37.28 26.72
C LEU C 719 -24.80 -38.03 27.49
N GLY C 720 -24.37 -38.88 28.42
CA GLY C 720 -25.28 -39.69 29.19
C GLY C 720 -25.81 -38.99 30.42
N VAL C 721 -26.41 -39.77 31.31
CA VAL C 721 -26.94 -39.22 32.55
C VAL C 721 -25.82 -38.68 33.43
N CYS C 722 -24.61 -39.22 33.27
CA CYS C 722 -23.49 -38.78 34.09
C CYS C 722 -23.22 -37.29 33.94
N HIS C 723 -23.51 -36.73 32.76
CA HIS C 723 -23.26 -35.32 32.49
C HIS C 723 -24.50 -34.45 32.66
N SER C 724 -25.64 -35.03 33.04
CA SER C 724 -26.84 -34.23 33.29
C SER C 724 -27.05 -33.97 34.77
N MET C 725 -26.98 -35.01 35.60
CA MET C 725 -27.03 -34.79 37.05
C MET C 725 -25.83 -33.97 37.51
N ALA C 726 -24.66 -34.22 36.92
CA ALA C 726 -23.50 -33.39 37.19
C ALA C 726 -23.69 -31.96 36.70
N HIS C 727 -24.58 -31.75 35.73
CA HIS C 727 -24.83 -30.40 35.24
C HIS C 727 -25.68 -29.59 36.20
N LYS C 728 -26.57 -30.25 36.95
CA LYS C 728 -27.36 -29.57 37.98
C LYS C 728 -26.69 -29.56 39.34
N LEU C 729 -26.05 -30.67 39.73
CA LEU C 729 -25.39 -30.70 41.03
C LEU C 729 -24.24 -29.69 41.11
N GLY C 730 -23.65 -29.33 39.98
CA GLY C 730 -22.65 -28.28 39.92
C GLY C 730 -23.21 -26.88 39.77
N SER C 731 -24.54 -26.73 39.69
CA SER C 731 -25.16 -25.42 39.60
C SER C 731 -25.86 -24.98 40.87
N GLN C 732 -26.39 -25.91 41.66
CA GLN C 732 -27.01 -25.59 42.94
C GLN C 732 -26.00 -25.43 44.06
N PHE C 733 -24.97 -26.28 44.10
CA PHE C 733 -23.94 -26.23 45.13
C PHE C 733 -22.73 -25.40 44.71
N HIS C 734 -22.77 -24.80 43.52
CA HIS C 734 -21.73 -23.88 43.05
C HIS C 734 -20.34 -24.53 43.07
N ILE C 735 -20.28 -25.76 42.59
CA ILE C 735 -19.00 -26.46 42.44
C ILE C 735 -18.62 -26.40 40.96
N PRO C 736 -17.33 -26.39 40.63
CA PRO C 736 -16.96 -26.19 39.23
C PRO C 736 -17.24 -27.42 38.38
N HIS C 737 -17.42 -27.17 37.09
CA HIS C 737 -17.67 -28.26 36.14
C HIS C 737 -16.38 -29.06 35.94
N GLY C 738 -16.43 -30.34 36.23
CA GLY C 738 -15.25 -31.17 36.25
C GLY C 738 -15.16 -31.96 37.53
N LEU C 739 -15.54 -31.33 38.64
CA LEU C 739 -15.74 -32.06 39.88
C LEU C 739 -16.97 -32.95 39.78
N ALA C 740 -18.09 -32.38 39.32
CA ALA C 740 -19.38 -33.04 39.45
C ALA C 740 -19.39 -34.39 38.75
N ASN C 741 -18.76 -34.48 37.58
CA ASN C 741 -18.69 -35.75 36.86
C ASN C 741 -17.50 -36.60 37.28
N ALA C 742 -16.73 -36.15 38.27
CA ALA C 742 -15.56 -36.92 38.70
C ALA C 742 -15.87 -37.89 39.83
N LEU C 743 -16.73 -37.51 40.79
CA LEU C 743 -17.00 -38.40 41.92
C LEU C 743 -18.05 -39.46 41.62
N LEU C 744 -19.02 -39.16 40.76
CA LEU C 744 -20.09 -40.11 40.48
C LEU C 744 -19.79 -41.05 39.33
N ILE C 745 -18.69 -40.83 38.60
CA ILE C 745 -18.28 -41.78 37.58
C ILE C 745 -17.90 -43.11 38.19
N CYS C 746 -17.50 -43.12 39.47
CA CYS C 746 -17.26 -44.37 40.18
C CYS C 746 -18.52 -45.22 40.30
N ASN C 747 -19.67 -44.60 40.53
CA ASN C 747 -20.89 -45.33 40.79
C ASN C 747 -21.87 -45.35 39.62
N VAL C 748 -21.66 -44.53 38.59
CA VAL C 748 -22.57 -44.55 37.45
C VAL C 748 -22.21 -45.67 36.49
N ILE C 749 -20.94 -46.09 36.47
CA ILE C 749 -20.54 -47.20 35.60
C ILE C 749 -21.22 -48.49 36.06
N ARG C 750 -21.22 -48.74 37.38
CA ARG C 750 -21.90 -49.93 37.90
C ARG C 750 -23.40 -49.85 37.70
N TYR C 751 -23.94 -48.64 37.50
CA TYR C 751 -25.38 -48.51 37.26
C TYR C 751 -25.75 -49.09 35.91
N ASN C 752 -24.82 -49.13 34.96
CA ASN C 752 -25.05 -49.69 33.64
C ASN C 752 -24.69 -51.17 33.54
N ALA C 753 -24.27 -51.80 34.63
CA ALA C 753 -23.93 -53.21 34.60
C ALA C 753 -24.99 -54.12 35.21
N ASN C 754 -25.94 -53.58 35.95
CA ASN C 754 -26.99 -54.42 36.52
C ASN C 754 -27.96 -54.88 35.44
N ASP C 755 -28.75 -55.90 35.78
CA ASP C 755 -29.68 -56.52 34.84
C ASP C 755 -31.12 -56.06 35.02
N ASN C 756 -31.34 -54.80 35.38
CA ASN C 756 -32.68 -54.30 35.60
C ASN C 756 -33.49 -54.35 34.31
N PRO C 757 -34.76 -54.78 34.36
CA PRO C 757 -35.59 -54.74 33.15
C PRO C 757 -35.84 -53.32 32.65
N THR C 758 -35.70 -52.31 33.50
CA THR C 758 -35.92 -50.93 33.10
C THR C 758 -34.91 -50.53 32.02
N LYS C 759 -35.41 -50.30 30.81
CA LYS C 759 -34.56 -49.99 29.67
C LYS C 759 -35.44 -49.30 28.63
N GLN C 760 -34.78 -48.65 27.67
CA GLN C 760 -35.49 -48.03 26.57
C GLN C 760 -36.33 -49.08 25.85
N THR C 761 -37.62 -48.80 25.66
CA THR C 761 -38.53 -49.80 25.13
C THR C 761 -38.27 -50.03 23.64
N ALA C 762 -38.05 -51.29 23.28
CA ALA C 762 -37.84 -51.71 21.89
C ALA C 762 -36.72 -50.93 21.23
N PHE C 763 -35.71 -50.58 22.03
CA PHE C 763 -34.58 -49.80 21.53
C PHE C 763 -33.41 -49.97 22.49
N SER C 764 -32.20 -49.94 21.91
CA SER C 764 -30.95 -50.07 22.66
C SER C 764 -30.85 -51.41 23.38
N GLN C 765 -31.75 -52.33 23.10
CA GLN C 765 -31.70 -53.68 23.68
C GLN C 765 -31.85 -54.80 22.65
N TYR C 766 -32.51 -54.58 21.52
CA TYR C 766 -32.60 -55.56 20.46
C TYR C 766 -31.57 -55.35 19.36
N ASP C 767 -31.36 -54.10 18.95
CA ASP C 767 -30.29 -53.79 18.00
C ASP C 767 -28.95 -53.67 18.73
N ARG C 768 -28.85 -52.73 19.66
CA ARG C 768 -27.66 -52.63 20.48
C ARG C 768 -27.68 -53.74 21.53
N PRO C 769 -26.63 -54.56 21.62
CA PRO C 769 -26.65 -55.69 22.56
C PRO C 769 -26.72 -55.26 24.01
N GLN C 770 -25.76 -54.46 24.46
CA GLN C 770 -25.66 -54.05 25.86
C GLN C 770 -24.50 -53.06 25.99
N ALA C 771 -24.34 -52.53 27.20
CA ALA C 771 -23.19 -51.71 27.54
C ALA C 771 -22.26 -52.37 28.54
N ARG C 772 -22.65 -53.53 29.09
CA ARG C 772 -21.79 -54.24 30.02
C ARG C 772 -20.48 -54.66 29.37
N ARG C 773 -20.54 -55.19 28.15
CA ARG C 773 -19.37 -55.63 27.44
C ARG C 773 -18.71 -54.52 26.63
N ARG C 774 -19.44 -53.45 26.34
CA ARG C 774 -18.82 -52.30 25.69
C ARG C 774 -17.74 -51.67 26.57
N TYR C 775 -18.02 -51.55 27.86
CA TYR C 775 -16.99 -51.08 28.80
C TYR C 775 -15.83 -52.06 28.88
N ALA C 776 -16.13 -53.36 28.86
CA ALA C 776 -15.07 -54.36 28.89
C ALA C 776 -14.15 -54.28 27.68
N GLU C 777 -14.64 -53.73 26.57
CA GLU C 777 -13.77 -53.53 25.41
C GLU C 777 -12.69 -52.51 25.73
N ILE C 778 -13.03 -51.47 26.48
CA ILE C 778 -12.04 -50.50 26.91
C ILE C 778 -11.03 -51.14 27.85
N ALA C 779 -11.48 -52.08 28.70
CA ALA C 779 -10.61 -52.65 29.72
C ALA C 779 -9.38 -53.32 29.12
N ASP C 780 -9.52 -53.97 27.96
CA ASP C 780 -8.38 -54.52 27.27
C ASP C 780 -7.93 -53.70 26.06
N HIS C 781 -8.62 -52.60 25.76
CA HIS C 781 -8.11 -51.68 24.75
C HIS C 781 -6.93 -50.89 25.29
N LEU C 782 -7.00 -50.48 26.56
CA LEU C 782 -5.89 -49.79 27.22
C LEU C 782 -4.96 -50.76 27.95
N GLY C 783 -5.25 -52.05 27.92
CA GLY C 783 -4.38 -53.03 28.53
C GLY C 783 -4.51 -53.19 30.02
N LEU C 784 -5.71 -53.50 30.49
CA LEU C 784 -5.98 -53.76 31.90
C LEU C 784 -6.66 -55.11 32.08
N SER C 785 -6.15 -56.14 31.42
CA SER C 785 -6.76 -57.46 31.53
C SER C 785 -5.73 -58.53 31.19
N ALA C 786 -5.82 -59.64 31.92
CA ALA C 786 -5.04 -60.83 31.59
C ALA C 786 -5.62 -61.48 30.33
N PRO C 787 -4.85 -62.35 29.66
CA PRO C 787 -5.38 -63.00 28.45
C PRO C 787 -6.69 -63.73 28.68
N GLY C 788 -6.85 -64.42 29.81
CA GLY C 788 -8.12 -65.04 30.11
C GLY C 788 -8.79 -64.52 31.37
N ASP C 789 -9.86 -63.74 31.20
CA ASP C 789 -10.65 -63.23 32.31
C ASP C 789 -12.12 -63.27 31.91
N ARG C 790 -12.96 -62.72 32.77
CA ARG C 790 -14.37 -62.52 32.52
C ARG C 790 -14.66 -61.03 32.39
N THR C 791 -15.90 -60.71 31.98
CA THR C 791 -16.28 -59.31 31.84
C THR C 791 -16.31 -58.61 33.20
N ALA C 792 -16.76 -59.31 34.24
CA ALA C 792 -16.82 -58.71 35.57
C ALA C 792 -15.43 -58.35 36.08
N ALA C 793 -14.44 -59.23 35.87
CA ALA C 793 -13.08 -58.94 36.30
C ALA C 793 -12.52 -57.74 35.56
N LYS C 794 -12.79 -57.64 34.26
CA LYS C 794 -12.33 -56.48 33.48
C LYS C 794 -12.98 -55.20 33.98
N ILE C 795 -14.26 -55.26 34.31
CA ILE C 795 -14.95 -54.10 34.86
C ILE C 795 -14.32 -53.70 36.19
N GLU C 796 -14.04 -54.67 37.05
CA GLU C 796 -13.39 -54.37 38.33
C GLU C 796 -12.02 -53.74 38.12
N LYS C 797 -11.24 -54.25 37.17
CA LYS C 797 -9.93 -53.69 36.91
C LYS C 797 -10.02 -52.26 36.38
N LEU C 798 -10.98 -52.00 35.48
CA LEU C 798 -11.19 -50.65 34.99
C LEU C 798 -11.58 -49.70 36.12
N LEU C 799 -12.48 -50.15 37.00
CA LEU C 799 -12.90 -49.32 38.12
C LEU C 799 -11.73 -49.06 39.07
N ALA C 800 -10.88 -50.06 39.28
CA ALA C 800 -9.70 -49.88 40.11
C ALA C 800 -8.74 -48.87 39.50
N TRP C 801 -8.57 -48.91 38.17
CA TRP C 801 -7.73 -47.92 37.51
C TRP C 801 -8.31 -46.53 37.70
N LEU C 802 -9.65 -46.40 37.59
CA LEU C 802 -10.28 -45.12 37.88
C LEU C 802 -10.01 -44.68 39.32
N GLU C 803 -10.07 -45.62 40.26
CA GLU C 803 -9.80 -45.31 41.65
C GLU C 803 -8.40 -44.74 41.82
N THR C 804 -7.40 -45.42 41.26
CA THR C 804 -6.02 -44.95 41.39
C THR C 804 -5.83 -43.60 40.72
N LEU C 805 -6.41 -43.42 39.53
CA LEU C 805 -6.27 -42.14 38.84
C LEU C 805 -6.89 -41.01 39.63
N LYS C 806 -8.07 -41.23 40.21
CA LYS C 806 -8.71 -40.19 41.02
C LYS C 806 -7.92 -39.91 42.29
N ALA C 807 -7.45 -40.95 42.97
CA ALA C 807 -6.74 -40.77 44.22
C ALA C 807 -5.42 -40.03 44.00
N GLU C 808 -4.68 -40.39 42.96
CA GLU C 808 -3.38 -39.78 42.71
C GLU C 808 -3.51 -38.34 42.20
N LEU C 809 -4.65 -37.96 41.65
CA LEU C 809 -4.84 -36.62 41.11
C LEU C 809 -5.39 -35.63 42.13
N GLY C 810 -5.66 -36.07 43.36
CA GLY C 810 -6.06 -35.17 44.42
C GLY C 810 -7.46 -34.60 44.26
N ILE C 811 -8.47 -35.46 44.34
CA ILE C 811 -9.86 -35.00 44.34
C ILE C 811 -10.59 -35.69 45.49
N PRO C 812 -11.62 -35.07 46.07
CA PRO C 812 -12.28 -35.68 47.23
C PRO C 812 -12.94 -37.00 46.89
N LYS C 813 -12.90 -37.92 47.86
CA LYS C 813 -13.49 -39.23 47.69
C LYS C 813 -15.00 -39.20 47.64
N SER C 814 -15.63 -38.16 48.17
CA SER C 814 -17.08 -38.13 48.22
C SER C 814 -17.53 -36.67 48.32
N ILE C 815 -18.85 -36.47 48.25
CA ILE C 815 -19.40 -35.13 48.32
C ILE C 815 -19.21 -34.53 49.71
N ARG C 816 -19.23 -35.38 50.76
CA ARG C 816 -19.09 -34.87 52.12
C ARG C 816 -17.77 -34.12 52.30
N GLU C 817 -16.68 -34.65 51.75
CA GLU C 817 -15.39 -33.97 51.82
C GLU C 817 -15.20 -32.96 50.70
N ALA C 818 -16.19 -32.79 49.83
CA ALA C 818 -16.11 -31.81 48.76
C ALA C 818 -16.66 -30.45 49.17
N GLY C 819 -17.26 -30.33 50.35
CA GLY C 819 -17.76 -29.05 50.82
C GLY C 819 -19.27 -28.94 50.81
N VAL C 820 -19.96 -30.04 51.10
CA VAL C 820 -21.41 -30.07 51.19
C VAL C 820 -21.80 -30.80 52.47
N GLN C 821 -22.72 -30.23 53.23
CA GLN C 821 -23.14 -30.77 54.51
C GLN C 821 -24.52 -31.42 54.40
N GLU C 822 -24.86 -32.21 55.42
CA GLU C 822 -26.14 -32.92 55.45
C GLU C 822 -27.33 -31.96 55.45
N ALA C 823 -27.13 -30.74 55.93
CA ALA C 823 -28.25 -29.82 56.14
C ALA C 823 -28.98 -29.48 54.85
N ASP C 824 -28.23 -29.13 53.80
CA ASP C 824 -28.81 -28.68 52.55
C ASP C 824 -28.79 -29.74 51.46
N PHE C 825 -28.55 -31.00 51.83
CA PHE C 825 -28.57 -32.10 50.86
C PHE C 825 -29.83 -32.94 50.96
N LEU C 826 -30.12 -33.51 52.13
CA LEU C 826 -31.28 -34.38 52.28
C LEU C 826 -32.59 -33.65 52.03
N ALA C 827 -32.63 -32.33 52.21
CA ALA C 827 -33.81 -31.55 51.89
C ALA C 827 -33.85 -31.07 50.45
N ASN C 828 -32.71 -31.07 49.77
CA ASN C 828 -32.63 -30.64 48.38
C ASN C 828 -32.27 -31.78 47.42
N VAL C 829 -32.07 -32.99 47.94
CA VAL C 829 -31.71 -34.10 47.06
C VAL C 829 -32.89 -34.48 46.17
N ASP C 830 -34.12 -34.36 46.68
CA ASP C 830 -35.30 -34.66 45.87
C ASP C 830 -35.45 -33.63 44.74
N LYS C 831 -35.38 -32.35 45.09
CA LYS C 831 -35.54 -31.29 44.10
C LYS C 831 -34.44 -31.33 43.07
N LEU C 832 -33.27 -31.87 43.42
CA LEU C 832 -32.21 -32.08 42.45
C LEU C 832 -32.37 -33.39 41.69
N SER C 833 -32.98 -34.40 42.32
CA SER C 833 -33.10 -35.71 41.67
C SER C 833 -34.16 -35.70 40.58
N GLU C 834 -35.30 -35.05 40.81
CA GLU C 834 -36.40 -35.19 39.85
C GLU C 834 -36.24 -34.22 38.68
N ASP C 835 -35.13 -33.49 38.68
CA ASP C 835 -34.86 -32.49 37.67
C ASP C 835 -33.91 -33.03 36.60
N ALA C 836 -33.09 -34.01 36.98
CA ALA C 836 -32.14 -34.58 36.02
C ALA C 836 -32.85 -35.41 34.95
N PHE C 837 -34.00 -35.99 35.27
CA PHE C 837 -34.75 -36.79 34.30
C PHE C 837 -35.14 -35.96 33.08
N ASP C 838 -35.55 -34.72 33.30
CA ASP C 838 -35.94 -33.83 32.21
C ASP C 838 -34.73 -33.24 31.49
N ASP C 839 -33.56 -33.39 32.14
CA ASP C 839 -32.31 -32.75 31.67
C ASP C 839 -31.69 -33.37 30.42
N GLN C 840 -32.35 -33.22 29.27
CA GLN C 840 -31.76 -33.55 27.96
C GLN C 840 -31.19 -34.98 27.88
N CYS C 841 -31.52 -35.87 28.81
CA CYS C 841 -30.99 -37.23 28.75
C CYS C 841 -31.59 -37.96 27.54
N THR C 842 -30.81 -38.00 26.47
CA THR C 842 -31.29 -38.39 25.14
C THR C 842 -31.19 -39.90 24.95
N GLY C 843 -31.88 -40.64 25.79
CA GLY C 843 -31.92 -42.09 25.68
C GLY C 843 -30.59 -42.78 25.85
N ALA C 844 -29.53 -42.01 26.12
CA ALA C 844 -28.21 -42.58 26.37
C ALA C 844 -28.27 -43.35 27.69
N ASN C 845 -27.18 -44.07 28.00
CA ASN C 845 -27.17 -44.96 29.16
C ASN C 845 -28.36 -45.91 29.07
N PRO C 846 -28.31 -46.90 28.16
CA PRO C 846 -29.50 -47.69 27.81
C PRO C 846 -30.40 -48.07 28.98
N ARG C 847 -29.84 -48.23 30.17
CA ARG C 847 -30.65 -48.46 31.36
C ARG C 847 -31.49 -47.21 31.63
N TYR C 848 -32.78 -47.29 31.37
CA TYR C 848 -33.67 -46.14 31.54
C TYR C 848 -33.73 -45.73 33.01
N PRO C 849 -33.51 -44.46 33.33
CA PRO C 849 -33.46 -44.05 34.73
C PRO C 849 -34.83 -43.78 35.34
N LEU C 850 -34.96 -44.18 36.60
CA LEU C 850 -36.12 -43.86 37.42
C LEU C 850 -35.67 -42.97 38.57
N ILE C 851 -36.54 -42.03 38.94
CA ILE C 851 -36.18 -41.05 39.97
C ILE C 851 -35.96 -41.75 41.31
N SER C 852 -36.83 -42.71 41.65
CA SER C 852 -36.73 -43.40 42.92
C SER C 852 -35.40 -44.14 43.08
N GLU C 853 -34.77 -44.55 41.98
CA GLU C 853 -33.47 -45.21 42.05
C GLU C 853 -32.32 -44.30 41.66
N LEU C 854 -32.57 -43.26 40.86
CA LEU C 854 -31.56 -42.24 40.64
C LEU C 854 -31.25 -41.50 41.94
N LYS C 855 -32.23 -41.43 42.84
CA LYS C 855 -32.03 -40.85 44.17
C LYS C 855 -30.95 -41.56 44.96
N GLN C 856 -30.96 -42.89 44.98
CA GLN C 856 -30.10 -43.63 45.89
C GLN C 856 -28.63 -43.51 45.48
N ILE C 857 -28.35 -43.16 44.23
CA ILE C 857 -26.96 -43.01 43.83
C ILE C 857 -26.40 -41.68 44.33
N LEU C 858 -27.26 -40.68 44.55
CA LEU C 858 -26.83 -39.51 45.31
C LEU C 858 -26.78 -39.81 46.80
N LEU C 859 -27.75 -40.59 47.29
CA LEU C 859 -27.79 -40.90 48.72
C LEU C 859 -26.64 -41.77 49.17
N ASP C 860 -25.96 -42.46 48.24
CA ASP C 860 -24.79 -43.25 48.63
C ASP C 860 -23.48 -42.67 48.12
N THR C 861 -23.51 -41.74 47.16
CA THR C 861 -22.29 -41.06 46.77
C THR C 861 -21.81 -40.10 47.85
N TYR C 862 -22.76 -39.40 48.49
CA TYR C 862 -22.38 -38.42 49.51
C TYR C 862 -21.67 -39.08 50.68
N TYR C 863 -22.28 -40.13 51.24
CA TYR C 863 -21.69 -40.83 52.37
C TYR C 863 -20.48 -41.67 51.97
N GLY C 864 -20.21 -41.83 50.68
CA GLY C 864 -19.01 -42.48 50.21
C GLY C 864 -19.13 -43.95 49.89
N ARG C 865 -20.24 -44.60 50.25
CA ARG C 865 -20.39 -46.01 49.95
C ARG C 865 -20.64 -46.23 48.46
N ASP C 866 -20.77 -47.49 48.07
CA ASP C 866 -20.91 -47.88 46.68
C ASP C 866 -22.31 -48.44 46.43
N TYR C 867 -22.67 -48.53 45.14
CA TYR C 867 -23.97 -49.04 44.74
C TYR C 867 -23.89 -50.55 44.65
N VAL C 868 -24.54 -51.24 45.59
CA VAL C 868 -24.63 -52.70 45.61
C VAL C 868 -26.08 -53.08 45.85
N GLU C 869 -26.61 -53.96 45.02
CA GLU C 869 -27.98 -54.44 45.19
C GLU C 869 -28.04 -55.59 46.19
N ASN D 450 -24.43 49.21 14.18
CA ASN D 450 -24.51 48.43 12.95
C ASN D 450 -23.12 48.00 12.48
N MET D 451 -22.99 46.75 12.07
CA MET D 451 -21.70 46.20 11.66
C MET D 451 -21.92 45.23 10.51
N LEU D 452 -21.24 45.46 9.40
CA LEU D 452 -21.29 44.57 8.25
C LEU D 452 -20.13 43.57 8.34
N TRP D 453 -19.91 42.84 7.26
CA TRP D 453 -18.96 41.73 7.26
C TRP D 453 -18.59 41.41 5.82
N HIS D 454 -17.74 40.39 5.67
CA HIS D 454 -17.34 39.89 4.35
C HIS D 454 -17.00 38.42 4.52
N LYS D 455 -17.96 37.55 4.22
CA LYS D 455 -17.82 36.11 4.40
C LYS D 455 -17.71 35.42 3.05
N LEU D 456 -16.89 34.38 3.00
CA LEU D 456 -16.54 33.72 1.75
C LEU D 456 -16.15 32.28 2.05
N PRO D 457 -16.20 31.39 1.06
CA PRO D 457 -15.69 30.04 1.27
C PRO D 457 -14.20 30.05 1.54
N LYS D 458 -13.74 28.97 2.20
CA LYS D 458 -12.33 28.89 2.60
C LYS D 458 -11.41 28.89 1.39
N SER D 459 -11.76 28.14 0.35
CA SER D 459 -10.89 28.00 -0.82
C SER D 459 -11.70 28.15 -2.09
N ILE D 460 -11.14 28.87 -3.06
CA ILE D 460 -11.75 29.02 -4.36
C ILE D 460 -10.68 28.79 -5.43
N TYR D 461 -10.71 27.62 -6.06
CA TYR D 461 -9.73 27.27 -7.08
C TYR D 461 -10.31 27.51 -8.46
N PHE D 462 -9.55 28.18 -9.32
CA PHE D 462 -10.05 28.59 -10.63
C PHE D 462 -8.92 28.55 -11.64
N ARG D 463 -9.12 27.75 -12.70
CA ARG D 463 -8.32 27.70 -13.93
C ARG D 463 -9.01 26.72 -14.87
N ARG D 464 -8.49 26.64 -16.09
CA ARG D 464 -8.88 25.59 -17.00
C ARG D 464 -8.28 24.26 -16.54
N GLY D 465 -9.11 23.23 -16.47
CA GLY D 465 -8.67 21.95 -15.97
C GLY D 465 -8.20 22.02 -14.53
N SER D 466 -8.91 22.79 -13.72
CA SER D 466 -8.60 22.95 -12.31
C SER D 466 -9.29 21.91 -11.43
N LEU D 467 -10.14 21.07 -12.00
CA LEU D 467 -10.89 20.08 -11.24
C LEU D 467 -10.02 18.94 -10.74
N PRO D 468 -9.26 18.24 -11.61
CA PRO D 468 -8.52 17.06 -11.13
C PRO D 468 -7.50 17.39 -10.05
N ILE D 469 -6.82 18.54 -10.14
CA ILE D 469 -5.84 18.90 -9.12
C ILE D 469 -6.52 19.25 -7.81
N ALA D 470 -7.61 20.03 -7.88
CA ALA D 470 -8.36 20.34 -6.67
C ALA D 470 -9.01 19.09 -6.09
N LEU D 471 -9.40 18.15 -6.95
CA LEU D 471 -9.97 16.90 -6.47
C LEU D 471 -8.96 16.07 -5.69
N ASP D 472 -7.67 16.23 -6.02
CA ASP D 472 -6.64 15.53 -5.26
C ASP D 472 -6.62 16.02 -3.81
N GLU D 473 -6.80 17.32 -3.61
CA GLU D 473 -6.75 17.89 -2.26
C GLU D 473 -7.80 17.26 -1.34
N VAL D 474 -8.95 16.87 -1.89
CA VAL D 474 -9.99 16.25 -1.08
C VAL D 474 -9.74 14.78 -0.83
N ILE D 475 -8.81 14.16 -1.54
CA ILE D 475 -8.47 12.76 -1.33
C ILE D 475 -7.14 12.59 -0.59
N THR D 476 -6.27 13.60 -0.57
CA THR D 476 -5.01 13.48 0.14
C THR D 476 -5.19 13.56 1.65
N ASP D 477 -6.27 14.17 2.11
CA ASP D 477 -6.60 14.19 3.53
C ASP D 477 -7.52 13.01 3.85
N GLY D 478 -8.14 13.03 5.02
CA GLY D 478 -9.01 11.93 5.40
C GLY D 478 -10.42 12.08 4.86
N HIS D 479 -10.72 11.36 3.78
CA HIS D 479 -12.04 11.37 3.17
C HIS D 479 -12.25 10.05 2.47
N LYS D 480 -13.27 9.30 2.87
CA LYS D 480 -13.52 7.97 2.34
C LYS D 480 -14.86 7.81 1.63
N ARG D 481 -15.86 8.61 1.98
CA ARG D 481 -17.18 8.49 1.38
C ARG D 481 -17.58 9.82 0.75
N ALA D 482 -18.11 9.75 -0.47
CA ALA D 482 -18.44 10.94 -1.23
C ALA D 482 -19.86 10.85 -1.75
N LEU D 483 -20.55 12.00 -1.75
CA LEU D 483 -21.89 12.14 -2.29
C LEU D 483 -21.88 13.19 -3.38
N ILE D 484 -22.55 12.89 -4.50
CA ILE D 484 -22.59 13.78 -5.65
C ILE D 484 -24.05 14.06 -5.99
N VAL D 485 -24.38 15.34 -6.18
CA VAL D 485 -25.71 15.77 -6.55
C VAL D 485 -25.67 16.28 -7.98
N THR D 486 -26.58 15.78 -8.81
CA THR D 486 -26.53 16.00 -10.24
C THR D 486 -27.94 16.16 -10.79
N ASP D 487 -28.04 16.79 -11.95
CA ASP D 487 -29.29 16.89 -12.69
C ASP D 487 -29.32 15.84 -13.81
N ARG D 488 -30.40 15.88 -14.59
CA ARG D 488 -30.59 14.89 -15.64
C ARG D 488 -29.67 15.14 -16.83
N PHE D 489 -29.45 16.41 -17.17
CA PHE D 489 -28.78 16.73 -18.42
C PHE D 489 -27.32 16.28 -18.38
N LEU D 490 -26.57 16.72 -17.38
CA LEU D 490 -25.13 16.52 -17.40
C LEU D 490 -24.70 15.20 -16.79
N PHE D 491 -25.63 14.38 -16.32
CA PHE D 491 -25.28 13.03 -15.90
C PHE D 491 -25.39 12.02 -17.03
N ASN D 492 -26.31 12.23 -17.97
CA ASN D 492 -26.45 11.30 -19.09
C ASN D 492 -25.20 11.29 -19.96
N ASN D 493 -24.65 12.47 -20.26
CA ASN D 493 -23.44 12.55 -21.05
C ASN D 493 -22.21 12.49 -20.14
N GLY D 494 -21.02 12.65 -20.72
CA GLY D 494 -19.80 12.50 -19.96
C GLY D 494 -19.36 13.75 -19.22
N TYR D 495 -20.10 14.14 -18.19
CA TYR D 495 -19.74 15.26 -17.34
C TYR D 495 -19.56 14.88 -15.88
N ALA D 496 -20.50 14.13 -15.32
CA ALA D 496 -20.42 13.75 -13.91
C ALA D 496 -19.51 12.57 -13.66
N ASP D 497 -19.04 11.89 -14.71
CA ASP D 497 -18.14 10.76 -14.57
C ASP D 497 -16.67 11.17 -14.48
N GLN D 498 -16.33 12.39 -14.87
CA GLN D 498 -14.94 12.84 -14.78
C GLN D 498 -14.49 12.88 -13.33
N ILE D 499 -15.32 13.43 -12.44
CA ILE D 499 -15.00 13.42 -11.02
C ILE D 499 -15.09 12.00 -10.47
N THR D 500 -16.07 11.22 -10.95
CA THR D 500 -16.25 9.87 -10.43
C THR D 500 -15.05 8.99 -10.75
N SER D 501 -14.50 9.11 -11.96
CA SER D 501 -13.35 8.28 -12.33
C SER D 501 -12.13 8.64 -11.48
N VAL D 502 -11.88 9.93 -11.28
CA VAL D 502 -10.75 10.35 -10.47
C VAL D 502 -10.92 9.87 -9.04
N LEU D 503 -12.12 9.99 -8.48
CA LEU D 503 -12.36 9.54 -7.12
C LEU D 503 -12.19 8.03 -7.01
N LYS D 504 -12.68 7.29 -8.00
CA LYS D 504 -12.52 5.84 -8.02
C LYS D 504 -11.06 5.43 -8.07
N ALA D 505 -10.24 6.20 -8.80
CA ALA D 505 -8.84 5.81 -8.98
C ALA D 505 -8.13 5.65 -7.63
N ALA D 506 -8.33 6.61 -6.72
CA ALA D 506 -7.79 6.47 -5.37
C ALA D 506 -8.54 5.43 -4.56
N GLY D 507 -9.86 5.32 -4.76
CA GLY D 507 -10.67 4.34 -4.08
C GLY D 507 -11.48 4.91 -2.93
N VAL D 508 -12.75 5.22 -3.22
CA VAL D 508 -13.67 5.76 -2.24
C VAL D 508 -15.08 5.39 -2.67
N GLU D 509 -15.97 5.22 -1.71
CA GLU D 509 -17.37 4.93 -2.02
C GLU D 509 -18.06 6.22 -2.48
N THR D 510 -18.46 6.24 -3.75
CA THR D 510 -19.16 7.37 -4.33
C THR D 510 -20.38 6.89 -5.12
N GLU D 511 -21.49 7.62 -5.01
CA GLU D 511 -22.67 7.35 -5.80
C GLU D 511 -23.28 8.68 -6.25
N VAL D 512 -24.02 8.63 -7.34
CA VAL D 512 -24.58 9.82 -7.97
C VAL D 512 -26.06 9.93 -7.61
N PHE D 513 -26.46 11.12 -7.19
CA PHE D 513 -27.85 11.44 -6.86
C PHE D 513 -28.37 12.38 -7.94
N PHE D 514 -29.09 11.83 -8.92
CA PHE D 514 -29.47 12.56 -10.12
C PHE D 514 -30.99 12.50 -10.30
N GLU D 515 -31.71 13.34 -9.56
CA GLU D 515 -33.12 13.55 -9.88
C GLU D 515 -33.57 15.00 -9.66
N VAL D 516 -32.65 15.96 -9.67
CA VAL D 516 -33.01 17.35 -9.43
C VAL D 516 -33.44 18.00 -10.73
N GLU D 517 -34.64 18.57 -10.73
CA GLU D 517 -35.17 19.30 -11.88
C GLU D 517 -34.74 20.76 -11.78
N ALA D 518 -35.34 21.63 -12.59
CA ALA D 518 -34.94 23.02 -12.63
C ALA D 518 -35.27 23.78 -11.36
N ASP D 519 -36.07 23.20 -10.46
CA ASP D 519 -36.49 23.88 -9.25
C ASP D 519 -36.77 22.80 -8.21
N PRO D 520 -36.06 22.79 -7.07
CA PRO D 520 -36.31 21.77 -6.06
C PRO D 520 -37.69 21.94 -5.43
N THR D 521 -38.33 20.80 -5.14
CA THR D 521 -39.69 20.78 -4.63
C THR D 521 -39.83 20.04 -3.31
N LEU D 522 -38.82 20.14 -2.45
CA LEU D 522 -38.90 19.77 -1.03
C LEU D 522 -39.04 18.27 -0.80
N SER D 523 -39.12 17.47 -1.86
CA SER D 523 -39.10 16.02 -1.73
C SER D 523 -37.93 15.39 -2.45
N ILE D 524 -37.65 15.79 -3.70
CA ILE D 524 -36.46 15.29 -4.38
C ILE D 524 -35.18 15.74 -3.70
N VAL D 525 -35.26 16.73 -2.81
CA VAL D 525 -34.17 16.98 -1.88
C VAL D 525 -34.37 16.18 -0.59
N ARG D 526 -35.61 16.09 -0.11
CA ARG D 526 -35.91 15.19 1.01
C ARG D 526 -35.61 13.74 0.64
N LYS D 527 -35.73 13.40 -0.65
CA LYS D 527 -35.32 12.08 -1.11
C LYS D 527 -33.83 11.86 -0.90
N GLY D 528 -33.03 12.93 -1.00
CA GLY D 528 -31.61 12.79 -0.74
C GLY D 528 -31.26 12.82 0.74
N ALA D 529 -32.26 13.08 1.60
CA ALA D 529 -31.99 13.16 3.03
C ALA D 529 -31.68 11.79 3.60
N GLU D 530 -32.65 10.86 3.55
CA GLU D 530 -32.44 9.56 4.16
C GLU D 530 -31.41 8.74 3.39
N LEU D 531 -31.18 9.05 2.12
CA LEU D 531 -30.12 8.39 1.39
C LEU D 531 -28.76 8.72 1.99
N ALA D 532 -28.55 9.97 2.37
CA ALA D 532 -27.29 10.37 3.02
C ALA D 532 -27.12 9.62 4.34
N ASN D 533 -28.18 9.51 5.12
CA ASN D 533 -28.13 8.71 6.34
C ASN D 533 -28.06 7.21 6.07
N SER D 534 -28.35 6.78 4.84
CA SER D 534 -28.16 5.39 4.44
C SER D 534 -26.78 5.13 3.84
N PHE D 535 -25.91 6.13 3.84
CA PHE D 535 -24.57 5.95 3.28
C PHE D 535 -23.48 6.53 4.18
N LYS D 536 -23.86 7.48 5.03
CA LYS D 536 -22.97 8.26 5.87
C LYS D 536 -21.83 8.84 5.05
N PRO D 537 -22.09 9.80 4.18
CA PRO D 537 -21.03 10.36 3.36
C PRO D 537 -20.09 11.23 4.19
N ASP D 538 -18.88 11.41 3.68
CA ASP D 538 -17.91 12.29 4.29
C ASP D 538 -17.81 13.64 3.59
N VAL D 539 -18.04 13.68 2.29
CA VAL D 539 -18.02 14.92 1.52
C VAL D 539 -19.21 14.91 0.57
N ILE D 540 -19.87 16.06 0.44
CA ILE D 540 -20.93 16.25 -0.53
C ILE D 540 -20.40 17.15 -1.62
N ILE D 541 -20.39 16.66 -2.85
CA ILE D 541 -19.82 17.38 -3.98
C ILE D 541 -20.96 17.72 -4.93
N ALA D 542 -21.46 18.94 -4.83
CA ALA D 542 -22.53 19.37 -5.72
C ALA D 542 -21.99 19.57 -7.13
N LEU D 543 -22.89 19.48 -8.11
CA LEU D 543 -22.55 19.68 -9.50
C LEU D 543 -23.69 20.42 -10.18
N GLY D 544 -23.39 21.04 -11.30
CA GLY D 544 -24.38 21.82 -12.01
C GLY D 544 -24.48 23.24 -11.49
N GLY D 545 -25.37 23.99 -12.10
CA GLY D 545 -25.55 25.39 -11.73
C GLY D 545 -26.97 25.74 -11.32
N GLY D 546 -27.13 26.30 -10.13
CA GLY D 546 -28.42 26.76 -9.68
C GLY D 546 -29.18 25.75 -8.85
N SER D 547 -30.22 25.15 -9.43
CA SER D 547 -31.07 24.24 -8.67
C SER D 547 -30.33 23.03 -8.11
N PRO D 548 -29.44 22.34 -8.85
CA PRO D 548 -28.74 21.20 -8.23
C PRO D 548 -27.81 21.61 -7.10
N MET D 549 -27.41 22.88 -7.03
CA MET D 549 -26.54 23.33 -5.95
C MET D 549 -27.33 23.73 -4.72
N ASP D 550 -28.47 24.40 -4.92
CA ASP D 550 -29.33 24.75 -3.79
C ASP D 550 -29.92 23.51 -3.14
N ALA D 551 -30.31 22.52 -3.96
CA ALA D 551 -30.84 21.27 -3.40
C ALA D 551 -29.79 20.54 -2.58
N ALA D 552 -28.56 20.47 -3.09
CA ALA D 552 -27.47 19.86 -2.33
C ALA D 552 -27.16 20.65 -1.07
N LYS D 553 -27.36 21.97 -1.09
CA LYS D 553 -27.16 22.80 0.09
C LYS D 553 -28.23 22.52 1.15
N ILE D 554 -29.49 22.40 0.73
CA ILE D 554 -30.56 22.15 1.69
C ILE D 554 -30.46 20.74 2.26
N MET D 555 -30.21 19.75 1.40
CA MET D 555 -30.11 18.38 1.88
C MET D 555 -28.91 18.18 2.81
N TRP D 556 -27.94 19.08 2.77
CA TRP D 556 -26.85 19.05 3.74
C TRP D 556 -27.35 19.44 5.13
N VAL D 557 -28.33 20.33 5.21
CA VAL D 557 -28.85 20.76 6.50
C VAL D 557 -29.60 19.62 7.19
N MET D 558 -30.48 18.95 6.45
CA MET D 558 -31.30 17.88 7.01
C MET D 558 -30.55 16.57 7.16
N TYR D 559 -29.26 16.53 6.79
CA TYR D 559 -28.41 15.38 7.03
C TYR D 559 -27.63 15.50 8.34
N GLU D 560 -27.15 16.71 8.65
CA GLU D 560 -26.42 16.89 9.90
C GLU D 560 -27.34 16.91 11.11
N HIS D 561 -28.57 17.40 10.93
CA HIS D 561 -29.55 17.51 12.02
C HIS D 561 -30.85 16.86 11.55
N PRO D 562 -30.91 15.53 11.53
CA PRO D 562 -32.14 14.86 11.09
C PRO D 562 -33.35 15.17 11.93
N GLU D 563 -33.17 15.42 13.23
CA GLU D 563 -34.30 15.66 14.13
C GLU D 563 -35.02 16.96 13.79
N THR D 564 -34.30 17.93 13.23
CA THR D 564 -34.90 19.20 12.87
C THR D 564 -35.68 19.08 11.58
N HIS D 565 -36.99 19.35 11.62
CA HIS D 565 -37.79 19.37 10.41
C HIS D 565 -37.70 20.77 9.81
N PHE D 566 -38.40 21.01 8.70
CA PHE D 566 -38.09 22.09 7.78
C PHE D 566 -38.70 23.43 8.14
N GLU D 567 -39.83 23.44 8.86
CA GLU D 567 -40.59 24.67 9.06
C GLU D 567 -39.78 25.72 9.81
N GLU D 568 -39.09 25.34 10.88
CA GLU D 568 -38.34 26.31 11.66
C GLU D 568 -37.13 26.81 10.88
N LEU D 569 -36.59 25.98 9.99
CA LEU D 569 -35.51 26.43 9.12
C LEU D 569 -35.98 27.51 8.16
N ALA D 570 -37.23 27.40 7.71
CA ALA D 570 -37.84 28.40 6.83
C ALA D 570 -38.56 29.49 7.62
N LEU D 571 -38.47 29.44 8.95
CA LEU D 571 -39.12 30.43 9.80
C LEU D 571 -38.10 31.39 10.41
N ARG D 572 -37.06 30.83 11.02
CA ARG D 572 -36.06 31.64 11.70
C ARG D 572 -34.87 32.00 10.83
N PHE D 573 -34.63 31.27 9.74
CA PHE D 573 -33.51 31.54 8.84
C PHE D 573 -34.07 31.78 7.43
N MET D 574 -34.42 33.03 7.16
CA MET D 574 -34.92 33.43 5.84
C MET D 574 -34.18 34.64 5.28
N ASP D 575 -33.51 35.42 6.12
CA ASP D 575 -32.73 36.56 5.68
C ASP D 575 -31.39 36.56 6.41
N ILE D 576 -30.39 37.17 5.77
CA ILE D 576 -29.04 37.23 6.31
C ILE D 576 -28.74 38.55 7.01
N ARG D 577 -29.61 39.55 6.84
CA ARG D 577 -29.37 40.84 7.49
C ARG D 577 -29.44 40.71 9.01
N LYS D 578 -30.41 39.93 9.51
CA LYS D 578 -30.58 39.75 10.94
C LYS D 578 -29.58 38.74 11.48
N ARG D 579 -29.04 39.04 12.66
CA ARG D 579 -28.13 38.13 13.33
C ARG D 579 -28.53 37.82 14.77
N ILE D 580 -29.74 38.17 15.20
CA ILE D 580 -30.13 37.99 16.60
C ILE D 580 -30.24 36.50 16.92
N TYR D 581 -30.71 35.70 15.96
CA TYR D 581 -30.83 34.27 16.18
C TYR D 581 -29.49 33.58 15.95
N LYS D 582 -29.47 32.28 16.21
CA LYS D 582 -28.25 31.48 16.05
C LYS D 582 -28.61 30.19 15.34
N PHE D 583 -27.85 29.87 14.28
CA PHE D 583 -28.03 28.64 13.52
C PHE D 583 -27.17 27.53 14.13
N PRO D 584 -27.65 26.28 14.11
CA PRO D 584 -26.83 25.18 14.65
C PRO D 584 -25.51 25.03 13.91
N LYS D 585 -24.46 24.71 14.66
CA LYS D 585 -23.12 24.69 14.10
C LYS D 585 -22.97 23.50 13.15
N MET D 586 -22.27 23.74 12.05
CA MET D 586 -22.23 22.84 10.90
C MET D 586 -20.86 22.18 10.79
N GLY D 587 -20.69 21.41 9.72
CA GLY D 587 -19.45 20.69 9.50
C GLY D 587 -19.15 19.65 10.56
N VAL D 588 -20.18 19.03 11.13
CA VAL D 588 -19.95 18.05 12.19
C VAL D 588 -19.28 16.80 11.64
N LYS D 589 -19.80 16.28 10.52
CA LYS D 589 -19.32 15.02 9.98
C LYS D 589 -19.17 15.04 8.45
N ALA D 590 -19.37 16.19 7.81
CA ALA D 590 -19.24 16.28 6.37
C ALA D 590 -18.89 17.71 5.98
N LYS D 591 -18.33 17.84 4.78
CA LYS D 591 -18.00 19.14 4.23
C LYS D 591 -18.41 19.18 2.76
N MET D 592 -18.66 20.38 2.26
CA MET D 592 -19.26 20.56 0.94
C MET D 592 -18.24 21.08 -0.06
N ILE D 593 -18.29 20.51 -1.27
CA ILE D 593 -17.52 20.99 -2.42
C ILE D 593 -18.50 21.37 -3.51
N ALA D 594 -18.33 22.57 -4.07
CA ALA D 594 -19.22 23.08 -5.10
C ALA D 594 -18.46 23.19 -6.42
N VAL D 595 -19.03 22.61 -7.47
CA VAL D 595 -18.48 22.67 -8.82
C VAL D 595 -19.53 23.29 -9.73
N THR D 596 -19.12 24.28 -10.52
CA THR D 596 -20.02 25.04 -11.37
C THR D 596 -19.86 24.59 -12.81
N THR D 597 -20.98 24.32 -13.48
CA THR D 597 -20.99 23.96 -14.89
C THR D 597 -21.70 25.00 -15.75
N THR D 598 -22.01 26.17 -15.19
CA THR D 598 -22.63 27.25 -15.93
C THR D 598 -21.91 28.56 -15.59
N SER D 599 -22.00 29.52 -16.51
CA SER D 599 -21.36 30.82 -16.35
C SER D 599 -22.44 31.87 -16.17
N GLY D 600 -22.64 32.31 -14.93
CA GLY D 600 -23.56 33.40 -14.67
C GLY D 600 -24.35 33.32 -13.39
N THR D 601 -24.45 32.13 -12.79
CA THR D 601 -25.11 31.96 -11.50
C THR D 601 -24.05 31.52 -10.50
N GLY D 602 -23.45 32.50 -9.82
CA GLY D 602 -22.39 32.22 -8.88
C GLY D 602 -22.88 31.71 -7.54
N SER D 603 -23.73 30.69 -7.57
CA SER D 603 -24.34 30.15 -6.35
C SER D 603 -23.43 29.20 -5.60
N GLU D 604 -22.15 29.12 -5.98
CA GLU D 604 -21.19 28.26 -5.30
C GLU D 604 -20.51 28.94 -4.13
N VAL D 605 -20.73 30.24 -3.93
CA VAL D 605 -20.07 30.98 -2.87
C VAL D 605 -21.11 31.72 -2.03
N THR D 606 -22.37 31.68 -2.47
CA THR D 606 -23.43 32.40 -1.79
C THR D 606 -24.28 31.47 -0.97
N PRO D 607 -24.70 31.89 0.20
CA PRO D 607 -25.47 31.03 1.12
C PRO D 607 -26.98 31.17 0.92
N PHE D 608 -27.44 30.93 -0.30
CA PHE D 608 -28.85 31.09 -0.64
C PHE D 608 -29.39 29.77 -1.18
N ALA D 609 -30.59 29.41 -0.71
CA ALA D 609 -31.27 28.21 -1.16
C ALA D 609 -32.77 28.47 -1.14
N VAL D 610 -33.44 28.13 -2.24
CA VAL D 610 -34.88 28.33 -2.38
C VAL D 610 -35.51 27.01 -2.82
N VAL D 611 -36.55 26.59 -2.11
CA VAL D 611 -37.28 25.36 -2.45
C VAL D 611 -38.77 25.68 -2.49
N THR D 612 -39.51 24.79 -3.15
CA THR D 612 -40.95 24.93 -3.30
C THR D 612 -41.65 23.76 -2.61
N ASP D 613 -42.84 24.04 -2.09
CA ASP D 613 -43.67 23.02 -1.47
C ASP D 613 -44.26 22.13 -2.56
N ASP D 614 -44.28 20.82 -2.33
CA ASP D 614 -44.90 19.94 -3.30
C ASP D 614 -46.41 20.21 -3.42
N ALA D 615 -47.10 20.29 -2.29
CA ALA D 615 -48.55 20.42 -2.26
C ALA D 615 -49.01 21.87 -2.41
N THR D 616 -48.53 22.77 -1.55
CA THR D 616 -48.94 24.16 -1.64
C THR D 616 -48.35 24.83 -2.88
N GLY D 617 -47.06 24.60 -3.13
CA GLY D 617 -46.35 25.24 -4.22
C GLY D 617 -45.70 26.56 -3.86
N GLN D 618 -45.98 27.10 -2.67
CA GLN D 618 -45.40 28.38 -2.27
C GLN D 618 -43.98 28.19 -1.75
N LYS D 619 -43.14 29.20 -2.00
CA LYS D 619 -41.69 29.06 -1.94
C LYS D 619 -41.18 29.21 -0.50
N TYR D 620 -40.07 28.52 -0.21
CA TYR D 620 -39.38 28.60 1.07
C TYR D 620 -37.96 29.10 0.85
N PRO D 621 -37.68 30.39 1.06
CA PRO D 621 -36.32 30.88 0.91
C PRO D 621 -35.53 30.74 2.20
N LEU D 622 -34.32 30.19 2.08
CA LEU D 622 -33.42 30.03 3.21
C LEU D 622 -32.10 30.75 2.92
N ALA D 623 -31.61 31.49 3.91
CA ALA D 623 -30.40 32.29 3.73
C ALA D 623 -29.71 32.46 5.08
N ASP D 624 -28.52 31.87 5.21
CA ASP D 624 -27.73 32.01 6.43
C ASP D 624 -26.28 31.73 6.10
N TYR D 625 -25.38 32.39 6.82
CA TYR D 625 -23.96 32.30 6.50
C TYR D 625 -23.32 31.08 7.13
N ALA D 626 -23.97 29.94 6.92
CA ALA D 626 -23.43 28.64 7.33
C ALA D 626 -23.57 27.59 6.24
N LEU D 627 -24.29 27.86 5.17
CA LEU D 627 -24.45 26.94 4.06
C LEU D 627 -23.42 27.17 2.94
N THR D 628 -22.53 28.13 3.10
CA THR D 628 -21.49 28.35 2.11
C THR D 628 -20.59 27.11 2.03
N PRO D 629 -20.30 26.59 0.83
CA PRO D 629 -19.44 25.42 0.73
C PRO D 629 -18.04 25.71 1.26
N ASP D 630 -17.43 24.69 1.83
CA ASP D 630 -16.07 24.82 2.36
C ASP D 630 -15.03 24.92 1.27
N MET D 631 -15.38 24.65 0.02
CA MET D 631 -14.44 24.78 -1.09
C MET D 631 -15.24 24.90 -2.38
N ALA D 632 -14.94 25.91 -3.18
CA ALA D 632 -15.58 26.12 -4.47
C ALA D 632 -14.57 25.91 -5.58
N ILE D 633 -14.98 25.20 -6.63
CA ILE D 633 -14.11 24.90 -7.77
C ILE D 633 -14.72 25.55 -9.00
N VAL D 634 -13.92 26.36 -9.68
CA VAL D 634 -14.36 27.10 -10.86
C VAL D 634 -13.48 26.61 -12.02
N ASP D 635 -13.98 25.65 -12.77
CA ASP D 635 -13.26 25.09 -13.92
C ASP D 635 -13.93 25.53 -15.21
N ALA D 636 -13.10 25.92 -16.19
CA ALA D 636 -13.63 26.41 -17.46
C ALA D 636 -13.69 25.35 -18.54
N ASN D 637 -12.99 24.22 -18.38
CA ASN D 637 -13.10 23.16 -19.38
C ASN D 637 -14.46 22.48 -19.34
N LEU D 638 -15.20 22.63 -18.24
CA LEU D 638 -16.56 22.11 -18.15
C LEU D 638 -17.57 22.97 -18.91
N VAL D 639 -17.17 24.17 -19.34
CA VAL D 639 -18.05 25.06 -20.10
C VAL D 639 -17.33 25.37 -21.40
N MET D 640 -17.51 24.52 -22.42
CA MET D 640 -17.02 24.80 -23.76
C MET D 640 -18.00 24.38 -24.85
N ASP D 641 -19.13 23.77 -24.49
CA ASP D 641 -20.06 23.24 -25.47
C ASP D 641 -21.48 23.77 -25.30
N MET D 642 -21.69 24.76 -24.46
CA MET D 642 -23.02 25.31 -24.27
C MET D 642 -23.48 26.00 -25.56
N PRO D 643 -24.75 25.87 -25.92
CA PRO D 643 -25.24 26.51 -27.14
C PRO D 643 -25.26 28.02 -27.00
N LYS D 644 -25.40 28.70 -28.14
CA LYS D 644 -25.44 30.15 -28.10
C LYS D 644 -26.83 30.64 -27.75
N SER D 645 -27.41 30.05 -26.70
CA SER D 645 -28.60 30.56 -26.04
C SER D 645 -28.52 30.50 -24.53
N LEU D 646 -27.73 29.60 -23.96
CA LEU D 646 -27.53 29.53 -22.51
C LEU D 646 -26.40 30.42 -22.04
N CYS D 647 -25.36 30.59 -22.87
CA CYS D 647 -24.30 31.54 -22.56
C CYS D 647 -24.79 32.98 -22.53
N ALA D 648 -25.77 33.32 -23.36
CA ALA D 648 -26.31 34.67 -23.37
C ALA D 648 -27.23 34.95 -22.19
N PHE D 649 -27.74 33.92 -21.53
CA PHE D 649 -28.59 34.14 -20.37
C PHE D 649 -27.78 34.22 -19.09
N GLY D 650 -26.88 33.27 -18.87
CA GLY D 650 -26.01 33.33 -17.71
C GLY D 650 -25.11 34.54 -17.73
N GLY D 651 -24.55 34.86 -18.90
CA GLY D 651 -23.74 36.06 -19.00
C GLY D 651 -24.50 37.32 -18.61
N LEU D 652 -25.75 37.42 -19.04
CA LEU D 652 -26.61 38.51 -18.61
C LEU D 652 -27.17 38.30 -17.21
N ASP D 653 -27.14 37.08 -16.69
CA ASP D 653 -27.54 36.88 -15.29
C ASP D 653 -26.49 37.45 -14.35
N ALA D 654 -25.21 37.23 -14.65
CA ALA D 654 -24.14 37.75 -13.81
C ALA D 654 -24.08 39.28 -13.87
N VAL D 655 -24.33 39.85 -15.05
CA VAL D 655 -24.31 41.31 -15.18
C VAL D 655 -25.37 41.93 -14.27
N THR D 656 -26.57 41.35 -14.26
CA THR D 656 -27.59 41.80 -13.33
C THR D 656 -27.18 41.54 -11.89
N HIS D 657 -26.57 40.38 -11.62
CA HIS D 657 -26.11 40.04 -10.29
C HIS D 657 -25.16 41.07 -9.72
N ALA D 658 -24.32 41.68 -10.56
CA ALA D 658 -23.33 42.64 -10.10
C ALA D 658 -23.71 44.09 -10.32
N MET D 659 -24.60 44.38 -11.28
CA MET D 659 -24.98 45.76 -11.55
C MET D 659 -25.72 46.40 -10.38
N GLU D 660 -26.61 45.67 -9.72
CA GLU D 660 -27.36 46.20 -8.58
C GLU D 660 -26.71 45.91 -7.24
N ALA D 661 -25.77 44.96 -7.18
CA ALA D 661 -24.99 44.78 -5.96
C ALA D 661 -24.13 45.98 -5.64
N TYR D 662 -23.80 46.79 -6.64
CA TYR D 662 -23.10 48.05 -6.39
C TYR D 662 -24.00 49.11 -5.80
N VAL D 663 -25.25 49.19 -6.24
CA VAL D 663 -26.17 50.23 -5.81
C VAL D 663 -27.05 49.77 -4.65
N SER D 664 -26.82 48.56 -4.14
CA SER D 664 -27.58 48.08 -3.00
C SER D 664 -27.27 48.89 -1.75
N VAL D 665 -28.27 48.97 -0.86
CA VAL D 665 -28.09 49.69 0.41
C VAL D 665 -27.24 48.90 1.39
N LEU D 666 -26.94 47.64 1.10
CA LEU D 666 -26.11 46.82 1.95
C LEU D 666 -24.67 46.70 1.44
N ALA D 667 -24.34 47.38 0.35
CA ALA D 667 -23.00 47.29 -0.21
C ALA D 667 -22.00 48.03 0.66
N SER D 668 -20.81 47.45 0.80
CA SER D 668 -19.71 48.04 1.55
C SER D 668 -18.53 48.29 0.63
N GLU D 669 -17.43 48.74 1.21
CA GLU D 669 -16.20 48.95 0.47
C GLU D 669 -15.40 47.68 0.28
N PHE D 670 -15.86 46.56 0.83
CA PHE D 670 -15.20 45.27 0.64
C PHE D 670 -15.69 44.54 -0.61
N SER D 671 -16.95 44.76 -0.99
CA SER D 671 -17.53 44.12 -2.16
C SER D 671 -17.66 45.05 -3.36
N ASP D 672 -17.42 46.35 -3.16
CA ASP D 672 -17.55 47.30 -4.26
C ASP D 672 -16.53 47.04 -5.37
N GLY D 673 -15.28 46.76 -5.01
CA GLY D 673 -14.24 46.60 -6.02
C GLY D 673 -14.47 45.40 -6.90
N GLN D 674 -14.90 44.29 -6.32
CA GLN D 674 -15.13 43.08 -7.11
C GLN D 674 -16.39 43.19 -7.96
N ALA D 675 -17.42 43.86 -7.46
CA ALA D 675 -18.60 44.12 -8.29
C ALA D 675 -18.26 45.02 -9.46
N LEU D 676 -17.43 46.05 -9.23
CA LEU D 676 -17.02 46.94 -10.31
C LEU D 676 -16.12 46.26 -11.33
N GLN D 677 -15.52 45.13 -10.97
CA GLN D 677 -14.62 44.43 -11.89
C GLN D 677 -15.32 43.39 -12.75
N ALA D 678 -16.38 42.77 -12.24
CA ALA D 678 -17.13 41.82 -13.06
C ALA D 678 -17.74 42.49 -14.28
N LEU D 679 -18.31 43.68 -14.10
CA LEU D 679 -18.79 44.45 -15.25
C LEU D 679 -17.64 44.83 -16.18
N LYS D 680 -16.49 45.20 -15.61
CA LYS D 680 -15.33 45.52 -16.44
C LYS D 680 -14.86 44.30 -17.22
N LEU D 681 -15.12 43.11 -16.69
CA LEU D 681 -14.67 41.89 -17.35
C LEU D 681 -15.67 41.34 -18.35
N LEU D 682 -16.93 41.77 -18.28
CA LEU D 682 -17.98 41.23 -19.12
C LEU D 682 -18.42 42.19 -20.22
N LYS D 683 -17.75 43.33 -20.37
CA LYS D 683 -18.11 44.27 -21.41
C LYS D 683 -17.29 44.12 -22.68
N GLU D 684 -16.23 43.31 -22.66
CA GLU D 684 -15.44 43.04 -23.87
C GLU D 684 -15.20 41.57 -24.11
N TYR D 685 -15.62 40.69 -23.20
CA TYR D 685 -15.46 39.25 -23.38
C TYR D 685 -16.75 38.51 -23.62
N LEU D 686 -17.87 39.01 -23.08
CA LEU D 686 -19.16 38.41 -23.42
C LEU D 686 -19.50 38.54 -24.90
N PRO D 687 -19.38 39.71 -25.55
CA PRO D 687 -19.59 39.75 -27.00
C PRO D 687 -18.62 38.87 -27.77
N ALA D 688 -17.39 38.73 -27.29
CA ALA D 688 -16.41 37.88 -27.95
C ALA D 688 -16.65 36.40 -27.71
N SER D 689 -17.50 36.05 -26.75
CA SER D 689 -17.83 34.66 -26.46
C SER D 689 -19.17 34.25 -27.05
N TYR D 690 -19.78 35.10 -27.87
CA TYR D 690 -21.05 34.79 -28.52
C TYR D 690 -20.93 34.60 -30.02
N HIS D 691 -20.04 35.34 -30.68
CA HIS D 691 -19.84 35.19 -32.11
C HIS D 691 -18.72 34.21 -32.46
N GLU D 692 -17.91 33.80 -31.48
CA GLU D 692 -16.79 32.91 -31.74
C GLU D 692 -16.91 31.65 -30.89
N GLY D 693 -17.54 31.74 -29.73
CA GLY D 693 -17.81 30.56 -28.94
C GLY D 693 -16.54 29.90 -28.43
N SER D 694 -16.53 28.57 -28.48
CA SER D 694 -15.38 27.79 -28.01
C SER D 694 -14.14 28.01 -28.84
N LYS D 695 -14.25 28.63 -30.02
CA LYS D 695 -13.07 28.94 -30.82
C LYS D 695 -12.17 29.96 -30.14
N ASN D 696 -12.67 30.65 -29.11
CA ASN D 696 -11.91 31.61 -28.34
C ASN D 696 -12.05 31.20 -26.87
N PRO D 697 -11.26 30.23 -26.42
CA PRO D 697 -11.44 29.71 -25.06
C PRO D 697 -10.94 30.66 -23.98
N VAL D 698 -10.09 31.63 -24.31
CA VAL D 698 -9.60 32.57 -23.30
C VAL D 698 -10.72 33.50 -22.86
N ALA D 699 -11.65 33.82 -23.78
CA ALA D 699 -12.77 34.67 -23.42
C ALA D 699 -13.81 33.91 -22.59
N ARG D 700 -14.09 32.67 -22.97
CA ARG D 700 -15.03 31.85 -22.19
C ARG D 700 -14.51 31.59 -20.79
N GLU D 701 -13.20 31.33 -20.67
CA GLU D 701 -12.59 31.21 -19.35
C GLU D 701 -12.81 32.46 -18.51
N ARG D 702 -12.61 33.64 -19.11
CA ARG D 702 -12.72 34.86 -18.35
C ARG D 702 -14.16 35.16 -17.95
N VAL D 703 -15.13 34.89 -18.83
CA VAL D 703 -16.52 35.12 -18.45
C VAL D 703 -16.94 34.12 -17.37
N HIS D 704 -16.46 32.87 -17.47
CA HIS D 704 -16.77 31.89 -16.43
C HIS D 704 -16.19 32.29 -15.09
N SER D 705 -14.97 32.83 -15.09
CA SER D 705 -14.35 33.30 -13.86
C SER D 705 -15.01 34.55 -13.31
N ALA D 706 -15.44 35.47 -14.17
CA ALA D 706 -16.16 36.66 -13.73
C ALA D 706 -17.56 36.35 -13.24
N ALA D 707 -18.14 35.22 -13.66
CA ALA D 707 -19.44 34.82 -13.15
C ALA D 707 -19.40 34.61 -11.64
N THR D 708 -18.37 33.91 -11.14
CA THR D 708 -18.28 33.66 -9.71
C THR D 708 -17.71 34.85 -8.95
N ILE D 709 -17.01 35.76 -9.63
CA ILE D 709 -16.58 36.99 -8.98
C ILE D 709 -17.79 37.83 -8.60
N ALA D 710 -18.76 37.97 -9.51
CA ALA D 710 -20.01 38.62 -9.16
C ALA D 710 -20.77 37.84 -8.11
N GLY D 711 -20.53 36.53 -7.99
CA GLY D 711 -21.11 35.77 -6.90
C GLY D 711 -20.64 36.24 -5.55
N ILE D 712 -19.36 36.60 -5.44
CA ILE D 712 -18.83 37.16 -4.20
C ILE D 712 -19.49 38.49 -3.90
N ALA D 713 -19.74 39.30 -4.93
CA ALA D 713 -20.30 40.63 -4.71
C ALA D 713 -21.69 40.55 -4.10
N PHE D 714 -22.55 39.67 -4.60
CA PHE D 714 -23.90 39.58 -4.09
C PHE D 714 -24.06 38.55 -2.98
N ALA D 715 -23.00 37.81 -2.64
CA ALA D 715 -23.05 36.96 -1.46
C ALA D 715 -23.01 37.79 -0.18
N ASN D 716 -22.42 38.98 -0.24
CA ASN D 716 -22.32 39.87 0.91
C ASN D 716 -23.21 41.10 0.77
N ALA D 717 -23.85 41.27 -0.38
CA ALA D 717 -24.80 42.36 -0.59
C ALA D 717 -26.07 41.78 -1.19
N PHE D 718 -27.21 42.13 -0.60
CA PHE D 718 -28.46 41.52 -1.03
C PHE D 718 -28.82 41.93 -2.45
N LEU D 719 -29.66 41.12 -3.08
CA LEU D 719 -30.08 41.37 -4.45
C LEU D 719 -31.03 42.57 -4.49
N GLY D 720 -31.25 43.08 -5.69
CA GLY D 720 -32.19 44.17 -5.89
C GLY D 720 -33.60 43.67 -6.12
N VAL D 721 -34.52 44.64 -6.28
CA VAL D 721 -35.89 44.30 -6.62
C VAL D 721 -35.99 43.76 -8.04
N CYS D 722 -34.98 44.02 -8.88
CA CYS D 722 -34.95 43.42 -10.21
C CYS D 722 -34.86 41.91 -10.13
N HIS D 723 -34.07 41.39 -9.20
CA HIS D 723 -33.95 39.95 -9.01
C HIS D 723 -35.13 39.37 -8.24
N SER D 724 -36.00 40.21 -7.68
CA SER D 724 -37.22 39.76 -7.04
C SER D 724 -38.37 39.56 -8.01
N MET D 725 -38.60 40.54 -8.89
CA MET D 725 -39.59 40.37 -9.95
C MET D 725 -39.18 39.30 -10.94
N ALA D 726 -37.88 38.99 -11.03
CA ALA D 726 -37.43 37.94 -11.93
C ALA D 726 -37.82 36.56 -11.44
N HIS D 727 -37.88 36.37 -10.12
CA HIS D 727 -38.27 35.07 -9.58
C HIS D 727 -39.73 34.76 -9.90
N LYS D 728 -40.62 35.73 -9.66
CA LYS D 728 -42.04 35.49 -9.89
C LYS D 728 -42.35 35.34 -11.38
N LEU D 729 -41.84 36.25 -12.20
CA LEU D 729 -42.10 36.21 -13.63
C LEU D 729 -41.34 35.08 -14.32
N GLY D 730 -40.30 34.54 -13.69
CA GLY D 730 -39.52 33.48 -14.29
C GLY D 730 -39.85 32.10 -13.79
N SER D 731 -40.72 32.00 -12.77
CA SER D 731 -41.12 30.71 -12.23
C SER D 731 -42.61 30.46 -12.31
N GLN D 732 -43.39 31.42 -12.79
CA GLN D 732 -44.82 31.22 -13.02
C GLN D 732 -45.22 31.34 -14.48
N PHE D 733 -44.48 32.10 -15.28
CA PHE D 733 -44.63 32.09 -16.74
C PHE D 733 -43.73 31.07 -17.40
N HIS D 734 -42.93 30.33 -16.61
CA HIS D 734 -42.09 29.24 -17.11
C HIS D 734 -41.10 29.73 -18.17
N ILE D 735 -40.35 30.77 -17.82
CA ILE D 735 -39.25 31.25 -18.66
C ILE D 735 -37.96 31.06 -17.89
N PRO D 736 -36.84 30.79 -18.55
CA PRO D 736 -35.59 30.52 -17.82
C PRO D 736 -35.03 31.75 -17.14
N HIS D 737 -34.31 31.51 -16.05
CA HIS D 737 -33.72 32.60 -15.28
C HIS D 737 -32.50 33.14 -16.03
N GLY D 738 -32.53 34.45 -16.30
CA GLY D 738 -31.48 35.08 -17.08
C GLY D 738 -32.07 36.05 -18.09
N LEU D 739 -33.23 35.70 -18.64
CA LEU D 739 -33.99 36.65 -19.44
C LEU D 739 -34.92 37.49 -18.59
N ALA D 740 -35.44 36.93 -17.50
CA ALA D 740 -36.39 37.66 -16.66
C ALA D 740 -35.80 38.98 -16.20
N ASN D 741 -34.58 38.96 -15.66
CA ASN D 741 -33.92 40.19 -15.27
C ASN D 741 -33.35 40.95 -16.46
N ALA D 742 -33.12 40.28 -17.59
CA ALA D 742 -32.57 40.96 -18.75
C ALA D 742 -33.61 41.85 -19.43
N LEU D 743 -34.89 41.46 -19.40
CA LEU D 743 -35.92 42.23 -20.06
C LEU D 743 -36.38 43.45 -19.28
N LEU D 744 -36.05 43.54 -17.99
CA LEU D 744 -36.50 44.66 -17.17
C LEU D 744 -35.39 45.45 -16.50
N ILE D 745 -34.13 45.02 -16.61
CA ILE D 745 -33.02 45.78 -16.03
C ILE D 745 -32.93 47.17 -16.67
N CYS D 746 -33.34 47.28 -17.94
CA CYS D 746 -33.36 48.59 -18.58
C CYS D 746 -34.34 49.53 -17.89
N ASN D 747 -35.51 49.02 -17.52
CA ASN D 747 -36.53 49.83 -16.86
C ASN D 747 -36.26 50.05 -15.38
N VAL D 748 -35.53 49.14 -14.73
CA VAL D 748 -35.23 49.31 -13.31
C VAL D 748 -34.28 50.48 -13.10
N ILE D 749 -33.31 50.65 -14.00
CA ILE D 749 -32.35 51.75 -13.86
C ILE D 749 -33.05 53.09 -13.92
N ARG D 750 -33.93 53.27 -14.89
CA ARG D 750 -34.72 54.50 -14.97
C ARG D 750 -35.70 54.63 -13.81
N TYR D 751 -36.06 53.52 -13.18
CA TYR D 751 -36.97 53.57 -12.04
C TYR D 751 -36.33 54.22 -10.83
N ASN D 752 -35.00 54.18 -10.73
CA ASN D 752 -34.29 54.76 -9.60
C ASN D 752 -33.84 56.21 -9.84
N ALA D 753 -34.28 56.83 -10.93
CA ALA D 753 -33.89 58.20 -11.27
C ALA D 753 -35.16 59.04 -11.42
N ASN D 754 -35.61 59.61 -10.30
CA ASN D 754 -36.77 60.51 -10.28
C ASN D 754 -36.75 61.25 -8.95
N ASP D 755 -37.74 62.11 -8.75
CA ASP D 755 -37.85 62.84 -7.49
C ASP D 755 -38.03 61.87 -6.32
N ASN D 756 -38.90 60.87 -6.50
CA ASN D 756 -39.10 59.79 -5.53
C ASN D 756 -39.50 60.35 -4.18
N PRO D 757 -40.74 60.85 -4.03
CA PRO D 757 -41.16 61.34 -2.70
C PRO D 757 -41.11 60.28 -1.62
N THR D 758 -41.22 59.02 -2.00
CA THR D 758 -41.19 57.90 -1.05
C THR D 758 -39.83 57.21 -1.12
N LYS D 759 -38.96 57.52 -0.16
CA LYS D 759 -37.68 56.84 -0.02
C LYS D 759 -37.61 56.23 1.37
N GLN D 760 -37.08 55.02 1.46
CA GLN D 760 -36.96 54.35 2.75
C GLN D 760 -36.05 55.15 3.68
N THR D 761 -36.49 55.30 4.93
CA THR D 761 -35.88 56.23 5.87
C THR D 761 -34.77 55.55 6.67
N ALA D 762 -33.97 56.37 7.33
CA ALA D 762 -32.87 55.95 8.21
C ALA D 762 -31.75 55.26 7.44
N PHE D 763 -31.97 54.99 6.16
CA PHE D 763 -30.98 54.40 5.25
C PHE D 763 -31.16 54.97 3.86
N SER D 764 -30.12 54.89 3.04
CA SER D 764 -30.18 55.21 1.61
C SER D 764 -30.33 56.69 1.30
N GLN D 765 -30.37 57.55 2.34
CA GLN D 765 -30.23 58.99 2.09
C GLN D 765 -29.17 59.66 2.95
N TYR D 766 -28.84 59.13 4.12
CA TYR D 766 -27.82 59.72 4.97
C TYR D 766 -26.64 58.79 5.14
N ASP D 767 -26.90 57.54 5.56
CA ASP D 767 -25.84 56.54 5.64
C ASP D 767 -25.33 56.16 4.25
N ARG D 768 -26.25 55.87 3.34
CA ARG D 768 -25.89 55.58 1.96
C ARG D 768 -26.25 56.77 1.07
N PRO D 769 -25.43 57.06 0.06
CA PRO D 769 -25.77 58.18 -0.84
C PRO D 769 -26.85 57.80 -1.82
N GLN D 770 -27.28 58.77 -2.63
CA GLN D 770 -28.29 58.51 -3.65
C GLN D 770 -27.72 57.56 -4.72
N ALA D 771 -28.64 56.94 -5.46
CA ALA D 771 -28.26 56.02 -6.52
C ALA D 771 -28.20 56.68 -7.89
N ARG D 772 -28.51 57.98 -7.98
CA ARG D 772 -28.44 58.67 -9.27
C ARG D 772 -27.02 58.71 -9.80
N ARG D 773 -26.09 59.25 -9.00
CA ARG D 773 -24.69 59.33 -9.41
C ARG D 773 -23.95 58.01 -9.22
N ARG D 774 -24.52 57.08 -8.45
CA ARG D 774 -23.89 55.76 -8.30
C ARG D 774 -23.92 54.97 -9.60
N TYR D 775 -24.71 55.38 -10.58
CA TYR D 775 -24.65 54.79 -11.90
C TYR D 775 -23.75 55.57 -12.84
N ALA D 776 -23.65 56.89 -12.66
CA ALA D 776 -22.80 57.70 -13.51
C ALA D 776 -21.33 57.33 -13.36
N GLU D 777 -20.93 56.97 -12.13
CA GLU D 777 -19.56 56.54 -11.92
C GLU D 777 -19.26 55.25 -12.68
N ILE D 778 -20.28 54.41 -12.91
CA ILE D 778 -20.10 53.28 -13.81
C ILE D 778 -20.01 53.77 -15.25
N ALA D 779 -20.84 54.76 -15.61
CA ALA D 779 -20.86 55.27 -16.97
C ALA D 779 -19.51 55.84 -17.40
N ASP D 780 -18.76 56.43 -16.46
CA ASP D 780 -17.43 56.92 -16.78
C ASP D 780 -16.32 55.99 -16.33
N HIS D 781 -16.61 54.99 -15.50
CA HIS D 781 -15.60 54.01 -15.11
C HIS D 781 -15.33 53.03 -16.23
N LEU D 782 -16.38 52.56 -16.91
CA LEU D 782 -16.21 51.62 -18.01
C LEU D 782 -15.76 52.31 -19.29
N GLY D 783 -15.74 53.63 -19.33
CA GLY D 783 -15.25 54.35 -20.49
C GLY D 783 -16.30 54.59 -21.54
N LEU D 784 -17.45 55.17 -21.14
CA LEU D 784 -18.51 55.51 -22.08
C LEU D 784 -18.94 56.96 -21.91
N SER D 785 -18.12 57.78 -21.27
CA SER D 785 -18.47 59.15 -20.95
C SER D 785 -17.44 60.12 -21.52
N ALA D 786 -17.94 61.24 -22.03
CA ALA D 786 -17.08 62.31 -22.50
C ALA D 786 -16.40 63.00 -21.31
N PRO D 787 -15.26 63.65 -21.53
CA PRO D 787 -14.61 64.37 -20.41
C PRO D 787 -15.49 65.41 -19.78
N GLY D 788 -16.30 66.13 -20.56
CA GLY D 788 -17.21 67.11 -20.01
C GLY D 788 -18.67 66.85 -20.36
N ASP D 789 -19.46 66.52 -19.35
CA ASP D 789 -20.88 66.25 -19.53
C ASP D 789 -21.58 66.42 -18.18
N ARG D 790 -22.80 65.91 -18.09
CA ARG D 790 -23.61 65.95 -16.88
C ARG D 790 -23.94 64.54 -16.42
N THR D 791 -24.20 64.42 -15.12
CA THR D 791 -24.56 63.13 -14.55
C THR D 791 -25.82 62.58 -15.17
N ALA D 792 -26.82 63.44 -15.41
CA ALA D 792 -28.03 62.98 -16.08
C ALA D 792 -27.71 62.49 -17.49
N ALA D 793 -26.74 63.13 -18.16
CA ALA D 793 -26.36 62.71 -19.51
C ALA D 793 -25.61 61.39 -19.50
N LYS D 794 -25.03 61.01 -18.35
CA LYS D 794 -24.29 59.76 -18.25
C LYS D 794 -25.20 58.55 -18.17
N ILE D 795 -26.48 58.73 -17.84
CA ILE D 795 -27.36 57.59 -17.61
C ILE D 795 -27.80 56.96 -18.92
N GLU D 796 -28.47 57.74 -19.78
CA GLU D 796 -28.99 57.17 -21.01
C GLU D 796 -27.88 56.70 -21.92
N LYS D 797 -26.69 57.27 -21.79
CA LYS D 797 -25.55 56.79 -22.56
C LYS D 797 -25.02 55.46 -22.06
N LEU D 798 -25.43 55.02 -20.86
CA LEU D 798 -25.19 53.67 -20.37
C LEU D 798 -26.34 52.73 -20.70
N LEU D 799 -27.58 53.22 -20.62
CA LEU D 799 -28.71 52.43 -21.08
C LEU D 799 -28.59 52.13 -22.57
N ALA D 800 -27.96 53.02 -23.34
CA ALA D 800 -27.70 52.75 -24.74
C ALA D 800 -26.75 51.57 -24.91
N TRP D 801 -25.71 51.51 -24.09
CA TRP D 801 -24.81 50.36 -24.12
C TRP D 801 -25.55 49.08 -23.76
N LEU D 802 -26.44 49.17 -22.76
CA LEU D 802 -27.27 48.01 -22.41
C LEU D 802 -28.11 47.56 -23.61
N GLU D 803 -28.73 48.52 -24.30
CA GLU D 803 -29.58 48.19 -25.44
C GLU D 803 -28.77 47.55 -26.57
N THR D 804 -27.61 48.11 -26.88
CA THR D 804 -26.77 47.55 -27.93
C THR D 804 -26.24 46.17 -27.56
N LEU D 805 -25.95 45.92 -26.28
CA LEU D 805 -25.55 44.58 -25.87
C LEU D 805 -26.70 43.59 -26.01
N LYS D 806 -27.89 43.97 -25.54
CA LYS D 806 -29.03 43.06 -25.60
C LYS D 806 -29.43 42.76 -27.03
N ALA D 807 -29.48 43.78 -27.90
CA ALA D 807 -29.88 43.56 -29.27
C ALA D 807 -28.88 42.69 -30.02
N GLU D 808 -27.59 42.94 -29.81
CA GLU D 808 -26.57 42.13 -30.48
C GLU D 808 -26.50 40.72 -29.91
N LEU D 809 -26.93 40.53 -28.67
CA LEU D 809 -26.93 39.20 -28.08
C LEU D 809 -28.19 38.41 -28.41
N GLY D 810 -29.15 39.01 -29.10
CA GLY D 810 -30.32 38.29 -29.57
C GLY D 810 -31.28 37.86 -28.48
N ILE D 811 -31.93 38.83 -27.84
CA ILE D 811 -32.98 38.55 -26.86
C ILE D 811 -34.18 39.43 -27.21
N PRO D 812 -35.41 39.03 -26.87
CA PRO D 812 -36.58 39.82 -27.26
C PRO D 812 -36.58 41.18 -26.59
N LYS D 813 -37.15 42.16 -27.29
CA LYS D 813 -37.24 43.52 -26.75
C LYS D 813 -38.16 43.57 -25.53
N SER D 814 -39.27 42.85 -25.57
CA SER D 814 -40.26 42.90 -24.50
C SER D 814 -40.77 41.49 -24.21
N ILE D 815 -41.70 41.40 -23.26
CA ILE D 815 -42.26 40.12 -22.87
C ILE D 815 -43.12 39.55 -23.99
N ARG D 816 -43.83 40.42 -24.72
CA ARG D 816 -44.72 39.95 -25.79
C ARG D 816 -43.96 39.12 -26.82
N GLU D 817 -42.73 39.50 -27.13
CA GLU D 817 -41.90 38.74 -28.05
C GLU D 817 -41.22 37.55 -27.38
N ALA D 818 -41.35 37.40 -26.06
CA ALA D 818 -40.75 36.28 -25.35
C ALA D 818 -41.66 35.06 -25.28
N GLY D 819 -42.91 35.18 -25.73
CA GLY D 819 -43.80 34.03 -25.74
C GLY D 819 -44.91 34.08 -24.70
N VAL D 820 -45.45 35.26 -24.45
CA VAL D 820 -46.56 35.45 -23.54
C VAL D 820 -47.69 36.14 -24.29
N GLN D 821 -48.89 35.58 -24.22
CA GLN D 821 -50.02 36.09 -24.97
C GLN D 821 -50.83 37.09 -24.15
N GLU D 822 -51.72 37.79 -24.83
CA GLU D 822 -52.57 38.82 -24.22
C GLU D 822 -53.85 38.20 -23.64
N ALA D 823 -53.68 37.17 -22.82
CA ALA D 823 -54.83 36.50 -22.20
C ALA D 823 -54.61 36.33 -20.70
N ASP D 824 -53.36 36.16 -20.29
CA ASP D 824 -53.01 35.91 -18.90
C ASP D 824 -52.03 36.95 -18.37
N PHE D 825 -52.24 38.22 -18.73
CA PHE D 825 -51.45 39.32 -18.20
C PHE D 825 -52.28 40.46 -17.65
N LEU D 826 -53.47 40.68 -18.18
CA LEU D 826 -54.32 41.76 -17.68
C LEU D 826 -54.76 41.50 -16.25
N ALA D 827 -55.18 40.27 -15.96
CA ALA D 827 -55.68 39.94 -14.63
C ALA D 827 -54.64 39.20 -13.80
N ASN D 828 -53.72 38.49 -14.46
CA ASN D 828 -52.73 37.71 -13.73
C ASN D 828 -51.67 38.60 -13.11
N VAL D 829 -51.41 39.76 -13.72
CA VAL D 829 -50.38 40.66 -13.18
C VAL D 829 -50.77 41.23 -11.83
N ASP D 830 -52.07 41.28 -11.51
CA ASP D 830 -52.49 41.76 -10.20
C ASP D 830 -51.96 40.84 -9.09
N LYS D 831 -52.04 39.54 -9.31
CA LYS D 831 -51.45 38.58 -8.36
C LYS D 831 -49.93 38.55 -8.51
N LEU D 832 -49.42 38.76 -9.72
CA LEU D 832 -47.98 38.59 -9.97
C LEU D 832 -47.15 39.63 -9.23
N SER D 833 -47.52 40.91 -9.31
CA SER D 833 -46.68 41.97 -8.77
C SER D 833 -46.83 42.16 -7.27
N GLU D 834 -47.90 41.65 -6.67
CA GLU D 834 -48.10 41.82 -5.24
C GLU D 834 -47.26 40.84 -4.42
N ASP D 835 -46.60 39.89 -5.06
CA ASP D 835 -45.70 38.98 -4.37
C ASP D 835 -44.27 39.49 -4.33
N ALA D 836 -43.88 40.35 -5.28
CA ALA D 836 -42.53 40.89 -5.27
C ALA D 836 -42.30 41.79 -4.06
N PHE D 837 -43.36 42.42 -3.56
CA PHE D 837 -43.23 43.23 -2.35
C PHE D 837 -42.76 42.40 -1.17
N ASP D 838 -43.21 41.15 -1.07
CA ASP D 838 -42.87 40.29 0.05
C ASP D 838 -41.69 39.39 -0.21
N ASP D 839 -41.48 38.97 -1.46
CA ASP D 839 -40.47 37.95 -1.77
C ASP D 839 -39.07 38.58 -1.81
N GLN D 840 -38.58 38.90 -0.61
CA GLN D 840 -37.18 39.26 -0.39
C GLN D 840 -36.75 40.44 -1.26
N CYS D 841 -37.39 41.58 -1.02
CA CYS D 841 -36.99 42.83 -1.65
C CYS D 841 -36.76 43.89 -0.60
N THR D 842 -36.53 45.13 -1.03
CA THR D 842 -36.18 46.24 -0.14
C THR D 842 -34.94 45.92 0.69
N GLY D 843 -34.11 45.04 0.15
CA GLY D 843 -32.77 44.83 0.70
C GLY D 843 -31.80 45.63 -0.13
N ALA D 844 -32.33 46.23 -1.19
CA ALA D 844 -31.62 47.13 -2.08
C ALA D 844 -32.62 48.14 -2.61
N ASN D 845 -32.27 48.78 -3.72
CA ASN D 845 -33.20 49.70 -4.39
C ASN D 845 -33.64 50.80 -3.43
N PRO D 846 -32.76 51.77 -3.12
CA PRO D 846 -33.12 52.84 -2.18
C PRO D 846 -34.52 53.42 -2.36
N ARG D 847 -35.06 53.33 -3.56
CA ARG D 847 -36.45 53.70 -3.80
C ARG D 847 -37.38 52.66 -3.18
N TYR D 848 -38.20 53.08 -2.22
CA TYR D 848 -39.19 52.19 -1.63
C TYR D 848 -40.29 51.93 -2.63
N PRO D 849 -40.52 50.68 -3.05
CA PRO D 849 -41.54 50.42 -4.07
C PRO D 849 -42.95 50.30 -3.52
N LEU D 850 -43.90 50.74 -4.33
CA LEU D 850 -45.32 50.62 -4.03
C LEU D 850 -45.96 49.69 -5.05
N ILE D 851 -47.00 48.97 -4.59
CA ILE D 851 -47.68 48.03 -5.47
C ILE D 851 -48.43 48.78 -6.57
N SER D 852 -49.03 49.92 -6.23
CA SER D 852 -49.78 50.70 -7.20
C SER D 852 -48.92 51.20 -8.35
N GLU D 853 -47.61 51.33 -8.14
CA GLU D 853 -46.70 51.77 -9.18
C GLU D 853 -45.78 50.67 -9.70
N LEU D 854 -45.57 49.60 -8.92
CA LEU D 854 -44.83 48.45 -9.45
C LEU D 854 -45.62 47.77 -10.56
N LYS D 855 -46.93 47.98 -10.61
CA LYS D 855 -47.72 47.54 -11.76
C LYS D 855 -47.27 48.22 -13.04
N GLN D 856 -46.92 49.50 -12.97
CA GLN D 856 -46.58 50.26 -14.17
C GLN D 856 -45.35 49.68 -14.85
N ILE D 857 -44.38 49.22 -14.07
CA ILE D 857 -43.18 48.61 -14.65
C ILE D 857 -43.54 47.37 -15.44
N LEU D 858 -44.36 46.48 -14.86
CA LEU D 858 -44.72 45.24 -15.54
C LEU D 858 -45.57 45.51 -16.78
N LEU D 859 -46.53 46.44 -16.70
CA LEU D 859 -47.31 46.75 -17.90
C LEU D 859 -46.54 47.62 -18.89
N ASP D 860 -45.35 48.11 -18.53
CA ASP D 860 -44.54 48.89 -19.43
C ASP D 860 -43.40 48.09 -20.05
N THR D 861 -43.21 46.84 -19.63
CA THR D 861 -42.23 45.96 -20.26
C THR D 861 -42.90 44.93 -21.14
N TYR D 862 -44.20 45.07 -21.37
CA TYR D 862 -44.94 44.16 -22.24
C TYR D 862 -45.29 44.77 -23.58
N TYR D 863 -45.75 46.02 -23.61
CA TYR D 863 -46.05 46.71 -24.85
C TYR D 863 -44.84 47.42 -25.45
N GLY D 864 -43.69 47.36 -24.78
CA GLY D 864 -42.47 47.90 -25.31
C GLY D 864 -42.24 49.37 -25.07
N ARG D 865 -43.18 50.08 -24.45
CA ARG D 865 -43.01 51.50 -24.21
C ARG D 865 -42.01 51.73 -23.08
N ASP D 866 -41.47 52.94 -23.03
CA ASP D 866 -40.49 53.33 -22.04
C ASP D 866 -41.17 54.07 -20.89
N TYR D 867 -40.72 53.80 -19.67
CA TYR D 867 -41.32 54.43 -18.50
C TYR D 867 -40.93 55.90 -18.43
N VAL D 868 -41.93 56.75 -18.15
CA VAL D 868 -41.72 58.19 -18.06
C VAL D 868 -42.85 58.78 -17.23
N GLU D 869 -42.51 59.77 -16.42
CA GLU D 869 -43.50 60.44 -15.58
C GLU D 869 -44.17 61.58 -16.33
#